data_6R5J
# 
_entry.id   6R5J 
# 
_audit_conform.dict_name       mmcif_pdbx.dic 
_audit_conform.dict_version    5.397 
_audit_conform.dict_location   http://mmcif.pdb.org/dictionaries/ascii/mmcif_pdbx.dic 
# 
loop_
_database_2.database_id 
_database_2.database_code 
_database_2.pdbx_database_accession 
_database_2.pdbx_DOI 
PDB   6R5J         pdb_00006r5j 10.2210/pdb6r5j/pdb 
WWPDB D_1292101436 ?            ?                   
# 
loop_
_pdbx_audit_revision_history.ordinal 
_pdbx_audit_revision_history.data_content_type 
_pdbx_audit_revision_history.major_revision 
_pdbx_audit_revision_history.minor_revision 
_pdbx_audit_revision_history.revision_date 
1 'Structure model' 1 0 2020-05-06 
2 'Structure model' 1 1 2024-05-01 
3 'Structure model' 1 2 2024-10-16 
# 
_pdbx_audit_revision_details.ordinal             1 
_pdbx_audit_revision_details.revision_ordinal    1 
_pdbx_audit_revision_details.data_content_type   'Structure model' 
_pdbx_audit_revision_details.provider            repository 
_pdbx_audit_revision_details.type                'Initial release' 
_pdbx_audit_revision_details.description         ? 
_pdbx_audit_revision_details.details             ? 
# 
loop_
_pdbx_audit_revision_group.ordinal 
_pdbx_audit_revision_group.revision_ordinal 
_pdbx_audit_revision_group.data_content_type 
_pdbx_audit_revision_group.group 
1 2 'Structure model' 'Data collection'        
2 2 'Structure model' 'Database references'    
3 2 'Structure model' 'Refinement description' 
4 3 'Structure model' 'Structure summary'      
# 
loop_
_pdbx_audit_revision_category.ordinal 
_pdbx_audit_revision_category.revision_ordinal 
_pdbx_audit_revision_category.data_content_type 
_pdbx_audit_revision_category.category 
1 2 'Structure model' chem_comp_atom                
2 2 'Structure model' chem_comp_bond                
3 2 'Structure model' database_2                    
4 2 'Structure model' pdbx_initial_refinement_model 
5 3 'Structure model' pdbx_entry_details            
6 3 'Structure model' pdbx_modification_feature     
# 
loop_
_pdbx_audit_revision_item.ordinal 
_pdbx_audit_revision_item.revision_ordinal 
_pdbx_audit_revision_item.data_content_type 
_pdbx_audit_revision_item.item 
1 2 'Structure model' '_database_2.pdbx_DOI'                
2 2 'Structure model' '_database_2.pdbx_database_accession' 
# 
_pdbx_database_status.status_code                     REL 
_pdbx_database_status.status_code_sf                  REL 
_pdbx_database_status.status_code_mr                  ? 
_pdbx_database_status.entry_id                        6R5J 
_pdbx_database_status.recvd_initial_deposition_date   2019-03-25 
_pdbx_database_status.SG_entry                        N 
_pdbx_database_status.deposit_site                    PDBE 
_pdbx_database_status.process_site                    PDBE 
_pdbx_database_status.status_code_cs                  ? 
_pdbx_database_status.methods_development_category    ? 
_pdbx_database_status.pdb_format_compatible           Y 
_pdbx_database_status.status_code_nmr_data            ? 
# 
loop_
_audit_author.name 
_audit_author.pdbx_ordinal 
_audit_author.identifier_ORCID 
'Hoh, F.'        1 0000-0002-2905-7081 
'Padilla, A.'    2 0000-0001-9702-4612 
'De Guillen, K.' 3 0000-0002-5037-2115 
# 
_citation.abstract                  ? 
_citation.abstract_id_CAS           ? 
_citation.book_id_ISBN              ? 
_citation.book_publisher            ? 
_citation.book_publisher_city       ? 
_citation.book_title                ? 
_citation.coordinate_linkage        ? 
_citation.country                   ? 
_citation.database_id_Medline       ? 
_citation.details                   ? 
_citation.id                        primary 
_citation.journal_abbrev            'To Be Published' 
_citation.journal_id_ASTM           ? 
_citation.journal_id_CSD            0353 
_citation.journal_id_ISSN           ? 
_citation.journal_full              ? 
_citation.journal_issue             ? 
_citation.journal_volume            ? 
_citation.language                  ? 
_citation.page_first                ? 
_citation.page_last                 ? 
_citation.title                     'New MAX Effector from Magnaporthe oryzae' 
_citation.year                      ? 
_citation.database_id_CSD           ? 
_citation.pdbx_database_id_DOI      ? 
_citation.pdbx_database_id_PubMed   ? 
_citation.unpublished_flag          ? 
# 
loop_
_citation_author.citation_id 
_citation_author.name 
_citation_author.ordinal 
_citation_author.identifier_ORCID 
primary 'Hoh, F.'        1 0000-0002-2905-7081 
primary 'Padilla, A.'    2 0000-0001-9702-4612 
primary 'De Guillen, K.' 3 0000-0002-5037-2115 
# 
loop_
_entity.id 
_entity.type 
_entity.src_method 
_entity.pdbx_description 
_entity.formula_weight 
_entity.pdbx_number_of_molecules 
_entity.pdbx_ec 
_entity.pdbx_mutation 
_entity.pdbx_fragment 
_entity.details 
1 polymer     man 'Uncharacterized protein' 7034.701 2   ? ? ? ? 
2 non-polymer syn 'HEXAETHYLENE GLYCOL'     282.331  1   ? ? ? ? 
3 water       nat water                     18.015   120 ? ? ? ? 
# 
_entity_poly.entity_id                      1 
_entity_poly.type                           'polypeptide(L)' 
_entity_poly.nstd_linkage                   no 
_entity_poly.nstd_monomer                   no 
_entity_poly.pdbx_seq_one_letter_code       QGTGCSVEIINSNQVSVGSGCARINSVTNIGDNQGRRWGVLANSSCGLSTTQNLPSGWSLRQTGFCNA 
_entity_poly.pdbx_seq_one_letter_code_can   QGTGCSVEIINSNQVSVGSGCARINSVTNIGDNQGRRWGVLANSSCGLSTTQNLPSGWSLRQTGFCNA 
_entity_poly.pdbx_strand_id                 A,C 
_entity_poly.pdbx_target_identifier         ? 
# 
loop_
_pdbx_entity_nonpoly.entity_id 
_pdbx_entity_nonpoly.name 
_pdbx_entity_nonpoly.comp_id 
2 'HEXAETHYLENE GLYCOL' P6G 
3 water                 HOH 
# 
loop_
_entity_poly_seq.entity_id 
_entity_poly_seq.num 
_entity_poly_seq.mon_id 
_entity_poly_seq.hetero 
1 1  GLN n 
1 2  GLY n 
1 3  THR n 
1 4  GLY n 
1 5  CYS n 
1 6  SER n 
1 7  VAL n 
1 8  GLU n 
1 9  ILE n 
1 10 ILE n 
1 11 ASN n 
1 12 SER n 
1 13 ASN n 
1 14 GLN n 
1 15 VAL n 
1 16 SER n 
1 17 VAL n 
1 18 GLY n 
1 19 SER n 
1 20 GLY n 
1 21 CYS n 
1 22 ALA n 
1 23 ARG n 
1 24 ILE n 
1 25 ASN n 
1 26 SER n 
1 27 VAL n 
1 28 THR n 
1 29 ASN n 
1 30 ILE n 
1 31 GLY n 
1 32 ASP n 
1 33 ASN n 
1 34 GLN n 
1 35 GLY n 
1 36 ARG n 
1 37 ARG n 
1 38 TRP n 
1 39 GLY n 
1 40 VAL n 
1 41 LEU n 
1 42 ALA n 
1 43 ASN n 
1 44 SER n 
1 45 SER n 
1 46 CYS n 
1 47 GLY n 
1 48 LEU n 
1 49 SER n 
1 50 THR n 
1 51 THR n 
1 52 GLN n 
1 53 ASN n 
1 54 LEU n 
1 55 PRO n 
1 56 SER n 
1 57 GLY n 
1 58 TRP n 
1 59 SER n 
1 60 LEU n 
1 61 ARG n 
1 62 GLN n 
1 63 THR n 
1 64 GLY n 
1 65 PHE n 
1 66 CYS n 
1 67 ASN n 
1 68 ALA n 
# 
_entity_src_gen.entity_id                          1 
_entity_src_gen.pdbx_src_id                        1 
_entity_src_gen.pdbx_alt_source_flag               sample 
_entity_src_gen.pdbx_seq_type                      'Biological sequence' 
_entity_src_gen.pdbx_beg_seq_num                   1 
_entity_src_gen.pdbx_end_seq_num                   68 
_entity_src_gen.gene_src_common_name               'Rice blast fungus' 
_entity_src_gen.gene_src_genus                     ? 
_entity_src_gen.pdbx_gene_src_gene                 OOW_P131scaffold00585g1 
_entity_src_gen.gene_src_species                   ? 
_entity_src_gen.gene_src_strain                    P131 
_entity_src_gen.gene_src_tissue                    ? 
_entity_src_gen.gene_src_tissue_fraction           ? 
_entity_src_gen.gene_src_details                   ? 
_entity_src_gen.pdbx_gene_src_fragment             ? 
_entity_src_gen.pdbx_gene_src_scientific_name      'Magnaporthe oryzae (strain P131)' 
_entity_src_gen.pdbx_gene_src_ncbi_taxonomy_id     1143193 
_entity_src_gen.pdbx_gene_src_variant              ? 
_entity_src_gen.pdbx_gene_src_cell_line            ? 
_entity_src_gen.pdbx_gene_src_atcc                 ? 
_entity_src_gen.pdbx_gene_src_organ                ? 
_entity_src_gen.pdbx_gene_src_organelle            ? 
_entity_src_gen.pdbx_gene_src_cell                 ? 
_entity_src_gen.pdbx_gene_src_cellular_location    ? 
_entity_src_gen.host_org_common_name               ? 
_entity_src_gen.pdbx_host_org_scientific_name      'Escherichia coli' 
_entity_src_gen.pdbx_host_org_ncbi_taxonomy_id     562 
_entity_src_gen.host_org_genus                     ? 
_entity_src_gen.pdbx_host_org_gene                 ? 
_entity_src_gen.pdbx_host_org_organ                ? 
_entity_src_gen.host_org_species                   ? 
_entity_src_gen.pdbx_host_org_tissue               ? 
_entity_src_gen.pdbx_host_org_tissue_fraction      ? 
_entity_src_gen.pdbx_host_org_strain               ? 
_entity_src_gen.pdbx_host_org_variant              ? 
_entity_src_gen.pdbx_host_org_cell_line            ? 
_entity_src_gen.pdbx_host_org_atcc                 ? 
_entity_src_gen.pdbx_host_org_culture_collection   ? 
_entity_src_gen.pdbx_host_org_cell                 ? 
_entity_src_gen.pdbx_host_org_organelle            ? 
_entity_src_gen.pdbx_host_org_cellular_location    ? 
_entity_src_gen.pdbx_host_org_vector_type          ? 
_entity_src_gen.pdbx_host_org_vector               ? 
_entity_src_gen.host_org_details                   ? 
_entity_src_gen.expression_system_id               ? 
_entity_src_gen.plasmid_name                       ? 
_entity_src_gen.plasmid_details                    ? 
_entity_src_gen.pdbx_description                   ? 
# 
loop_
_chem_comp.id 
_chem_comp.type 
_chem_comp.mon_nstd_flag 
_chem_comp.name 
_chem_comp.pdbx_synonyms 
_chem_comp.formula 
_chem_comp.formula_weight 
ALA 'L-peptide linking' y ALANINE               ?                            'C3 H7 N O2'     89.093  
ARG 'L-peptide linking' y ARGININE              ?                            'C6 H15 N4 O2 1' 175.209 
ASN 'L-peptide linking' y ASPARAGINE            ?                            'C4 H8 N2 O3'    132.118 
ASP 'L-peptide linking' y 'ASPARTIC ACID'       ?                            'C4 H7 N O4'     133.103 
CYS 'L-peptide linking' y CYSTEINE              ?                            'C3 H7 N O2 S'   121.158 
GLN 'L-peptide linking' y GLUTAMINE             ?                            'C5 H10 N2 O3'   146.144 
GLU 'L-peptide linking' y 'GLUTAMIC ACID'       ?                            'C5 H9 N O4'     147.129 
GLY 'peptide linking'   y GLYCINE               ?                            'C2 H5 N O2'     75.067  
HOH non-polymer         . WATER                 ?                            'H2 O'           18.015  
ILE 'L-peptide linking' y ISOLEUCINE            ?                            'C6 H13 N O2'    131.173 
LEU 'L-peptide linking' y LEUCINE               ?                            'C6 H13 N O2'    131.173 
P6G non-polymer         . 'HEXAETHYLENE GLYCOL' 'POLYETHYLENE GLYCOL PEG400' 'C12 H26 O7'     282.331 
PHE 'L-peptide linking' y PHENYLALANINE         ?                            'C9 H11 N O2'    165.189 
PRO 'L-peptide linking' y PROLINE               ?                            'C5 H9 N O2'     115.130 
SER 'L-peptide linking' y SERINE                ?                            'C3 H7 N O3'     105.093 
THR 'L-peptide linking' y THREONINE             ?                            'C4 H9 N O3'     119.119 
TRP 'L-peptide linking' y TRYPTOPHAN            ?                            'C11 H12 N2 O2'  204.225 
VAL 'L-peptide linking' y VALINE                ?                            'C5 H11 N O2'    117.146 
# 
loop_
_pdbx_poly_seq_scheme.asym_id 
_pdbx_poly_seq_scheme.entity_id 
_pdbx_poly_seq_scheme.seq_id 
_pdbx_poly_seq_scheme.mon_id 
_pdbx_poly_seq_scheme.ndb_seq_num 
_pdbx_poly_seq_scheme.pdb_seq_num 
_pdbx_poly_seq_scheme.auth_seq_num 
_pdbx_poly_seq_scheme.pdb_mon_id 
_pdbx_poly_seq_scheme.auth_mon_id 
_pdbx_poly_seq_scheme.pdb_strand_id 
_pdbx_poly_seq_scheme.pdb_ins_code 
_pdbx_poly_seq_scheme.hetero 
A 1 1  GLN 1  5  ?  ?   ?   A . n 
A 1 2  GLY 2  6  6  GLY ALA A . n 
A 1 3  THR 3  7  7  THR THR A . n 
A 1 4  GLY 4  8  8  GLY GLY A . n 
A 1 5  CYS 5  9  9  CYS CYS A . n 
A 1 6  SER 6  10 10 SER SER A . n 
A 1 7  VAL 7  11 11 VAL VAL A . n 
A 1 8  GLU 8  12 12 GLU GLU A . n 
A 1 9  ILE 9  13 13 ILE ILE A . n 
A 1 10 ILE 10 14 14 ILE ILE A . n 
A 1 11 ASN 11 15 15 ASN ASN A . n 
A 1 12 SER 12 16 16 SER SER A . n 
A 1 13 ASN 13 17 17 ASN ASN A . n 
A 1 14 GLN 14 18 18 GLN GLN A . n 
A 1 15 VAL 15 19 19 VAL VAL A . n 
A 1 16 SER 16 20 20 SER SER A . n 
A 1 17 VAL 17 21 21 VAL VAL A . n 
A 1 18 GLY 18 22 22 GLY GLY A . n 
A 1 19 SER 19 23 23 SER SER A . n 
A 1 20 GLY 20 24 24 GLY GLY A . n 
A 1 21 CYS 21 25 25 CYS CYS A . n 
A 1 22 ALA 22 26 26 ALA ALA A . n 
A 1 23 ARG 23 27 27 ARG ARG A . n 
A 1 24 ILE 24 28 28 ILE ILE A . n 
A 1 25 ASN 25 29 29 ASN ASN A . n 
A 1 26 SER 26 30 30 SER SER A . n 
A 1 27 VAL 27 31 31 VAL VAL A . n 
A 1 28 THR 28 32 32 THR THR A . n 
A 1 29 ASN 29 33 33 ASN ASN A . n 
A 1 30 ILE 30 34 34 ILE ILE A . n 
A 1 31 GLY 31 35 35 GLY GLY A . n 
A 1 32 ASP 32 36 36 ASP ASP A . n 
A 1 33 ASN 33 37 37 ASN ASN A . n 
A 1 34 GLN 34 38 38 GLN GLN A . n 
A 1 35 GLY 35 39 39 GLY GLY A . n 
A 1 36 ARG 36 40 40 ARG ARG A . n 
A 1 37 ARG 37 41 41 ARG ARG A . n 
A 1 38 TRP 38 42 42 TRP TRP A . n 
A 1 39 GLY 39 43 43 GLY GLY A . n 
A 1 40 VAL 40 44 44 VAL VAL A . n 
A 1 41 LEU 41 45 45 LEU LEU A . n 
A 1 42 ALA 42 46 46 ALA ALA A . n 
A 1 43 ASN 43 47 47 ASN ASN A . n 
A 1 44 SER 44 48 48 SER SER A . n 
A 1 45 SER 45 49 49 SER SER A . n 
A 1 46 CYS 46 50 50 CYS CYS A . n 
A 1 47 GLY 47 51 51 GLY GLY A . n 
A 1 48 LEU 48 52 52 LEU LEU A . n 
A 1 49 SER 49 53 53 SER SER A . n 
A 1 50 THR 50 54 54 THR THR A . n 
A 1 51 THR 51 55 55 THR THR A . n 
A 1 52 GLN 52 56 56 GLN GLN A . n 
A 1 53 ASN 53 57 57 ASN ASN A . n 
A 1 54 LEU 54 58 58 LEU LEU A . n 
A 1 55 PRO 55 59 59 PRO PRO A . n 
A 1 56 SER 56 60 60 SER SER A . n 
A 1 57 GLY 57 61 61 GLY GLY A . n 
A 1 58 TRP 58 62 62 TRP TRP A . n 
A 1 59 SER 59 63 63 SER SER A . n 
A 1 60 LEU 60 64 64 LEU LEU A . n 
A 1 61 ARG 61 65 65 ARG ARG A . n 
A 1 62 GLN 62 66 66 GLN GLN A . n 
A 1 63 THR 63 67 67 THR THR A . n 
A 1 64 GLY 64 68 68 GLY GLY A . n 
A 1 65 PHE 65 69 69 PHE PHE A . n 
A 1 66 CYS 66 70 70 CYS CYS A . n 
A 1 67 ASN 67 71 71 ASN ASN A . n 
A 1 68 ALA 68 72 72 ALA ALA A . n 
B 1 1  GLN 1  9  9  GLN GLN C . n 
B 1 2  GLY 2  10 10 GLY GLY C . n 
B 1 3  THR 3  11 11 THR THR C . n 
B 1 4  GLY 4  12 12 GLY GLY C . n 
B 1 5  CYS 5  13 13 CYS CYS C . n 
B 1 6  SER 6  14 14 SER SER C . n 
B 1 7  VAL 7  15 15 VAL VAL C . n 
B 1 8  GLU 8  16 16 GLU GLU C . n 
B 1 9  ILE 9  17 17 ILE ILE C . n 
B 1 10 ILE 10 18 18 ILE ILE C . n 
B 1 11 ASN 11 19 19 ASN ASN C . n 
B 1 12 SER 12 20 20 SER SER C . n 
B 1 13 ASN 13 21 21 ASN ASN C . n 
B 1 14 GLN 14 22 22 GLN GLN C . n 
B 1 15 VAL 15 23 23 VAL VAL C . n 
B 1 16 SER 16 24 24 SER SER C . n 
B 1 17 VAL 17 25 25 VAL VAL C . n 
B 1 18 GLY 18 26 26 GLY GLY C . n 
B 1 19 SER 19 27 27 SER SER C . n 
B 1 20 GLY 20 28 28 GLY GLY C . n 
B 1 21 CYS 21 29 29 CYS CYS C . n 
B 1 22 ALA 22 30 30 ALA ALA C . n 
B 1 23 ARG 23 31 31 ARG ARG C . n 
B 1 24 ILE 24 32 32 ILE ILE C . n 
B 1 25 ASN 25 33 33 ASN ASN C . n 
B 1 26 SER 26 34 34 SER SER C . n 
B 1 27 VAL 27 35 35 VAL VAL C . n 
B 1 28 THR 28 36 36 THR THR C . n 
B 1 29 ASN 29 37 37 ASN ASN C . n 
B 1 30 ILE 30 38 38 ILE ILE C . n 
B 1 31 GLY 31 39 39 GLY GLY C . n 
B 1 32 ASP 32 40 40 ASP ASP C . n 
B 1 33 ASN 33 41 41 ASN ASN C . n 
B 1 34 GLN 34 42 42 GLN GLN C . n 
B 1 35 GLY 35 43 43 GLY GLY C . n 
B 1 36 ARG 36 44 44 ARG ARG C . n 
B 1 37 ARG 37 45 45 ARG ARG C . n 
B 1 38 TRP 38 46 46 TRP TRP C . n 
B 1 39 GLY 39 47 47 GLY GLY C . n 
B 1 40 VAL 40 48 48 VAL VAL C . n 
B 1 41 LEU 41 49 49 LEU LEU C . n 
B 1 42 ALA 42 50 50 ALA ALA C . n 
B 1 43 ASN 43 51 51 ASN ASN C . n 
B 1 44 SER 44 52 52 SER SER C . n 
B 1 45 SER 45 53 53 SER SER C . n 
B 1 46 CYS 46 54 54 CYS CYS C . n 
B 1 47 GLY 47 55 55 GLY GLY C . n 
B 1 48 LEU 48 56 56 LEU LEU C . n 
B 1 49 SER 49 57 57 SER SER C . n 
B 1 50 THR 50 58 58 THR THR C . n 
B 1 51 THR 51 59 59 THR THR C . n 
B 1 52 GLN 52 60 60 GLN GLN C . n 
B 1 53 ASN 53 61 61 ASN ASN C . n 
B 1 54 LEU 54 62 62 LEU LEU C . n 
B 1 55 PRO 55 63 63 PRO PRO C . n 
B 1 56 SER 56 64 64 SER SER C . n 
B 1 57 GLY 57 65 65 GLY GLY C . n 
B 1 58 TRP 58 66 66 TRP TRP C . n 
B 1 59 SER 59 67 67 SER SER C . n 
B 1 60 LEU 60 68 68 LEU LEU C . n 
B 1 61 ARG 61 69 69 ARG ARG C . n 
B 1 62 GLN 62 70 70 GLN GLN C . n 
B 1 63 THR 63 71 71 THR THR C . n 
B 1 64 GLY 64 72 72 GLY GLY C . n 
B 1 65 PHE 65 73 73 PHE PHE C . n 
B 1 66 CYS 66 74 74 CYS CYS C . n 
B 1 67 ASN 67 75 75 ASN ASN C . n 
B 1 68 ALA 68 76 76 ALA ALA C . n 
# 
loop_
_pdbx_nonpoly_scheme.asym_id 
_pdbx_nonpoly_scheme.entity_id 
_pdbx_nonpoly_scheme.mon_id 
_pdbx_nonpoly_scheme.ndb_seq_num 
_pdbx_nonpoly_scheme.pdb_seq_num 
_pdbx_nonpoly_scheme.auth_seq_num 
_pdbx_nonpoly_scheme.pdb_mon_id 
_pdbx_nonpoly_scheme.auth_mon_id 
_pdbx_nonpoly_scheme.pdb_strand_id 
_pdbx_nonpoly_scheme.pdb_ins_code 
C 2 P6G 1  101 101 P6G P6G C . 
D 3 HOH 1  101 9   HOH HOH A . 
D 3 HOH 2  102 121 HOH HOH A . 
D 3 HOH 3  103 12  HOH HOH A . 
D 3 HOH 4  104 10  HOH HOH A . 
D 3 HOH 5  105 25  HOH HOH A . 
D 3 HOH 6  106 99  HOH HOH A . 
D 3 HOH 7  107 6   HOH HOH A . 
D 3 HOH 8  108 35  HOH HOH A . 
D 3 HOH 9  109 71  HOH HOH A . 
D 3 HOH 10 110 27  HOH HOH A . 
D 3 HOH 11 111 37  HOH HOH A . 
D 3 HOH 12 112 26  HOH HOH A . 
D 3 HOH 13 113 49  HOH HOH A . 
D 3 HOH 14 114 34  HOH HOH A . 
D 3 HOH 15 115 77  HOH HOH A . 
D 3 HOH 16 116 15  HOH HOH A . 
D 3 HOH 17 117 24  HOH HOH A . 
D 3 HOH 18 118 78  HOH HOH A . 
D 3 HOH 19 119 18  HOH HOH A . 
D 3 HOH 20 120 29  HOH HOH A . 
D 3 HOH 21 121 31  HOH HOH A . 
D 3 HOH 22 122 14  HOH HOH A . 
D 3 HOH 23 123 55  HOH HOH A . 
D 3 HOH 24 124 76  HOH HOH A . 
D 3 HOH 25 125 53  HOH HOH A . 
D 3 HOH 26 126 92  HOH HOH A . 
D 3 HOH 27 127 79  HOH HOH A . 
D 3 HOH 28 128 16  HOH HOH A . 
D 3 HOH 29 129 20  HOH HOH A . 
D 3 HOH 30 130 105 HOH HOH A . 
D 3 HOH 31 131 23  HOH HOH A . 
D 3 HOH 32 132 89  HOH HOH A . 
D 3 HOH 33 133 40  HOH HOH A . 
D 3 HOH 34 134 32  HOH HOH A . 
D 3 HOH 35 135 21  HOH HOH A . 
D 3 HOH 36 136 17  HOH HOH A . 
D 3 HOH 37 137 30  HOH HOH A . 
D 3 HOH 38 138 128 HOH HOH A . 
D 3 HOH 39 139 11  HOH HOH A . 
D 3 HOH 40 140 33  HOH HOH A . 
D 3 HOH 41 141 116 HOH HOH A . 
D 3 HOH 42 142 98  HOH HOH A . 
D 3 HOH 43 143 94  HOH HOH A . 
D 3 HOH 44 144 82  HOH HOH A . 
D 3 HOH 45 145 13  HOH HOH A . 
D 3 HOH 46 146 123 HOH HOH A . 
D 3 HOH 47 147 41  HOH HOH A . 
D 3 HOH 48 148 100 HOH HOH A . 
D 3 HOH 49 149 72  HOH HOH A . 
D 3 HOH 50 150 36  HOH HOH A . 
D 3 HOH 51 151 88  HOH HOH A . 
D 3 HOH 52 152 7   HOH HOH A . 
D 3 HOH 53 153 120 HOH HOH A . 
D 3 HOH 54 154 115 HOH HOH A . 
E 3 HOH 1  201 81  HOH HOH C . 
E 3 HOH 2  202 106 HOH HOH C . 
E 3 HOH 3  203 68  HOH HOH C . 
E 3 HOH 4  204 122 HOH HOH C . 
E 3 HOH 5  205 85  HOH HOH C . 
E 3 HOH 6  206 38  HOH HOH C . 
E 3 HOH 7  207 91  HOH HOH C . 
E 3 HOH 8  208 70  HOH HOH C . 
E 3 HOH 9  209 86  HOH HOH C . 
E 3 HOH 10 210 113 HOH HOH C . 
E 3 HOH 11 211 103 HOH HOH C . 
E 3 HOH 12 212 64  HOH HOH C . 
E 3 HOH 13 213 84  HOH HOH C . 
E 3 HOH 14 214 44  HOH HOH C . 
E 3 HOH 15 215 90  HOH HOH C . 
E 3 HOH 16 216 93  HOH HOH C . 
E 3 HOH 17 217 109 HOH HOH C . 
E 3 HOH 18 218 61  HOH HOH C . 
E 3 HOH 19 219 63  HOH HOH C . 
E 3 HOH 20 220 110 HOH HOH C . 
E 3 HOH 21 221 126 HOH HOH C . 
E 3 HOH 22 222 66  HOH HOH C . 
E 3 HOH 23 223 80  HOH HOH C . 
E 3 HOH 24 224 59  HOH HOH C . 
E 3 HOH 25 225 4   HOH HOH C . 
E 3 HOH 26 226 43  HOH HOH C . 
E 3 HOH 27 227 87  HOH HOH C . 
E 3 HOH 28 228 95  HOH HOH C . 
E 3 HOH 29 229 75  HOH HOH C . 
E 3 HOH 30 230 1   HOH HOH C . 
E 3 HOH 31 231 42  HOH HOH C . 
E 3 HOH 32 232 58  HOH HOH C . 
E 3 HOH 33 233 124 HOH HOH C . 
E 3 HOH 34 234 97  HOH HOH C . 
E 3 HOH 35 235 54  HOH HOH C . 
E 3 HOH 36 236 108 HOH HOH C . 
E 3 HOH 37 237 74  HOH HOH C . 
E 3 HOH 38 238 102 HOH HOH C . 
E 3 HOH 39 239 50  HOH HOH C . 
E 3 HOH 40 240 65  HOH HOH C . 
E 3 HOH 41 241 111 HOH HOH C . 
E 3 HOH 42 242 8   HOH HOH C . 
E 3 HOH 43 243 62  HOH HOH C . 
E 3 HOH 44 244 125 HOH HOH C . 
E 3 HOH 45 245 39  HOH HOH C . 
E 3 HOH 46 246 67  HOH HOH C . 
E 3 HOH 47 247 56  HOH HOH C . 
E 3 HOH 48 248 60  HOH HOH C . 
E 3 HOH 49 249 5   HOH HOH C . 
E 3 HOH 50 250 119 HOH HOH C . 
E 3 HOH 51 251 2   HOH HOH C . 
E 3 HOH 52 252 96  HOH HOH C . 
E 3 HOH 53 253 69  HOH HOH C . 
E 3 HOH 54 254 28  HOH HOH C . 
E 3 HOH 55 255 83  HOH HOH C . 
E 3 HOH 56 256 104 HOH HOH C . 
E 3 HOH 57 257 46  HOH HOH C . 
E 3 HOH 58 258 19  HOH HOH C . 
E 3 HOH 59 259 112 HOH HOH C . 
E 3 HOH 60 260 57  HOH HOH C . 
E 3 HOH 61 261 114 HOH HOH C . 
E 3 HOH 62 262 117 HOH HOH C . 
E 3 HOH 63 263 107 HOH HOH C . 
E 3 HOH 64 264 45  HOH HOH C . 
E 3 HOH 65 265 3   HOH HOH C . 
E 3 HOH 66 266 118 HOH HOH C . 
# 
loop_
_software.citation_id 
_software.classification 
_software.compiler_name 
_software.compiler_version 
_software.contact_author 
_software.contact_author_email 
_software.date 
_software.description 
_software.dependencies 
_software.hardware 
_software.language 
_software.location 
_software.mods 
_software.name 
_software.os 
_software.os_version 
_software.type 
_software.version 
_software.pdbx_ordinal 
? refinement        ? ? ? ? ? ? ? ? ? ? ? PHENIX      ? ? ? 1.15_3448 1 
? 'data extraction' ? ? ? ? ? ? ? ? ? ? ? PDB_EXTRACT ? ? ? 3.24      2 
? 'data reduction'  ? ? ? ? ? ? ? ? ? ? ? XDS         ? ? ? .         3 
? 'data scaling'    ? ? ? ? ? ? ? ? ? ? ? Aimless     ? ? ? .         4 
? phasing           ? ? ? ? ? ? ? ? ? ? ? PHASER      ? ? ? .         5 
# 
_cell.angle_alpha                  90.000 
_cell.angle_alpha_esd              ? 
_cell.angle_beta                   100.880 
_cell.angle_beta_esd               ? 
_cell.angle_gamma                  90.000 
_cell.angle_gamma_esd              ? 
_cell.entry_id                     6R5J 
_cell.details                      ? 
_cell.formula_units_Z              ? 
_cell.length_a                     73.341 
_cell.length_a_esd                 ? 
_cell.length_b                     24.760 
_cell.length_b_esd                 ? 
_cell.length_c                     68.613 
_cell.length_c_esd                 ? 
_cell.volume                       ? 
_cell.volume_esd                   ? 
_cell.Z_PDB                        8 
_cell.reciprocal_angle_alpha       ? 
_cell.reciprocal_angle_beta        ? 
_cell.reciprocal_angle_gamma       ? 
_cell.reciprocal_angle_alpha_esd   ? 
_cell.reciprocal_angle_beta_esd    ? 
_cell.reciprocal_angle_gamma_esd   ? 
_cell.reciprocal_length_a          ? 
_cell.reciprocal_length_b          ? 
_cell.reciprocal_length_c          ? 
_cell.reciprocal_length_a_esd      ? 
_cell.reciprocal_length_b_esd      ? 
_cell.reciprocal_length_c_esd      ? 
_cell.pdbx_unique_axis             ? 
# 
_symmetry.entry_id                         6R5J 
_symmetry.cell_setting                     ? 
_symmetry.Int_Tables_number                5 
_symmetry.space_group_name_Hall            ? 
_symmetry.space_group_name_H-M             'C 1 2 1' 
_symmetry.pdbx_full_space_group_name_H-M   ? 
# 
_exptl.absorpt_coefficient_mu     ? 
_exptl.absorpt_correction_T_max   ? 
_exptl.absorpt_correction_T_min   ? 
_exptl.absorpt_correction_type    ? 
_exptl.absorpt_process_details    ? 
_exptl.entry_id                   6R5J 
_exptl.crystals_number            1 
_exptl.details                    ? 
_exptl.method                     'X-RAY DIFFRACTION' 
_exptl.method_details             ? 
# 
_exptl_crystal.colour                      ? 
_exptl_crystal.density_diffrn              ? 
_exptl_crystal.density_Matthews            2.17 
_exptl_crystal.density_method              ? 
_exptl_crystal.density_percent_sol         43.43 
_exptl_crystal.description                 ? 
_exptl_crystal.F_000                       ? 
_exptl_crystal.id                          1 
_exptl_crystal.preparation                 ? 
_exptl_crystal.size_max                    ? 
_exptl_crystal.size_mid                    ? 
_exptl_crystal.size_min                    ? 
_exptl_crystal.size_rad                    ? 
_exptl_crystal.colour_lustre               ? 
_exptl_crystal.colour_modifier             ? 
_exptl_crystal.colour_primary              ? 
_exptl_crystal.density_meas                ? 
_exptl_crystal.density_meas_esd            ? 
_exptl_crystal.density_meas_gt             ? 
_exptl_crystal.density_meas_lt             ? 
_exptl_crystal.density_meas_temp           ? 
_exptl_crystal.density_meas_temp_esd       ? 
_exptl_crystal.density_meas_temp_gt        ? 
_exptl_crystal.density_meas_temp_lt        ? 
_exptl_crystal.pdbx_crystal_image_url      ? 
_exptl_crystal.pdbx_crystal_image_format   ? 
_exptl_crystal.pdbx_mosaicity              ? 
_exptl_crystal.pdbx_mosaicity_esd          ? 
# 
_exptl_crystal_grow.apparatus       ? 
_exptl_crystal_grow.atmosphere      ? 
_exptl_crystal_grow.crystal_id      1 
_exptl_crystal_grow.details         ? 
_exptl_crystal_grow.method          'VAPOR DIFFUSION, SITTING DROP' 
_exptl_crystal_grow.method_ref      ? 
_exptl_crystal_grow.pH              ? 
_exptl_crystal_grow.pressure        ? 
_exptl_crystal_grow.pressure_esd    ? 
_exptl_crystal_grow.seeding         ? 
_exptl_crystal_grow.seeding_ref     ? 
_exptl_crystal_grow.temp            298 
_exptl_crystal_grow.temp_details    ? 
_exptl_crystal_grow.temp_esd        ? 
_exptl_crystal_grow.time            ? 
_exptl_crystal_grow.pdbx_details    
;0,1M Hepes pH 7.5
1.6M Ammonium Sulfate
1,6M PEG 1000
;
_exptl_crystal_grow.pdbx_pH_range   ? 
# 
_diffrn.ambient_environment              ? 
_diffrn.ambient_temp                     100 
_diffrn.ambient_temp_details             ? 
_diffrn.ambient_temp_esd                 ? 
_diffrn.crystal_id                       1 
_diffrn.crystal_support                  ? 
_diffrn.crystal_treatment                ? 
_diffrn.details                          ? 
_diffrn.id                               1 
_diffrn.ambient_pressure                 ? 
_diffrn.ambient_pressure_esd             ? 
_diffrn.ambient_pressure_gt              ? 
_diffrn.ambient_pressure_lt              ? 
_diffrn.ambient_temp_gt                  ? 
_diffrn.ambient_temp_lt                  ? 
_diffrn.pdbx_serial_crystal_experiment   N 
# 
_diffrn_detector.details                      ? 
_diffrn_detector.detector                     PIXEL 
_diffrn_detector.diffrn_id                    1 
_diffrn_detector.type                         'DECTRIS PILATUS3 2M' 
_diffrn_detector.area_resol_mean              ? 
_diffrn_detector.dtime                        ? 
_diffrn_detector.pdbx_frames_total            ? 
_diffrn_detector.pdbx_collection_time_total   ? 
_diffrn_detector.pdbx_collection_date         2018-04-18 
_diffrn_detector.pdbx_frequency               ? 
# 
_diffrn_radiation.collimation                      ? 
_diffrn_radiation.diffrn_id                        1 
_diffrn_radiation.filter_edge                      ? 
_diffrn_radiation.inhomogeneity                    ? 
_diffrn_radiation.monochromator                    ? 
_diffrn_radiation.polarisn_norm                    ? 
_diffrn_radiation.polarisn_ratio                   ? 
_diffrn_radiation.probe                            ? 
_diffrn_radiation.type                             ? 
_diffrn_radiation.xray_symbol                      ? 
_diffrn_radiation.wavelength_id                    1 
_diffrn_radiation.pdbx_monochromatic_or_laue_m_l   M 
_diffrn_radiation.pdbx_wavelength_list             ? 
_diffrn_radiation.pdbx_wavelength                  ? 
_diffrn_radiation.pdbx_diffrn_protocol             'SINGLE WAVELENGTH' 
_diffrn_radiation.pdbx_analyzer                    ? 
_diffrn_radiation.pdbx_scattering_type             x-ray 
# 
_diffrn_radiation_wavelength.id           1 
_diffrn_radiation_wavelength.wavelength   1 
_diffrn_radiation_wavelength.wt           1.0 
# 
_diffrn_source.current                     ? 
_diffrn_source.details                     ? 
_diffrn_source.diffrn_id                   1 
_diffrn_source.power                       ? 
_diffrn_source.size                        ? 
_diffrn_source.source                      SYNCHROTRON 
_diffrn_source.target                      ? 
_diffrn_source.type                        'ESRF BEAMLINE MASSIF-1' 
_diffrn_source.voltage                     ? 
_diffrn_source.take-off_angle              ? 
_diffrn_source.pdbx_wavelength_list        1 
_diffrn_source.pdbx_wavelength             ? 
_diffrn_source.pdbx_synchrotron_beamline   MASSIF-1 
_diffrn_source.pdbx_synchrotron_site       ESRF 
# 
_reflns.B_iso_Wilson_estimate            ? 
_reflns.entry_id                         6R5J 
_reflns.data_reduction_details           ? 
_reflns.data_reduction_method            ? 
_reflns.d_resolution_high                1.38 
_reflns.d_resolution_low                 34.59 
_reflns.details                          ? 
_reflns.limit_h_max                      ? 
_reflns.limit_h_min                      ? 
_reflns.limit_k_max                      ? 
_reflns.limit_k_min                      ? 
_reflns.limit_l_max                      ? 
_reflns.limit_l_min                      ? 
_reflns.number_all                       ? 
_reflns.number_obs                       59102 
_reflns.observed_criterion               ? 
_reflns.observed_criterion_F_max         ? 
_reflns.observed_criterion_F_min         ? 
_reflns.observed_criterion_I_max         ? 
_reflns.observed_criterion_I_min         ? 
_reflns.observed_criterion_sigma_F       ? 
_reflns.observed_criterion_sigma_I       ? 
_reflns.percent_possible_obs             93.7 
_reflns.R_free_details                   ? 
_reflns.Rmerge_F_all                     ? 
_reflns.Rmerge_F_obs                     ? 
_reflns.Friedel_coverage                 ? 
_reflns.number_gt                        ? 
_reflns.threshold_expression             ? 
_reflns.pdbx_redundancy                  2.5 
_reflns.pdbx_Rmerge_I_obs                ? 
_reflns.pdbx_Rmerge_I_all                ? 
_reflns.pdbx_Rsym_value                  ? 
_reflns.pdbx_netI_over_av_sigmaI         ? 
_reflns.pdbx_netI_over_sigmaI            14 
_reflns.pdbx_res_netI_over_av_sigmaI_2   ? 
_reflns.pdbx_res_netI_over_sigmaI_2      ? 
_reflns.pdbx_chi_squared                 ? 
_reflns.pdbx_scaling_rejects             ? 
_reflns.pdbx_d_res_high_opt              ? 
_reflns.pdbx_d_res_low_opt               ? 
_reflns.pdbx_d_res_opt_method            ? 
_reflns.phase_calculation_details        ? 
_reflns.pdbx_Rrim_I_all                  ? 
_reflns.pdbx_Rpim_I_all                  ? 
_reflns.pdbx_d_opt                       ? 
_reflns.pdbx_number_measured_all         ? 
_reflns.pdbx_diffrn_id                   1 
_reflns.pdbx_ordinal                     1 
_reflns.pdbx_CC_half                     ? 
_reflns.pdbx_R_split                     ? 
# 
_reflns_shell.d_res_high                  1.38 
_reflns_shell.d_res_low                   1.43 
_reflns_shell.meanI_over_sigI_all         ? 
_reflns_shell.meanI_over_sigI_obs         ? 
_reflns_shell.number_measured_all         ? 
_reflns_shell.number_measured_obs         ? 
_reflns_shell.number_possible             ? 
_reflns_shell.number_unique_all           ? 
_reflns_shell.number_unique_obs           2877 
_reflns_shell.percent_possible_all        ? 
_reflns_shell.percent_possible_obs        ? 
_reflns_shell.Rmerge_F_all                ? 
_reflns_shell.Rmerge_F_obs                ? 
_reflns_shell.Rmerge_I_all                ? 
_reflns_shell.Rmerge_I_obs                ? 
_reflns_shell.meanI_over_sigI_gt          ? 
_reflns_shell.meanI_over_uI_all           ? 
_reflns_shell.meanI_over_uI_gt            ? 
_reflns_shell.number_measured_gt          ? 
_reflns_shell.number_unique_gt            ? 
_reflns_shell.percent_possible_gt         ? 
_reflns_shell.Rmerge_F_gt                 ? 
_reflns_shell.Rmerge_I_gt                 ? 
_reflns_shell.pdbx_redundancy             ? 
_reflns_shell.pdbx_Rsym_value             ? 
_reflns_shell.pdbx_chi_squared            ? 
_reflns_shell.pdbx_netI_over_sigmaI_all   ? 
_reflns_shell.pdbx_netI_over_sigmaI_obs   ? 
_reflns_shell.pdbx_Rrim_I_all             ? 
_reflns_shell.pdbx_Rpim_I_all             ? 
_reflns_shell.pdbx_rejects                ? 
_reflns_shell.pdbx_ordinal                1 
_reflns_shell.pdbx_diffrn_id              1 
_reflns_shell.pdbx_CC_half                ? 
_reflns_shell.pdbx_R_split                ? 
# 
_refine.aniso_B[1][1]                            ? 
_refine.aniso_B[1][2]                            ? 
_refine.aniso_B[1][3]                            ? 
_refine.aniso_B[2][2]                            ? 
_refine.aniso_B[2][3]                            ? 
_refine.aniso_B[3][3]                            ? 
_refine.B_iso_max                                102.330 
_refine.B_iso_mean                               15.0328 
_refine.B_iso_min                                6.570 
_refine.correlation_coeff_Fo_to_Fc               ? 
_refine.correlation_coeff_Fo_to_Fc_free          ? 
_refine.details                                  ? 
_refine.diff_density_max                         ? 
_refine.diff_density_max_esd                     ? 
_refine.diff_density_min                         ? 
_refine.diff_density_min_esd                     ? 
_refine.diff_density_rms                         ? 
_refine.diff_density_rms_esd                     ? 
_refine.entry_id                                 6R5J 
_refine.pdbx_refine_id                           'X-RAY DIFFRACTION' 
_refine.ls_abs_structure_details                 ? 
_refine.ls_abs_structure_Flack                   ? 
_refine.ls_abs_structure_Flack_esd               ? 
_refine.ls_abs_structure_Rogers                  ? 
_refine.ls_abs_structure_Rogers_esd              ? 
_refine.ls_d_res_high                            1.3800 
_refine.ls_d_res_low                             34.5890 
_refine.ls_extinction_coef                       ? 
_refine.ls_extinction_coef_esd                   ? 
_refine.ls_extinction_expression                 ? 
_refine.ls_extinction_method                     ? 
_refine.ls_goodness_of_fit_all                   ? 
_refine.ls_goodness_of_fit_all_esd               ? 
_refine.ls_goodness_of_fit_obs                   ? 
_refine.ls_goodness_of_fit_obs_esd               ? 
_refine.ls_hydrogen_treatment                    ? 
_refine.ls_matrix_type                           ? 
_refine.ls_number_constraints                    ? 
_refine.ls_number_parameters                     ? 
_refine.ls_number_reflns_all                     ? 
_refine.ls_number_reflns_obs                     23545 
_refine.ls_number_reflns_R_free                  1189 
_refine.ls_number_reflns_R_work                  ? 
_refine.ls_number_restraints                     ? 
_refine.ls_percent_reflns_obs                    92.8000 
_refine.ls_percent_reflns_R_free                 5.0500 
_refine.ls_R_factor_all                          ? 
_refine.ls_R_factor_obs                          0.1442 
_refine.ls_R_factor_R_free                       0.1705 
_refine.ls_R_factor_R_free_error                 ? 
_refine.ls_R_factor_R_free_error_details         ? 
_refine.ls_R_factor_R_work                       0.1427 
_refine.ls_R_Fsqd_factor_obs                     ? 
_refine.ls_R_I_factor_obs                        ? 
_refine.ls_redundancy_reflns_all                 ? 
_refine.ls_redundancy_reflns_obs                 ? 
_refine.ls_restrained_S_all                      ? 
_refine.ls_restrained_S_obs                      ? 
_refine.ls_shift_over_esd_max                    ? 
_refine.ls_shift_over_esd_mean                   ? 
_refine.ls_structure_factor_coef                 ? 
_refine.ls_weighting_details                     ? 
_refine.ls_weighting_scheme                      ? 
_refine.ls_wR_factor_all                         ? 
_refine.ls_wR_factor_obs                         ? 
_refine.ls_wR_factor_R_free                      ? 
_refine.ls_wR_factor_R_work                      ? 
_refine.occupancy_max                            ? 
_refine.occupancy_min                            ? 
_refine.solvent_model_details                    ? 
_refine.solvent_model_param_bsol                 ? 
_refine.solvent_model_param_ksol                 ? 
_refine.ls_R_factor_gt                           ? 
_refine.ls_goodness_of_fit_gt                    ? 
_refine.ls_goodness_of_fit_ref                   ? 
_refine.ls_shift_over_su_max                     ? 
_refine.ls_shift_over_su_max_lt                  ? 
_refine.ls_shift_over_su_mean                    ? 
_refine.ls_shift_over_su_mean_lt                 ? 
_refine.pdbx_ls_sigma_I                          ? 
_refine.pdbx_ls_sigma_F                          1.340 
_refine.pdbx_ls_sigma_Fsqd                       ? 
_refine.pdbx_data_cutoff_high_absF               ? 
_refine.pdbx_data_cutoff_high_rms_absF           ? 
_refine.pdbx_data_cutoff_low_absF                ? 
_refine.pdbx_isotropic_thermal_model             ? 
_refine.pdbx_ls_cross_valid_method               THROUGHOUT 
_refine.pdbx_method_to_determine_struct          'MOLECULAR REPLACEMENT' 
_refine.pdbx_starting_model                      'NMR model' 
_refine.pdbx_stereochemistry_target_values       ? 
_refine.pdbx_R_Free_selection_details            ? 
_refine.pdbx_stereochem_target_val_spec_case     ? 
_refine.pdbx_overall_ESU_R                       ? 
_refine.pdbx_overall_ESU_R_Free                  ? 
_refine.pdbx_solvent_vdw_probe_radii             1.1100 
_refine.pdbx_solvent_ion_probe_radii             ? 
_refine.pdbx_solvent_shrinkage_radii             0.9000 
_refine.pdbx_real_space_R                        ? 
_refine.pdbx_density_correlation                 ? 
_refine.pdbx_pd_number_of_powder_patterns        ? 
_refine.pdbx_pd_number_of_points                 ? 
_refine.pdbx_pd_meas_number_of_points            ? 
_refine.pdbx_pd_proc_ls_prof_R_factor            ? 
_refine.pdbx_pd_proc_ls_prof_wR_factor           ? 
_refine.pdbx_pd_Marquardt_correlation_coeff      ? 
_refine.pdbx_pd_Fsqrd_R_factor                   ? 
_refine.pdbx_pd_ls_matrix_band_width             ? 
_refine.pdbx_overall_phase_error                 17.5900 
_refine.pdbx_overall_SU_R_free_Cruickshank_DPI   ? 
_refine.pdbx_overall_SU_R_free_Blow_DPI          ? 
_refine.pdbx_overall_SU_R_Blow_DPI               ? 
_refine.pdbx_TLS_residual_ADP_flag               ? 
_refine.pdbx_diffrn_id                           1 
_refine.overall_SU_B                             ? 
_refine.overall_SU_ML                            0.1000 
_refine.overall_SU_R_Cruickshank_DPI             ? 
_refine.overall_SU_R_free                        ? 
_refine.overall_FOM_free_R_set                   ? 
_refine.overall_FOM_work_R_set                   ? 
_refine.pdbx_average_fsc_overall                 ? 
_refine.pdbx_average_fsc_work                    ? 
_refine.pdbx_average_fsc_free                    ? 
# 
_refine_hist.pdbx_refine_id                   'X-RAY DIFFRACTION' 
_refine_hist.cycle_id                         final 
_refine_hist.details                          ? 
_refine_hist.d_res_high                       1.3800 
_refine_hist.d_res_low                        34.5890 
_refine_hist.number_atoms_solvent             120 
_refine_hist.number_atoms_total               1109 
_refine_hist.number_reflns_all                ? 
_refine_hist.number_reflns_obs                ? 
_refine_hist.number_reflns_R_free             ? 
_refine_hist.number_reflns_R_work             ? 
_refine_hist.R_factor_all                     ? 
_refine_hist.R_factor_obs                     ? 
_refine_hist.R_factor_R_free                  ? 
_refine_hist.R_factor_R_work                  ? 
_refine_hist.pdbx_number_residues_total       135 
_refine_hist.pdbx_B_iso_mean_ligand           35.56 
_refine_hist.pdbx_B_iso_mean_solvent          27.30 
_refine_hist.pdbx_number_atoms_protein        970 
_refine_hist.pdbx_number_atoms_nucleic_acid   0 
_refine_hist.pdbx_number_atoms_ligand         19 
_refine_hist.pdbx_number_atoms_lipid          ? 
_refine_hist.pdbx_number_atoms_carb           ? 
_refine_hist.pdbx_pseudo_atom_details         ? 
# 
loop_
_refine_ls_shell.pdbx_refine_id 
_refine_ls_shell.d_res_high 
_refine_ls_shell.d_res_low 
_refine_ls_shell.number_reflns_all 
_refine_ls_shell.number_reflns_obs 
_refine_ls_shell.number_reflns_R_free 
_refine_ls_shell.number_reflns_R_work 
_refine_ls_shell.percent_reflns_obs 
_refine_ls_shell.percent_reflns_R_free 
_refine_ls_shell.R_factor_all 
_refine_ls_shell.R_factor_obs 
_refine_ls_shell.R_factor_R_free 
_refine_ls_shell.R_factor_R_free_error 
_refine_ls_shell.R_factor_R_work 
_refine_ls_shell.redundancy_reflns_all 
_refine_ls_shell.redundancy_reflns_obs 
_refine_ls_shell.wR_factor_all 
_refine_ls_shell.wR_factor_obs 
_refine_ls_shell.wR_factor_R_free 
_refine_ls_shell.wR_factor_R_work 
_refine_ls_shell.pdbx_total_number_of_bins_used 
_refine_ls_shell.pdbx_phase_error 
_refine_ls_shell.pdbx_fsc_work 
_refine_ls_shell.pdbx_fsc_free 
'X-RAY DIFFRACTION' 1.3801 1.4429 . . 105 2131 72.0000 . . . 0.1896 0.0000 0.1348 . . . . . . . . . . 
'X-RAY DIFFRACTION' 1.4429 1.5189 . . 143 2670 90.0000 . . . 0.2039 0.0000 0.1228 . . . . . . . . . . 
'X-RAY DIFFRACTION' 1.5189 1.6141 . . 143 2897 96.0000 . . . 0.1827 0.0000 0.1222 . . . . . . . . . . 
'X-RAY DIFFRACTION' 1.6141 1.7387 . . 143 2931 98.0000 . . . 0.2023 0.0000 0.1267 . . . . . . . . . . 
'X-RAY DIFFRACTION' 1.7387 1.9137 . . 170 2899 97.0000 . . . 0.1596 0.0000 0.1328 . . . . . . . . . . 
'X-RAY DIFFRACTION' 1.9137 2.1906 . . 165 2895 97.0000 . . . 0.1707 0.0000 0.1314 . . . . . . . . . . 
'X-RAY DIFFRACTION' 2.1906 2.7597 . . 164 2919 96.0000 . . . 0.1540 0.0000 0.1483 . . . . . . . . . . 
'X-RAY DIFFRACTION' 2.7597 10     . . 156 3014 97.0000 . . . 0.1699 0.0000 0.15   . . . . . . . . . . 
# 
_struct.entry_id                     6R5J 
_struct.title                        'New MAX Effector from Magnaporthe oryzae' 
_struct.pdbx_model_details           ? 
_struct.pdbx_formula_weight          ? 
_struct.pdbx_formula_weight_method   ? 
_struct.pdbx_model_type_details      ? 
_struct.pdbx_CASP_flag               N 
# 
_struct_keywords.entry_id        6R5J 
_struct_keywords.text            'Max effector NMR, IMMUNOSUPPRESSANT' 
_struct_keywords.pdbx_keywords   IMMUNOSUPPRESSANT 
# 
loop_
_struct_asym.id 
_struct_asym.pdbx_blank_PDB_chainid_flag 
_struct_asym.pdbx_modified 
_struct_asym.entity_id 
_struct_asym.details 
A N N 1 ? 
B N N 1 ? 
C N N 2 ? 
D N N 3 ? 
E N N 3 ? 
# 
_struct_ref.id                         1 
_struct_ref.db_name                    UNP 
_struct_ref.db_code                    L7J9X7_MAGOP 
_struct_ref.pdbx_db_accession          L7J9X7 
_struct_ref.pdbx_db_isoform            ? 
_struct_ref.entity_id                  1 
_struct_ref.pdbx_seq_one_letter_code   QGTGCSVEIINSNQVSVGSGCARINSVTNIGDNQGRRWGVLANSSCGLSTTQNLPSGWSLRQTGFCNA 
_struct_ref.pdbx_align_begin           21 
# 
loop_
_struct_ref_seq.align_id 
_struct_ref_seq.ref_id 
_struct_ref_seq.pdbx_PDB_id_code 
_struct_ref_seq.pdbx_strand_id 
_struct_ref_seq.seq_align_beg 
_struct_ref_seq.pdbx_seq_align_beg_ins_code 
_struct_ref_seq.seq_align_end 
_struct_ref_seq.pdbx_seq_align_end_ins_code 
_struct_ref_seq.pdbx_db_accession 
_struct_ref_seq.db_align_beg 
_struct_ref_seq.pdbx_db_align_beg_ins_code 
_struct_ref_seq.db_align_end 
_struct_ref_seq.pdbx_db_align_end_ins_code 
_struct_ref_seq.pdbx_auth_seq_align_beg 
_struct_ref_seq.pdbx_auth_seq_align_end 
1 1 6R5J A 1 ? 68 ? L7J9X7 21 ? 88 ? 5 72 
2 1 6R5J C 1 ? 68 ? L7J9X7 21 ? 88 ? 9 76 
# 
_pdbx_struct_assembly.id                   1 
_pdbx_struct_assembly.details              software_defined_assembly 
_pdbx_struct_assembly.method_details       PISA 
_pdbx_struct_assembly.oligomeric_details   dimeric 
_pdbx_struct_assembly.oligomeric_count     2 
# 
loop_
_pdbx_struct_assembly_prop.biol_id 
_pdbx_struct_assembly_prop.type 
_pdbx_struct_assembly_prop.value 
_pdbx_struct_assembly_prop.details 
1 'ABSA (A^2)' 1310 ? 
1 MORE         3    ? 
1 'SSA (A^2)'  6960 ? 
# 
_pdbx_struct_assembly_gen.assembly_id       1 
_pdbx_struct_assembly_gen.oper_expression   1 
_pdbx_struct_assembly_gen.asym_id_list      A,B,C,D,E 
# 
_pdbx_struct_assembly_auth_evidence.id                     1 
_pdbx_struct_assembly_auth_evidence.assembly_id            1 
_pdbx_struct_assembly_auth_evidence.experimental_support   none 
_pdbx_struct_assembly_auth_evidence.details                AU 
# 
_pdbx_struct_oper_list.id                   1 
_pdbx_struct_oper_list.type                 'identity operation' 
_pdbx_struct_oper_list.name                 1_555 
_pdbx_struct_oper_list.symmetry_operation   x,y,z 
_pdbx_struct_oper_list.matrix[1][1]         1.0000000000 
_pdbx_struct_oper_list.matrix[1][2]         0.0000000000 
_pdbx_struct_oper_list.matrix[1][3]         0.0000000000 
_pdbx_struct_oper_list.vector[1]            0.0000000000 
_pdbx_struct_oper_list.matrix[2][1]         0.0000000000 
_pdbx_struct_oper_list.matrix[2][2]         1.0000000000 
_pdbx_struct_oper_list.matrix[2][3]         0.0000000000 
_pdbx_struct_oper_list.vector[2]            0.0000000000 
_pdbx_struct_oper_list.matrix[3][1]         0.0000000000 
_pdbx_struct_oper_list.matrix[3][2]         0.0000000000 
_pdbx_struct_oper_list.matrix[3][3]         1.0000000000 
_pdbx_struct_oper_list.vector[3]            0.0000000000 
# 
loop_
_struct_conn.id 
_struct_conn.conn_type_id 
_struct_conn.pdbx_leaving_atom_flag 
_struct_conn.pdbx_PDB_id 
_struct_conn.ptnr1_label_asym_id 
_struct_conn.ptnr1_label_comp_id 
_struct_conn.ptnr1_label_seq_id 
_struct_conn.ptnr1_label_atom_id 
_struct_conn.pdbx_ptnr1_label_alt_id 
_struct_conn.pdbx_ptnr1_PDB_ins_code 
_struct_conn.pdbx_ptnr1_standard_comp_id 
_struct_conn.ptnr1_symmetry 
_struct_conn.ptnr2_label_asym_id 
_struct_conn.ptnr2_label_comp_id 
_struct_conn.ptnr2_label_seq_id 
_struct_conn.ptnr2_label_atom_id 
_struct_conn.pdbx_ptnr2_label_alt_id 
_struct_conn.pdbx_ptnr2_PDB_ins_code 
_struct_conn.ptnr1_auth_asym_id 
_struct_conn.ptnr1_auth_comp_id 
_struct_conn.ptnr1_auth_seq_id 
_struct_conn.ptnr2_auth_asym_id 
_struct_conn.ptnr2_auth_comp_id 
_struct_conn.ptnr2_auth_seq_id 
_struct_conn.ptnr2_symmetry 
_struct_conn.pdbx_ptnr3_label_atom_id 
_struct_conn.pdbx_ptnr3_label_seq_id 
_struct_conn.pdbx_ptnr3_label_comp_id 
_struct_conn.pdbx_ptnr3_label_asym_id 
_struct_conn.pdbx_ptnr3_label_alt_id 
_struct_conn.pdbx_ptnr3_PDB_ins_code 
_struct_conn.details 
_struct_conn.pdbx_dist_value 
_struct_conn.pdbx_value_order 
_struct_conn.pdbx_role 
disulf1 disulf ? ? A CYS 5  SG ? ? ? 1_555 A CYS 46 SG ? ? A CYS 9  A CYS 50 1_555 ? ? ? ? ? ? ? 2.061 ? ? 
disulf2 disulf ? ? A CYS 21 SG ? ? ? 1_555 A CYS 66 SG ? ? A CYS 25 A CYS 70 1_555 ? ? ? ? ? ? ? 2.043 ? ? 
disulf3 disulf ? ? B CYS 5  SG ? ? ? 1_555 B CYS 46 SG ? ? C CYS 13 C CYS 54 1_555 ? ? ? ? ? ? ? 1.989 ? ? 
disulf4 disulf ? ? B CYS 21 SG ? ? ? 1_555 B CYS 66 SG ? ? C CYS 29 C CYS 74 1_555 ? ? ? ? ? ? ? 2.059 ? ? 
# 
_struct_conn_type.id          disulf 
_struct_conn_type.criteria    ? 
_struct_conn_type.reference   ? 
# 
loop_
_pdbx_modification_feature.ordinal 
_pdbx_modification_feature.label_comp_id 
_pdbx_modification_feature.label_asym_id 
_pdbx_modification_feature.label_seq_id 
_pdbx_modification_feature.label_alt_id 
_pdbx_modification_feature.modified_residue_label_comp_id 
_pdbx_modification_feature.modified_residue_label_asym_id 
_pdbx_modification_feature.modified_residue_label_seq_id 
_pdbx_modification_feature.modified_residue_label_alt_id 
_pdbx_modification_feature.auth_comp_id 
_pdbx_modification_feature.auth_asym_id 
_pdbx_modification_feature.auth_seq_id 
_pdbx_modification_feature.PDB_ins_code 
_pdbx_modification_feature.symmetry 
_pdbx_modification_feature.modified_residue_auth_comp_id 
_pdbx_modification_feature.modified_residue_auth_asym_id 
_pdbx_modification_feature.modified_residue_auth_seq_id 
_pdbx_modification_feature.modified_residue_PDB_ins_code 
_pdbx_modification_feature.modified_residue_symmetry 
_pdbx_modification_feature.comp_id_linking_atom 
_pdbx_modification_feature.modified_residue_id_linking_atom 
_pdbx_modification_feature.modified_residue_id 
_pdbx_modification_feature.ref_pcm_id 
_pdbx_modification_feature.ref_comp_id 
_pdbx_modification_feature.type 
_pdbx_modification_feature.category 
1 CYS A 5  ? CYS A 46 ? CYS A 9  ? 1_555 CYS A 50 ? 1_555 SG SG . . . None 'Disulfide bridge' 
2 CYS A 21 ? CYS A 66 ? CYS A 25 ? 1_555 CYS A 70 ? 1_555 SG SG . . . None 'Disulfide bridge' 
3 CYS B 5  ? CYS B 46 ? CYS C 13 ? 1_555 CYS C 54 ? 1_555 SG SG . . . None 'Disulfide bridge' 
4 CYS B 21 ? CYS B 66 ? CYS C 29 ? 1_555 CYS C 74 ? 1_555 SG SG . . . None 'Disulfide bridge' 
# 
loop_
_struct_sheet.id 
_struct_sheet.type 
_struct_sheet.number_strands 
_struct_sheet.details 
AA1 ? 3 ? 
AA2 ? 3 ? 
AA3 ? 3 ? 
AA4 ? 3 ? 
# 
loop_
_struct_sheet_order.sheet_id 
_struct_sheet_order.range_id_1 
_struct_sheet_order.range_id_2 
_struct_sheet_order.offset 
_struct_sheet_order.sense 
AA1 1 2 ? anti-parallel 
AA1 2 3 ? anti-parallel 
AA2 1 2 ? anti-parallel 
AA2 2 3 ? anti-parallel 
AA3 1 2 ? anti-parallel 
AA3 2 3 ? anti-parallel 
AA4 1 2 ? anti-parallel 
AA4 2 3 ? anti-parallel 
# 
loop_
_struct_sheet_range.sheet_id 
_struct_sheet_range.id 
_struct_sheet_range.beg_label_comp_id 
_struct_sheet_range.beg_label_asym_id 
_struct_sheet_range.beg_label_seq_id 
_struct_sheet_range.pdbx_beg_PDB_ins_code 
_struct_sheet_range.end_label_comp_id 
_struct_sheet_range.end_label_asym_id 
_struct_sheet_range.end_label_seq_id 
_struct_sheet_range.pdbx_end_PDB_ins_code 
_struct_sheet_range.beg_auth_comp_id 
_struct_sheet_range.beg_auth_asym_id 
_struct_sheet_range.beg_auth_seq_id 
_struct_sheet_range.end_auth_comp_id 
_struct_sheet_range.end_auth_asym_id 
_struct_sheet_range.end_auth_seq_id 
AA1 1 SER A 16 ? ARG A 23 ? SER A 20 ARG A 27 
AA1 2 GLY A 4  ? ILE A 10 ? GLY A 8  ILE A 14 
AA1 3 SER A 59 ? CYS A 66 ? SER A 63 CYS A 70 
AA2 1 SER A 26 ? GLY A 31 ? SER A 30 GLY A 35 
AA2 2 ARG A 37 ? ALA A 42 ? ARG A 41 ALA A 46 
AA2 3 LEU A 48 ? THR A 50 ? LEU A 52 THR A 54 
AA3 1 SER B 16 ? ARG B 23 ? SER C 24 ARG C 31 
AA3 2 GLY B 4  ? ILE B 10 ? GLY C 12 ILE C 18 
AA3 3 SER B 59 ? CYS B 66 ? SER C 67 CYS C 74 
AA4 1 SER B 26 ? GLY B 31 ? SER C 34 GLY C 39 
AA4 2 ARG B 37 ? ALA B 42 ? ARG C 45 ALA C 50 
AA4 3 LEU B 48 ? THR B 50 ? LEU C 56 THR C 58 
# 
loop_
_pdbx_struct_sheet_hbond.sheet_id 
_pdbx_struct_sheet_hbond.range_id_1 
_pdbx_struct_sheet_hbond.range_id_2 
_pdbx_struct_sheet_hbond.range_1_label_atom_id 
_pdbx_struct_sheet_hbond.range_1_label_comp_id 
_pdbx_struct_sheet_hbond.range_1_label_asym_id 
_pdbx_struct_sheet_hbond.range_1_label_seq_id 
_pdbx_struct_sheet_hbond.range_1_PDB_ins_code 
_pdbx_struct_sheet_hbond.range_1_auth_atom_id 
_pdbx_struct_sheet_hbond.range_1_auth_comp_id 
_pdbx_struct_sheet_hbond.range_1_auth_asym_id 
_pdbx_struct_sheet_hbond.range_1_auth_seq_id 
_pdbx_struct_sheet_hbond.range_2_label_atom_id 
_pdbx_struct_sheet_hbond.range_2_label_comp_id 
_pdbx_struct_sheet_hbond.range_2_label_asym_id 
_pdbx_struct_sheet_hbond.range_2_label_seq_id 
_pdbx_struct_sheet_hbond.range_2_PDB_ins_code 
_pdbx_struct_sheet_hbond.range_2_auth_atom_id 
_pdbx_struct_sheet_hbond.range_2_auth_comp_id 
_pdbx_struct_sheet_hbond.range_2_auth_asym_id 
_pdbx_struct_sheet_hbond.range_2_auth_seq_id 
AA1 1 2 O VAL A 17 ? O VAL A 21 N ILE A 9  ? N ILE A 13 
AA1 2 3 N ILE A 10 ? N ILE A 14 O SER A 59 ? O SER A 63 
AA2 1 2 N THR A 28 ? N THR A 32 O VAL A 40 ? O VAL A 44 
AA2 2 3 N LEU A 41 ? N LEU A 45 O SER A 49 ? O SER A 53 
AA3 1 2 O GLY B 20 ? O GLY C 28 N VAL B 7  ? N VAL C 15 
AA3 2 3 N SER B 6  ? N SER C 14 O GLY B 64 ? O GLY C 72 
AA4 1 2 N THR B 28 ? N THR C 36 O VAL B 40 ? O VAL C 48 
AA4 2 3 N LEU B 41 ? N LEU C 49 O SER B 49 ? O SER C 57 
# 
_struct_site.id                   AC1 
_struct_site.pdbx_evidence_code   Software 
_struct_site.pdbx_auth_asym_id    C 
_struct_site.pdbx_auth_comp_id    P6G 
_struct_site.pdbx_auth_seq_id     101 
_struct_site.pdbx_auth_ins_code   ? 
_struct_site.pdbx_num_residues    10 
_struct_site.details              'binding site for residue P6G C 101' 
# 
loop_
_struct_site_gen.id 
_struct_site_gen.site_id 
_struct_site_gen.pdbx_num_res 
_struct_site_gen.label_comp_id 
_struct_site_gen.label_asym_id 
_struct_site_gen.label_seq_id 
_struct_site_gen.pdbx_auth_ins_code 
_struct_site_gen.auth_comp_id 
_struct_site_gen.auth_asym_id 
_struct_site_gen.auth_seq_id 
_struct_site_gen.label_atom_id 
_struct_site_gen.label_alt_id 
_struct_site_gen.symmetry 
_struct_site_gen.details 
1  AC1 10 ASN A 43 ? ASN A 47  . ? 3_555 ? 
2  AC1 10 SER A 45 ? SER A 49  . ? 3_555 ? 
3  AC1 10 GLY A 47 ? GLY A 51  . ? 3_555 ? 
4  AC1 10 LEU A 48 ? LEU A 52  . ? 3_555 ? 
5  AC1 10 SER A 49 ? SER A 53  . ? 3_555 ? 
6  AC1 10 ASN B 43 ? ASN C 51  . ? 1_555 ? 
7  AC1 10 GLY B 47 ? GLY C 55  . ? 1_555 ? 
8  AC1 10 LEU B 48 ? LEU C 56  . ? 1_555 ? 
9  AC1 10 SER B 49 ? SER C 57  . ? 1_555 ? 
10 AC1 10 HOH E .  ? HOH C 203 . ? 1_555 ? 
# 
_pdbx_entry_details.entry_id                   6R5J 
_pdbx_entry_details.compound_details           ? 
_pdbx_entry_details.source_details             ? 
_pdbx_entry_details.nonpolymer_details         ? 
_pdbx_entry_details.sequence_details           ? 
_pdbx_entry_details.has_ligand_of_interest     ? 
_pdbx_entry_details.has_protein_modification   Y 
# 
_pdbx_unobs_or_zero_occ_residues.id               1 
_pdbx_unobs_or_zero_occ_residues.PDB_model_num    1 
_pdbx_unobs_or_zero_occ_residues.polymer_flag     Y 
_pdbx_unobs_or_zero_occ_residues.occupancy_flag   1 
_pdbx_unobs_or_zero_occ_residues.auth_asym_id     A 
_pdbx_unobs_or_zero_occ_residues.auth_comp_id     GLN 
_pdbx_unobs_or_zero_occ_residues.auth_seq_id      5 
_pdbx_unobs_or_zero_occ_residues.PDB_ins_code     ? 
_pdbx_unobs_or_zero_occ_residues.label_asym_id    A 
_pdbx_unobs_or_zero_occ_residues.label_comp_id    GLN 
_pdbx_unobs_or_zero_occ_residues.label_seq_id     1 
# 
loop_
_chem_comp_atom.comp_id 
_chem_comp_atom.atom_id 
_chem_comp_atom.type_symbol 
_chem_comp_atom.pdbx_aromatic_flag 
_chem_comp_atom.pdbx_stereo_config 
_chem_comp_atom.pdbx_ordinal 
ALA N    N N N 1   
ALA CA   C N S 2   
ALA C    C N N 3   
ALA O    O N N 4   
ALA CB   C N N 5   
ALA OXT  O N N 6   
ALA H    H N N 7   
ALA H2   H N N 8   
ALA HA   H N N 9   
ALA HB1  H N N 10  
ALA HB2  H N N 11  
ALA HB3  H N N 12  
ALA HXT  H N N 13  
ARG N    N N N 14  
ARG CA   C N S 15  
ARG C    C N N 16  
ARG O    O N N 17  
ARG CB   C N N 18  
ARG CG   C N N 19  
ARG CD   C N N 20  
ARG NE   N N N 21  
ARG CZ   C N N 22  
ARG NH1  N N N 23  
ARG NH2  N N N 24  
ARG OXT  O N N 25  
ARG H    H N N 26  
ARG H2   H N N 27  
ARG HA   H N N 28  
ARG HB2  H N N 29  
ARG HB3  H N N 30  
ARG HG2  H N N 31  
ARG HG3  H N N 32  
ARG HD2  H N N 33  
ARG HD3  H N N 34  
ARG HE   H N N 35  
ARG HH11 H N N 36  
ARG HH12 H N N 37  
ARG HH21 H N N 38  
ARG HH22 H N N 39  
ARG HXT  H N N 40  
ASN N    N N N 41  
ASN CA   C N S 42  
ASN C    C N N 43  
ASN O    O N N 44  
ASN CB   C N N 45  
ASN CG   C N N 46  
ASN OD1  O N N 47  
ASN ND2  N N N 48  
ASN OXT  O N N 49  
ASN H    H N N 50  
ASN H2   H N N 51  
ASN HA   H N N 52  
ASN HB2  H N N 53  
ASN HB3  H N N 54  
ASN HD21 H N N 55  
ASN HD22 H N N 56  
ASN HXT  H N N 57  
ASP N    N N N 58  
ASP CA   C N S 59  
ASP C    C N N 60  
ASP O    O N N 61  
ASP CB   C N N 62  
ASP CG   C N N 63  
ASP OD1  O N N 64  
ASP OD2  O N N 65  
ASP OXT  O N N 66  
ASP H    H N N 67  
ASP H2   H N N 68  
ASP HA   H N N 69  
ASP HB2  H N N 70  
ASP HB3  H N N 71  
ASP HD2  H N N 72  
ASP HXT  H N N 73  
CYS N    N N N 74  
CYS CA   C N R 75  
CYS C    C N N 76  
CYS O    O N N 77  
CYS CB   C N N 78  
CYS SG   S N N 79  
CYS OXT  O N N 80  
CYS H    H N N 81  
CYS H2   H N N 82  
CYS HA   H N N 83  
CYS HB2  H N N 84  
CYS HB3  H N N 85  
CYS HG   H N N 86  
CYS HXT  H N N 87  
GLN N    N N N 88  
GLN CA   C N S 89  
GLN C    C N N 90  
GLN O    O N N 91  
GLN CB   C N N 92  
GLN CG   C N N 93  
GLN CD   C N N 94  
GLN OE1  O N N 95  
GLN NE2  N N N 96  
GLN OXT  O N N 97  
GLN H    H N N 98  
GLN H2   H N N 99  
GLN HA   H N N 100 
GLN HB2  H N N 101 
GLN HB3  H N N 102 
GLN HG2  H N N 103 
GLN HG3  H N N 104 
GLN HE21 H N N 105 
GLN HE22 H N N 106 
GLN HXT  H N N 107 
GLU N    N N N 108 
GLU CA   C N S 109 
GLU C    C N N 110 
GLU O    O N N 111 
GLU CB   C N N 112 
GLU CG   C N N 113 
GLU CD   C N N 114 
GLU OE1  O N N 115 
GLU OE2  O N N 116 
GLU OXT  O N N 117 
GLU H    H N N 118 
GLU H2   H N N 119 
GLU HA   H N N 120 
GLU HB2  H N N 121 
GLU HB3  H N N 122 
GLU HG2  H N N 123 
GLU HG3  H N N 124 
GLU HE2  H N N 125 
GLU HXT  H N N 126 
GLY N    N N N 127 
GLY CA   C N N 128 
GLY C    C N N 129 
GLY O    O N N 130 
GLY OXT  O N N 131 
GLY H    H N N 132 
GLY H2   H N N 133 
GLY HA2  H N N 134 
GLY HA3  H N N 135 
GLY HXT  H N N 136 
HOH O    O N N 137 
HOH H1   H N N 138 
HOH H2   H N N 139 
ILE N    N N N 140 
ILE CA   C N S 141 
ILE C    C N N 142 
ILE O    O N N 143 
ILE CB   C N S 144 
ILE CG1  C N N 145 
ILE CG2  C N N 146 
ILE CD1  C N N 147 
ILE OXT  O N N 148 
ILE H    H N N 149 
ILE H2   H N N 150 
ILE HA   H N N 151 
ILE HB   H N N 152 
ILE HG12 H N N 153 
ILE HG13 H N N 154 
ILE HG21 H N N 155 
ILE HG22 H N N 156 
ILE HG23 H N N 157 
ILE HD11 H N N 158 
ILE HD12 H N N 159 
ILE HD13 H N N 160 
ILE HXT  H N N 161 
LEU N    N N N 162 
LEU CA   C N S 163 
LEU C    C N N 164 
LEU O    O N N 165 
LEU CB   C N N 166 
LEU CG   C N N 167 
LEU CD1  C N N 168 
LEU CD2  C N N 169 
LEU OXT  O N N 170 
LEU H    H N N 171 
LEU H2   H N N 172 
LEU HA   H N N 173 
LEU HB2  H N N 174 
LEU HB3  H N N 175 
LEU HG   H N N 176 
LEU HD11 H N N 177 
LEU HD12 H N N 178 
LEU HD13 H N N 179 
LEU HD21 H N N 180 
LEU HD22 H N N 181 
LEU HD23 H N N 182 
LEU HXT  H N N 183 
P6G O1   O N N 184 
P6G C2   C N N 185 
P6G C3   C N N 186 
P6G O4   O N N 187 
P6G C5   C N N 188 
P6G C6   C N N 189 
P6G O7   O N N 190 
P6G C8   C N N 191 
P6G C9   C N N 192 
P6G O10  O N N 193 
P6G C11  C N N 194 
P6G C12  C N N 195 
P6G O13  O N N 196 
P6G C14  C N N 197 
P6G C15  C N N 198 
P6G O16  O N N 199 
P6G C17  C N N 200 
P6G C18  C N N 201 
P6G O19  O N N 202 
P6G H1   H N N 203 
P6G H21  H N N 204 
P6G H22  H N N 205 
P6G H31  H N N 206 
P6G H32  H N N 207 
P6G H51  H N N 208 
P6G H52  H N N 209 
P6G H61  H N N 210 
P6G H62  H N N 211 
P6G H81  H N N 212 
P6G H82  H N N 213 
P6G H91  H N N 214 
P6G H92  H N N 215 
P6G H111 H N N 216 
P6G H112 H N N 217 
P6G H121 H N N 218 
P6G H122 H N N 219 
P6G H141 H N N 220 
P6G H142 H N N 221 
P6G H151 H N N 222 
P6G H152 H N N 223 
P6G H171 H N N 224 
P6G H172 H N N 225 
P6G H181 H N N 226 
P6G H182 H N N 227 
P6G H19  H N N 228 
PHE N    N N N 229 
PHE CA   C N S 230 
PHE C    C N N 231 
PHE O    O N N 232 
PHE CB   C N N 233 
PHE CG   C Y N 234 
PHE CD1  C Y N 235 
PHE CD2  C Y N 236 
PHE CE1  C Y N 237 
PHE CE2  C Y N 238 
PHE CZ   C Y N 239 
PHE OXT  O N N 240 
PHE H    H N N 241 
PHE H2   H N N 242 
PHE HA   H N N 243 
PHE HB2  H N N 244 
PHE HB3  H N N 245 
PHE HD1  H N N 246 
PHE HD2  H N N 247 
PHE HE1  H N N 248 
PHE HE2  H N N 249 
PHE HZ   H N N 250 
PHE HXT  H N N 251 
PRO N    N N N 252 
PRO CA   C N S 253 
PRO C    C N N 254 
PRO O    O N N 255 
PRO CB   C N N 256 
PRO CG   C N N 257 
PRO CD   C N N 258 
PRO OXT  O N N 259 
PRO H    H N N 260 
PRO HA   H N N 261 
PRO HB2  H N N 262 
PRO HB3  H N N 263 
PRO HG2  H N N 264 
PRO HG3  H N N 265 
PRO HD2  H N N 266 
PRO HD3  H N N 267 
PRO HXT  H N N 268 
SER N    N N N 269 
SER CA   C N S 270 
SER C    C N N 271 
SER O    O N N 272 
SER CB   C N N 273 
SER OG   O N N 274 
SER OXT  O N N 275 
SER H    H N N 276 
SER H2   H N N 277 
SER HA   H N N 278 
SER HB2  H N N 279 
SER HB3  H N N 280 
SER HG   H N N 281 
SER HXT  H N N 282 
THR N    N N N 283 
THR CA   C N S 284 
THR C    C N N 285 
THR O    O N N 286 
THR CB   C N R 287 
THR OG1  O N N 288 
THR CG2  C N N 289 
THR OXT  O N N 290 
THR H    H N N 291 
THR H2   H N N 292 
THR HA   H N N 293 
THR HB   H N N 294 
THR HG1  H N N 295 
THR HG21 H N N 296 
THR HG22 H N N 297 
THR HG23 H N N 298 
THR HXT  H N N 299 
TRP N    N N N 300 
TRP CA   C N S 301 
TRP C    C N N 302 
TRP O    O N N 303 
TRP CB   C N N 304 
TRP CG   C Y N 305 
TRP CD1  C Y N 306 
TRP CD2  C Y N 307 
TRP NE1  N Y N 308 
TRP CE2  C Y N 309 
TRP CE3  C Y N 310 
TRP CZ2  C Y N 311 
TRP CZ3  C Y N 312 
TRP CH2  C Y N 313 
TRP OXT  O N N 314 
TRP H    H N N 315 
TRP H2   H N N 316 
TRP HA   H N N 317 
TRP HB2  H N N 318 
TRP HB3  H N N 319 
TRP HD1  H N N 320 
TRP HE1  H N N 321 
TRP HE3  H N N 322 
TRP HZ2  H N N 323 
TRP HZ3  H N N 324 
TRP HH2  H N N 325 
TRP HXT  H N N 326 
VAL N    N N N 327 
VAL CA   C N S 328 
VAL C    C N N 329 
VAL O    O N N 330 
VAL CB   C N N 331 
VAL CG1  C N N 332 
VAL CG2  C N N 333 
VAL OXT  O N N 334 
VAL H    H N N 335 
VAL H2   H N N 336 
VAL HA   H N N 337 
VAL HB   H N N 338 
VAL HG11 H N N 339 
VAL HG12 H N N 340 
VAL HG13 H N N 341 
VAL HG21 H N N 342 
VAL HG22 H N N 343 
VAL HG23 H N N 344 
VAL HXT  H N N 345 
# 
loop_
_chem_comp_bond.comp_id 
_chem_comp_bond.atom_id_1 
_chem_comp_bond.atom_id_2 
_chem_comp_bond.value_order 
_chem_comp_bond.pdbx_aromatic_flag 
_chem_comp_bond.pdbx_stereo_config 
_chem_comp_bond.pdbx_ordinal 
ALA N   CA   sing N N 1   
ALA N   H    sing N N 2   
ALA N   H2   sing N N 3   
ALA CA  C    sing N N 4   
ALA CA  CB   sing N N 5   
ALA CA  HA   sing N N 6   
ALA C   O    doub N N 7   
ALA C   OXT  sing N N 8   
ALA CB  HB1  sing N N 9   
ALA CB  HB2  sing N N 10  
ALA CB  HB3  sing N N 11  
ALA OXT HXT  sing N N 12  
ARG N   CA   sing N N 13  
ARG N   H    sing N N 14  
ARG N   H2   sing N N 15  
ARG CA  C    sing N N 16  
ARG CA  CB   sing N N 17  
ARG CA  HA   sing N N 18  
ARG C   O    doub N N 19  
ARG C   OXT  sing N N 20  
ARG CB  CG   sing N N 21  
ARG CB  HB2  sing N N 22  
ARG CB  HB3  sing N N 23  
ARG CG  CD   sing N N 24  
ARG CG  HG2  sing N N 25  
ARG CG  HG3  sing N N 26  
ARG CD  NE   sing N N 27  
ARG CD  HD2  sing N N 28  
ARG CD  HD3  sing N N 29  
ARG NE  CZ   sing N N 30  
ARG NE  HE   sing N N 31  
ARG CZ  NH1  sing N N 32  
ARG CZ  NH2  doub N N 33  
ARG NH1 HH11 sing N N 34  
ARG NH1 HH12 sing N N 35  
ARG NH2 HH21 sing N N 36  
ARG NH2 HH22 sing N N 37  
ARG OXT HXT  sing N N 38  
ASN N   CA   sing N N 39  
ASN N   H    sing N N 40  
ASN N   H2   sing N N 41  
ASN CA  C    sing N N 42  
ASN CA  CB   sing N N 43  
ASN CA  HA   sing N N 44  
ASN C   O    doub N N 45  
ASN C   OXT  sing N N 46  
ASN CB  CG   sing N N 47  
ASN CB  HB2  sing N N 48  
ASN CB  HB3  sing N N 49  
ASN CG  OD1  doub N N 50  
ASN CG  ND2  sing N N 51  
ASN ND2 HD21 sing N N 52  
ASN ND2 HD22 sing N N 53  
ASN OXT HXT  sing N N 54  
ASP N   CA   sing N N 55  
ASP N   H    sing N N 56  
ASP N   H2   sing N N 57  
ASP CA  C    sing N N 58  
ASP CA  CB   sing N N 59  
ASP CA  HA   sing N N 60  
ASP C   O    doub N N 61  
ASP C   OXT  sing N N 62  
ASP CB  CG   sing N N 63  
ASP CB  HB2  sing N N 64  
ASP CB  HB3  sing N N 65  
ASP CG  OD1  doub N N 66  
ASP CG  OD2  sing N N 67  
ASP OD2 HD2  sing N N 68  
ASP OXT HXT  sing N N 69  
CYS N   CA   sing N N 70  
CYS N   H    sing N N 71  
CYS N   H2   sing N N 72  
CYS CA  C    sing N N 73  
CYS CA  CB   sing N N 74  
CYS CA  HA   sing N N 75  
CYS C   O    doub N N 76  
CYS C   OXT  sing N N 77  
CYS CB  SG   sing N N 78  
CYS CB  HB2  sing N N 79  
CYS CB  HB3  sing N N 80  
CYS SG  HG   sing N N 81  
CYS OXT HXT  sing N N 82  
GLN N   CA   sing N N 83  
GLN N   H    sing N N 84  
GLN N   H2   sing N N 85  
GLN CA  C    sing N N 86  
GLN CA  CB   sing N N 87  
GLN CA  HA   sing N N 88  
GLN C   O    doub N N 89  
GLN C   OXT  sing N N 90  
GLN CB  CG   sing N N 91  
GLN CB  HB2  sing N N 92  
GLN CB  HB3  sing N N 93  
GLN CG  CD   sing N N 94  
GLN CG  HG2  sing N N 95  
GLN CG  HG3  sing N N 96  
GLN CD  OE1  doub N N 97  
GLN CD  NE2  sing N N 98  
GLN NE2 HE21 sing N N 99  
GLN NE2 HE22 sing N N 100 
GLN OXT HXT  sing N N 101 
GLU N   CA   sing N N 102 
GLU N   H    sing N N 103 
GLU N   H2   sing N N 104 
GLU CA  C    sing N N 105 
GLU CA  CB   sing N N 106 
GLU CA  HA   sing N N 107 
GLU C   O    doub N N 108 
GLU C   OXT  sing N N 109 
GLU CB  CG   sing N N 110 
GLU CB  HB2  sing N N 111 
GLU CB  HB3  sing N N 112 
GLU CG  CD   sing N N 113 
GLU CG  HG2  sing N N 114 
GLU CG  HG3  sing N N 115 
GLU CD  OE1  doub N N 116 
GLU CD  OE2  sing N N 117 
GLU OE2 HE2  sing N N 118 
GLU OXT HXT  sing N N 119 
GLY N   CA   sing N N 120 
GLY N   H    sing N N 121 
GLY N   H2   sing N N 122 
GLY CA  C    sing N N 123 
GLY CA  HA2  sing N N 124 
GLY CA  HA3  sing N N 125 
GLY C   O    doub N N 126 
GLY C   OXT  sing N N 127 
GLY OXT HXT  sing N N 128 
HOH O   H1   sing N N 129 
HOH O   H2   sing N N 130 
ILE N   CA   sing N N 131 
ILE N   H    sing N N 132 
ILE N   H2   sing N N 133 
ILE CA  C    sing N N 134 
ILE CA  CB   sing N N 135 
ILE CA  HA   sing N N 136 
ILE C   O    doub N N 137 
ILE C   OXT  sing N N 138 
ILE CB  CG1  sing N N 139 
ILE CB  CG2  sing N N 140 
ILE CB  HB   sing N N 141 
ILE CG1 CD1  sing N N 142 
ILE CG1 HG12 sing N N 143 
ILE CG1 HG13 sing N N 144 
ILE CG2 HG21 sing N N 145 
ILE CG2 HG22 sing N N 146 
ILE CG2 HG23 sing N N 147 
ILE CD1 HD11 sing N N 148 
ILE CD1 HD12 sing N N 149 
ILE CD1 HD13 sing N N 150 
ILE OXT HXT  sing N N 151 
LEU N   CA   sing N N 152 
LEU N   H    sing N N 153 
LEU N   H2   sing N N 154 
LEU CA  C    sing N N 155 
LEU CA  CB   sing N N 156 
LEU CA  HA   sing N N 157 
LEU C   O    doub N N 158 
LEU C   OXT  sing N N 159 
LEU CB  CG   sing N N 160 
LEU CB  HB2  sing N N 161 
LEU CB  HB3  sing N N 162 
LEU CG  CD1  sing N N 163 
LEU CG  CD2  sing N N 164 
LEU CG  HG   sing N N 165 
LEU CD1 HD11 sing N N 166 
LEU CD1 HD12 sing N N 167 
LEU CD1 HD13 sing N N 168 
LEU CD2 HD21 sing N N 169 
LEU CD2 HD22 sing N N 170 
LEU CD2 HD23 sing N N 171 
LEU OXT HXT  sing N N 172 
P6G O1  C2   sing N N 173 
P6G O1  H1   sing N N 174 
P6G C2  C3   sing N N 175 
P6G C2  H21  sing N N 176 
P6G C2  H22  sing N N 177 
P6G C3  O4   sing N N 178 
P6G C3  H31  sing N N 179 
P6G C3  H32  sing N N 180 
P6G O4  C5   sing N N 181 
P6G C5  C6   sing N N 182 
P6G C5  H51  sing N N 183 
P6G C5  H52  sing N N 184 
P6G C6  O7   sing N N 185 
P6G C6  H61  sing N N 186 
P6G C6  H62  sing N N 187 
P6G O7  C8   sing N N 188 
P6G C8  C9   sing N N 189 
P6G C8  H81  sing N N 190 
P6G C8  H82  sing N N 191 
P6G C9  O10  sing N N 192 
P6G C9  H91  sing N N 193 
P6G C9  H92  sing N N 194 
P6G O10 C11  sing N N 195 
P6G C11 C12  sing N N 196 
P6G C11 H111 sing N N 197 
P6G C11 H112 sing N N 198 
P6G C12 O13  sing N N 199 
P6G C12 H121 sing N N 200 
P6G C12 H122 sing N N 201 
P6G O13 C14  sing N N 202 
P6G C14 C15  sing N N 203 
P6G C14 H141 sing N N 204 
P6G C14 H142 sing N N 205 
P6G C15 O16  sing N N 206 
P6G C15 H151 sing N N 207 
P6G C15 H152 sing N N 208 
P6G O16 C17  sing N N 209 
P6G C17 C18  sing N N 210 
P6G C17 H171 sing N N 211 
P6G C17 H172 sing N N 212 
P6G C18 O19  sing N N 213 
P6G C18 H181 sing N N 214 
P6G C18 H182 sing N N 215 
P6G O19 H19  sing N N 216 
PHE N   CA   sing N N 217 
PHE N   H    sing N N 218 
PHE N   H2   sing N N 219 
PHE CA  C    sing N N 220 
PHE CA  CB   sing N N 221 
PHE CA  HA   sing N N 222 
PHE C   O    doub N N 223 
PHE C   OXT  sing N N 224 
PHE CB  CG   sing N N 225 
PHE CB  HB2  sing N N 226 
PHE CB  HB3  sing N N 227 
PHE CG  CD1  doub Y N 228 
PHE CG  CD2  sing Y N 229 
PHE CD1 CE1  sing Y N 230 
PHE CD1 HD1  sing N N 231 
PHE CD2 CE2  doub Y N 232 
PHE CD2 HD2  sing N N 233 
PHE CE1 CZ   doub Y N 234 
PHE CE1 HE1  sing N N 235 
PHE CE2 CZ   sing Y N 236 
PHE CE2 HE2  sing N N 237 
PHE CZ  HZ   sing N N 238 
PHE OXT HXT  sing N N 239 
PRO N   CA   sing N N 240 
PRO N   CD   sing N N 241 
PRO N   H    sing N N 242 
PRO CA  C    sing N N 243 
PRO CA  CB   sing N N 244 
PRO CA  HA   sing N N 245 
PRO C   O    doub N N 246 
PRO C   OXT  sing N N 247 
PRO CB  CG   sing N N 248 
PRO CB  HB2  sing N N 249 
PRO CB  HB3  sing N N 250 
PRO CG  CD   sing N N 251 
PRO CG  HG2  sing N N 252 
PRO CG  HG3  sing N N 253 
PRO CD  HD2  sing N N 254 
PRO CD  HD3  sing N N 255 
PRO OXT HXT  sing N N 256 
SER N   CA   sing N N 257 
SER N   H    sing N N 258 
SER N   H2   sing N N 259 
SER CA  C    sing N N 260 
SER CA  CB   sing N N 261 
SER CA  HA   sing N N 262 
SER C   O    doub N N 263 
SER C   OXT  sing N N 264 
SER CB  OG   sing N N 265 
SER CB  HB2  sing N N 266 
SER CB  HB3  sing N N 267 
SER OG  HG   sing N N 268 
SER OXT HXT  sing N N 269 
THR N   CA   sing N N 270 
THR N   H    sing N N 271 
THR N   H2   sing N N 272 
THR CA  C    sing N N 273 
THR CA  CB   sing N N 274 
THR CA  HA   sing N N 275 
THR C   O    doub N N 276 
THR C   OXT  sing N N 277 
THR CB  OG1  sing N N 278 
THR CB  CG2  sing N N 279 
THR CB  HB   sing N N 280 
THR OG1 HG1  sing N N 281 
THR CG2 HG21 sing N N 282 
THR CG2 HG22 sing N N 283 
THR CG2 HG23 sing N N 284 
THR OXT HXT  sing N N 285 
TRP N   CA   sing N N 286 
TRP N   H    sing N N 287 
TRP N   H2   sing N N 288 
TRP CA  C    sing N N 289 
TRP CA  CB   sing N N 290 
TRP CA  HA   sing N N 291 
TRP C   O    doub N N 292 
TRP C   OXT  sing N N 293 
TRP CB  CG   sing N N 294 
TRP CB  HB2  sing N N 295 
TRP CB  HB3  sing N N 296 
TRP CG  CD1  doub Y N 297 
TRP CG  CD2  sing Y N 298 
TRP CD1 NE1  sing Y N 299 
TRP CD1 HD1  sing N N 300 
TRP CD2 CE2  doub Y N 301 
TRP CD2 CE3  sing Y N 302 
TRP NE1 CE2  sing Y N 303 
TRP NE1 HE1  sing N N 304 
TRP CE2 CZ2  sing Y N 305 
TRP CE3 CZ3  doub Y N 306 
TRP CE3 HE3  sing N N 307 
TRP CZ2 CH2  doub Y N 308 
TRP CZ2 HZ2  sing N N 309 
TRP CZ3 CH2  sing Y N 310 
TRP CZ3 HZ3  sing N N 311 
TRP CH2 HH2  sing N N 312 
TRP OXT HXT  sing N N 313 
VAL N   CA   sing N N 314 
VAL N   H    sing N N 315 
VAL N   H2   sing N N 316 
VAL CA  C    sing N N 317 
VAL CA  CB   sing N N 318 
VAL CA  HA   sing N N 319 
VAL C   O    doub N N 320 
VAL C   OXT  sing N N 321 
VAL CB  CG1  sing N N 322 
VAL CB  CG2  sing N N 323 
VAL CB  HB   sing N N 324 
VAL CG1 HG11 sing N N 325 
VAL CG1 HG12 sing N N 326 
VAL CG1 HG13 sing N N 327 
VAL CG2 HG21 sing N N 328 
VAL CG2 HG22 sing N N 329 
VAL CG2 HG23 sing N N 330 
VAL OXT HXT  sing N N 331 
# 
_pdbx_audit_support.funding_organization   'French National Research Agency' 
_pdbx_audit_support.country                France 
_pdbx_audit_support.grant_number           ANR-18-CE20-0016 
_pdbx_audit_support.ordinal                1 
# 
_pdbx_initial_refinement_model.accession_code   ? 
_pdbx_initial_refinement_model.id               1 
_pdbx_initial_refinement_model.entity_id_list   ? 
_pdbx_initial_refinement_model.type             'experimental model' 
_pdbx_initial_refinement_model.source_name      Other 
_pdbx_initial_refinement_model.details          'NMR model' 
# 
_atom_sites.entry_id                    6R5J 
_atom_sites.fract_transf_matrix[1][1]   0.01275332 
_atom_sites.fract_transf_matrix[1][2]   -0.00178831 
_atom_sites.fract_transf_matrix[1][3]   -0.00519016 
_atom_sites.fract_transf_matrix[2][1]   0.01467584 
_atom_sites.fract_transf_matrix[2][2]   0.02615617 
_atom_sites.fract_transf_matrix[2][3]   0.02704930 
_atom_sites.fract_transf_matrix[3][1]   0.00484428 
_atom_sites.fract_transf_matrix[3][2]   -0.01130599 
_atom_sites.fract_transf_matrix[3][3]   0.00830438 
_atom_sites.fract_transf_vector[1]      0.168210 
_atom_sites.fract_transf_vector[2]      0.943367 
_atom_sites.fract_transf_vector[3]      0.245415 
# 
loop_
_atom_type.symbol 
C 
H 
N 
O 
S 
# 
loop_
_atom_site.group_PDB 
_atom_site.id 
_atom_site.type_symbol 
_atom_site.label_atom_id 
_atom_site.label_alt_id 
_atom_site.label_comp_id 
_atom_site.label_asym_id 
_atom_site.label_entity_id 
_atom_site.label_seq_id 
_atom_site.pdbx_PDB_ins_code 
_atom_site.Cartn_x 
_atom_site.Cartn_y 
_atom_site.Cartn_z 
_atom_site.occupancy 
_atom_site.B_iso_or_equiv 
_atom_site.pdbx_formal_charge 
_atom_site.auth_seq_id 
_atom_site.auth_comp_id 
_atom_site.auth_asym_id 
_atom_site.auth_atom_id 
_atom_site.pdbx_PDB_model_num 
ATOM   1    N N    . GLY A 1 2  ? -2.782  -10.212 11.763  1.00 29.99  ? 6   GLY A N    1 
ATOM   2    C CA   . GLY A 1 2  ? -3.581  -9.945  10.575  1.00 26.39  ? 6   GLY A CA   1 
ATOM   3    C C    . GLY A 1 2  ? -4.901  -9.239  10.925  1.00 23.10  ? 6   GLY A C    1 
ATOM   4    O O    . GLY A 1 2  ? -5.978  -9.810  10.773  1.00 24.17  ? 6   GLY A O    1 
ATOM   5    N N    . THR A 1 3  ? -4.817  -7.992  11.396  1.00 18.53  ? 7   THR A N    1 
ATOM   6    C CA   . THR A 1 3  ? -6.025  -7.273  11.784  1.00 17.16  ? 7   THR A CA   1 
ATOM   7    C C    . THR A 1 3  ? -6.743  -6.645  10.599  1.00 13.92  ? 7   THR A C    1 
ATOM   8    O O    . THR A 1 3  ? -7.917  -6.279  10.722  1.00 14.07  ? 7   THR A O    1 
ATOM   9    C CB   . THR A 1 3  ? -5.698  -6.174  12.804  1.00 18.83  ? 7   THR A CB   1 
ATOM   10   O OG1  . THR A 1 3  ? -4.799  -5.211  12.217  1.00 20.20  ? 7   THR A OG1  1 
ATOM   11   C CG2  . THR A 1 3  ? -5.070  -6.780  14.048  1.00 21.79  ? 7   THR A CG2  1 
ATOM   12   H HG21 . THR A 1 3  ? -4.921  -6.091  14.713  1.00 26.16  ? 7   THR A HG21 1 
ATOM   13   H HG22 . THR A 1 3  ? -5.658  -7.456  14.420  1.00 26.16  ? 7   THR A HG22 1 
ATOM   14   H HG23 . THR A 1 3  ? -4.221  -7.191  13.824  1.00 26.16  ? 7   THR A HG23 1 
ATOM   15   N N    . GLY A 1 4  ? -6.059  -6.501  9.463   1.00 11.29  ? 8   GLY A N    1 
ATOM   16   C CA   . GLY A 1 4  ? -6.615  -5.828  8.313   1.00 9.80   ? 8   GLY A CA   1 
ATOM   17   C C    . GLY A 1 4  ? -6.194  -6.483  7.021   1.00 8.96   ? 8   GLY A C    1 
ATOM   18   O O    . GLY A 1 4  ? -5.438  -7.464  6.999   1.00 9.97   ? 8   GLY A O    1 
ATOM   19   N N    . CYS A 1 5  ? -6.718  -5.939  5.923   1.00 9.79   ? 9   CYS A N    1 
ATOM   20   C CA   . CYS A 1 5  ? -6.339  -6.326  4.570   1.00 9.94   ? 9   CYS A CA   1 
ATOM   21   C C    . CYS A 1 5  ? -5.591  -5.167  3.931   1.00 9.09   ? 9   CYS A C    1 
ATOM   22   O O    . CYS A 1 5  ? -6.056  -4.024  3.998   1.00 10.31  ? 9   CYS A O    1 
ATOM   23   C CB   . CYS A 1 5  ? -7.601  -6.596  3.757   1.00 11.42  ? 9   CYS A CB   1 
ATOM   24   S SG   . CYS A 1 5  ? -8.591  -7.938  4.403   1.00 14.92  ? 9   CYS A SG   1 
ATOM   25   N N    . SER A 1 6  ? -4.434  -5.450  3.335   1.00 8.53   ? 10  SER A N    1 
ATOM   26   C CA   . SER A 1 6  ? -3.719  -4.450  2.560   1.00 8.50   ? 10  SER A CA   1 
ATOM   27   C C    . SER A 1 6  ? -4.544  -4.138  1.336   1.00 9.70   ? 10  SER A C    1 
ATOM   28   O O    . SER A 1 6  ? -4.930  -5.050  0.600   1.00 11.20  ? 10  SER A O    1 
ATOM   29   C CB   . SER A 1 6  ? -2.394  -5.016  2.096   1.00 10.91  ? 10  SER A CB   1 
ATOM   30   O OG   . SER A 1 6  ? -1.571  -5.262  3.194   1.00 16.10  ? 10  SER A OG   1 
ATOM   31   N N    A VAL A 1 7  ? -4.807  -2.852  1.121   0.76 8.69   ? 11  VAL A N    1 
ATOM   32   N N    B VAL A 1 7  ? -4.805  -2.859  1.090   0.24 8.68   ? 11  VAL A N    1 
ATOM   33   C CA   A VAL A 1 7  ? -5.650  -2.376  0.036   0.76 9.62   ? 11  VAL A CA   1 
ATOM   34   C CA   B VAL A 1 7  ? -5.684  -2.444  0.006   0.24 8.29   ? 11  VAL A CA   1 
ATOM   35   C C    A VAL A 1 7  ? -4.844  -1.445  -0.853  0.76 8.79   ? 11  VAL A C    1 
ATOM   36   C C    B VAL A 1 7  ? -4.981  -1.401  -0.844  0.24 8.07   ? 11  VAL A C    1 
ATOM   37   O O    A VAL A 1 7  ? -4.080  -0.605  -0.366  0.76 9.33   ? 11  VAL A O    1 
ATOM   38   O O    B VAL A 1 7  ? -4.406  -0.446  -0.314  0.24 8.22   ? 11  VAL A O    1 
ATOM   39   C CB   A VAL A 1 7  ? -6.878  -1.615  0.574   0.76 12.51  ? 11  VAL A CB   1 
ATOM   40   C CB   B VAL A 1 7  ? -7.018  -1.888  0.538   0.24 8.85   ? 11  VAL A CB   1 
ATOM   41   C CG1  A VAL A 1 7  ? -7.706  -1.069  -0.590  0.76 12.14  ? 11  VAL A CG1  1 
ATOM   42   C CG1  B VAL A 1 7  ? -7.781  -2.990  1.243   0.24 11.43  ? 11  VAL A CG1  1 
ATOM   43   C CG2  A VAL A 1 7  ? -7.713  -2.503  1.423   0.76 16.72  ? 11  VAL A CG2  1 
ATOM   44   C CG2  B VAL A 1 7  ? -6.780  -0.720  1.476   0.24 6.81   ? 11  VAL A CG2  1 
ATOM   45   H HG11 A VAL A 1 7  ? -8.571  -0.783  -0.256  0.76 14.59  ? 11  VAL A HG11 1 
ATOM   46   H HG11 B VAL A 1 7  ? -8.728  -2.781  1.223   0.24 13.73  ? 11  VAL A HG11 1 
ATOM   47   H HG12 A VAL A 1 7  ? -7.237  -0.315  -0.983  0.76 14.59  ? 11  VAL A HG12 1 
ATOM   48   H HG12 B VAL A 1 7  ? -7.617  -3.829  0.786   0.24 13.73  ? 11  VAL A HG12 1 
ATOM   49   H HG13 A VAL A 1 7  ? -7.822  -1.768  -1.252  0.76 14.59  ? 11  VAL A HG13 1 
ATOM   50   H HG13 B VAL A 1 7  ? -7.475  -3.048  2.162   0.24 13.73  ? 11  VAL A HG13 1 
ATOM   51   H HG21 A VAL A 1 7  ? -8.557  -2.063  1.607   0.76 20.08  ? 11  VAL A HG21 1 
ATOM   52   H HG21 B VAL A 1 7  ? -7.630  -0.430  1.842   0.24 8.19   ? 11  VAL A HG21 1 
ATOM   53   H HG22 A VAL A 1 7  ? -7.869  -3.336  0.950   0.76 20.08  ? 11  VAL A HG22 1 
ATOM   54   H HG22 B VAL A 1 7  ? -6.192  -1.005  2.193   0.24 8.19   ? 11  VAL A HG22 1 
ATOM   55   H HG23 A VAL A 1 7  ? -7.244  -2.679  2.254   0.76 20.08  ? 11  VAL A HG23 1 
ATOM   56   H HG23 B VAL A 1 7  ? -6.369  0.004   0.979   0.24 8.19   ? 11  VAL A HG23 1 
ATOM   57   N N    . GLU A 1 8  ? -5.029  -1.591  -2.158  1.00 7.88   ? 12  GLU A N    1 
ATOM   58   C CA   . GLU A 1 8  ? -4.619  -0.580  -3.120  1.00 8.94   ? 12  GLU A CA   1 
ATOM   59   C C    . GLU A 1 8  ? -5.823  -0.139  -3.938  1.00 9.00   ? 12  GLU A C    1 
ATOM   60   O O    . GLU A 1 8  ? -6.701  -0.944  -4.271  1.00 9.60   ? 12  GLU A O    1 
ATOM   61   C CB   . GLU A 1 8  ? -3.533  -1.119  -4.052  1.00 11.90  ? 12  GLU A CB   1 
ATOM   62   C CG   . GLU A 1 8  ? -2.271  -1.434  -3.304  1.00 16.87  ? 12  GLU A CG   1 
ATOM   63   C CD   . GLU A 1 8  ? -1.207  -1.994  -4.175  1.00 24.67  ? 12  GLU A CD   1 
ATOM   64   O OE1  . GLU A 1 8  ? -1.301  -1.855  -5.401  1.00 29.36  ? 12  GLU A OE1  1 
ATOM   65   O OE2  . GLU A 1 8  ? -0.267  -2.561  -3.622  1.00 25.42  ? 12  GLU A OE2  1 
ATOM   66   N N    . ILE A 1 9  ? -5.864  1.149   -4.243  1.00 8.41   ? 13  ILE A N    1 
ATOM   67   C CA   . ILE A 1 9  ? -6.877  1.732   -5.109  1.00 8.73   ? 13  ILE A CA   1 
ATOM   68   C C    . ILE A 1 9  ? -6.238  1.836   -6.481  1.00 8.62   ? 13  ILE A C    1 
ATOM   69   O O    . ILE A 1 9  ? -5.168  2.437   -6.617  1.00 9.77   ? 13  ILE A O    1 
ATOM   70   C CB   . ILE A 1 9  ? -7.295  3.120   -4.607  1.00 9.58   ? 13  ILE A CB   1 
ATOM   71   C CG1  . ILE A 1 9  ? -7.804  3.043   -3.175  1.00 10.54  ? 13  ILE A CG1  1 
ATOM   72   C CG2  . ILE A 1 9  ? -8.354  3.694   -5.530  1.00 10.15  ? 13  ILE A CG2  1 
ATOM   73   C CD1  . ILE A 1 9  ? -8.167  4.369   -2.581  1.00 12.45  ? 13  ILE A CD1  1 
ATOM   74   H HG12 . ILE A 1 9  ? -8.597  2.485   -3.158  1.00 12.66  ? 13  ILE A HG12 1 
ATOM   75   H HG13 . ILE A 1 9  ? -7.111  2.651   -2.621  1.00 12.66  ? 13  ILE A HG13 1 
ATOM   76   H HG21 . ILE A 1 9  ? -8.573  4.593   -5.238  1.00 12.20  ? 13  ILE A HG21 1 
ATOM   77   H HG22 . ILE A 1 9  ? -8.005  3.715   -6.435  1.00 12.20  ? 13  ILE A HG22 1 
ATOM   78   H HG23 . ILE A 1 9  ? -9.143  3.132   -5.492  1.00 12.20  ? 13  ILE A HG23 1 
ATOM   79   N N    . ILE A 1 10 ? -6.875  1.236   -7.478  1.00 8.27   ? 14  ILE A N    1 
ATOM   80   C CA   . ILE A 1 10 ? -6.319  1.079   -8.813  1.00 8.60   ? 14  ILE A CA   1 
ATOM   81   C C    . ILE A 1 10 ? -7.143  1.918   -9.788  1.00 8.76   ? 14  ILE A C    1 
ATOM   82   O O    . ILE A 1 10 ? -8.379  1.829   -9.802  1.00 9.36   ? 14  ILE A O    1 
ATOM   83   C CB   . ILE A 1 10 ? -6.329  -0.399  -9.247  1.00 8.92   ? 14  ILE A CB   1 
ATOM   84   C CG1  . ILE A 1 10 ? -5.662  -1.297  -8.203  1.00 9.77   ? 14  ILE A CG1  1 
ATOM   85   C CG2  . ILE A 1 10 ? -5.711  -0.553  -10.630 1.00 9.34   ? 14  ILE A CG2  1 
ATOM   86   C CD1  . ILE A 1 10 ? -4.251  -0.936  -7.870  1.00 10.27  ? 14  ILE A CD1  1 
ATOM   87   H HG12 . ILE A 1 10 ? -6.177  -1.246  -7.382  1.00 11.74  ? 14  ILE A HG12 1 
ATOM   88   H HG13 . ILE A 1 10 ? -5.659  -2.208  -8.537  1.00 11.74  ? 14  ILE A HG13 1 
ATOM   89   H HG21 . ILE A 1 10 ? -5.577  -1.496  -10.813 1.00 11.22  ? 14  ILE A HG21 1 
ATOM   90   H HG22 . ILE A 1 10 ? -6.312  -0.171  -11.290 1.00 11.22  ? 14  ILE A HG22 1 
ATOM   91   H HG23 . ILE A 1 10 ? -4.861  -0.087  -10.650 1.00 11.22  ? 14  ILE A HG23 1 
ATOM   92   N N    . ASN A 1 11 ? -6.463  2.737   -10.596 1.00 8.81   ? 15  ASN A N    1 
ATOM   93   C CA   . ASN A 1 11 ? -7.152  3.614   -11.541 1.00 9.52   ? 15  ASN A CA   1 
ATOM   94   C C    . ASN A 1 11 ? -7.502  2.852   -12.821 1.00 10.42  ? 15  ASN A C    1 
ATOM   95   O O    . ASN A 1 11 ? -7.346  1.631   -12.919 1.00 10.16  ? 15  ASN A O    1 
ATOM   96   C CB   . ASN A 1 11 ? -6.378  4.916   -11.756 1.00 10.46  ? 15  ASN A CB   1 
ATOM   97   C CG   . ASN A 1 11 ? -5.125  4.733   -12.590 1.00 11.47  ? 15  ASN A CG   1 
ATOM   98   O OD1  . ASN A 1 11 ? -4.877  3.681   -13.168 1.00 11.23  ? 15  ASN A OD1  1 
ATOM   99   N ND2  . ASN A 1 11 ? -4.350  5.796   -12.689 1.00 13.37  ? 15  ASN A ND2  1 
ATOM   100  N N    . SER A 1 12 ? -8.015  3.567   -13.816 1.00 12.02  ? 16  SER A N    1 
ATOM   101  C CA   . SER A 1 12 ? -8.496  2.940   -15.035 1.00 13.87  ? 16  SER A CA   1 
ATOM   102  C C    . SER A 1 12 ? -7.358  2.504   -15.949 1.00 14.07  ? 16  SER A C    1 
ATOM   103  O O    . SER A 1 12 ? -7.610  1.819   -16.941 1.00 16.50  ? 16  SER A O    1 
ATOM   104  C CB   . SER A 1 12 ? -9.483  3.871   -15.746 1.00 17.47  ? 16  SER A CB   1 
ATOM   105  O OG   . SER A 1 12 ? -8.827  5.008   -16.271 1.00 20.28  ? 16  SER A OG   1 
ATOM   106  N N    . ASN A 1 13 ? -6.119  2.866   -15.631 1.00 13.02  ? 17  ASN A N    1 
ATOM   107  C CA   . ASN A 1 13 ? -4.942  2.397   -16.353 1.00 14.72  ? 17  ASN A CA   1 
ATOM   108  C C    . ASN A 1 13 ? -4.197  1.324   -15.583 1.00 14.72  ? 17  ASN A C    1 
ATOM   109  O O    . ASN A 1 13 ? -3.047  1.013   -15.912 1.00 16.64  ? 17  ASN A O    1 
ATOM   110  C CB   . ASN A 1 13 ? -3.983  3.559   -16.632 1.00 18.10  ? 17  ASN A CB   1 
ATOM   111  C CG   . ASN A 1 13 ? -4.632  4.670   -17.410 1.00 24.68  ? 17  ASN A CG   1 
ATOM   112  O OD1  . ASN A 1 13 ? -4.598  5.836   -17.004 1.00 28.41  ? 17  ASN A OD1  1 
ATOM   113  N ND2  . ASN A 1 13 ? -5.239  4.322   -18.534 1.00 24.69  ? 17  ASN A ND2  1 
ATOM   114  N N    . GLN A 1 14 ? -4.816  0.770   -14.544 1.00 12.77  ? 18  GLN A N    1 
ATOM   115  C CA   . GLN A 1 14 ? -4.228  -0.298  -13.746 1.00 13.95  ? 18  GLN A CA   1 
ATOM   116  C C    . GLN A 1 14 ? -2.995  0.159   -12.976 1.00 13.34  ? 18  GLN A C    1 
ATOM   117  O O    . GLN A 1 14 ? -2.098  -0.642  -12.701 1.00 15.62  ? 18  GLN A O    1 
ATOM   118  C CB   . GLN A 1 14 ? -3.931  -1.538  -14.601 1.00 17.48  ? 18  GLN A CB   1 
ATOM   119  C CG   . GLN A 1 14 ? -5.110  -1.997  -15.494 1.00 20.02  ? 18  GLN A CG   1 
ATOM   120  C CD   . GLN A 1 14 ? -6.496  -1.839  -14.847 1.00 24.38  ? 18  GLN A CD   1 
ATOM   121  O OE1  . GLN A 1 14 ? -7.337  -1.077  -15.331 1.00 28.78  ? 18  GLN A OE1  1 
ATOM   122  N NE2  . GLN A 1 14 ? -6.740  -2.576  -13.779 1.00 26.13  ? 18  GLN A NE2  1 
ATOM   123  N N    . VAL A 1 15 ? -2.954  1.434   -12.606 1.00 9.90   ? 19  VAL A N    1 
ATOM   124  C CA   . VAL A 1 15 ? -1.899  1.991   -11.770 1.00 10.38  ? 19  VAL A CA   1 
ATOM   125  C C    . VAL A 1 15 ? -2.482  2.311   -10.402 1.00 8.55   ? 19  VAL A C    1 
ATOM   126  O O    . VAL A 1 15 ? -3.592  2.844   -10.297 1.00 10.31  ? 19  VAL A O    1 
ATOM   127  C CB   . VAL A 1 15 ? -1.300  3.252   -12.417 1.00 11.31  ? 19  VAL A CB   1 
ATOM   128  C CG1  . VAL A 1 15 ? -0.253  3.892   -11.539 1.00 11.41  ? 19  VAL A CG1  1 
ATOM   129  C CG2  . VAL A 1 15 ? -0.692  2.914   -13.771 1.00 14.59  ? 19  VAL A CG2  1 
ATOM   130  H HG11 . VAL A 1 15 ? 0.326   4.443   -12.089 1.00 13.71  ? 19  VAL A HG11 1 
ATOM   131  H HG12 . VAL A 1 15 ? -0.693  4.440   -10.870 1.00 13.71  ? 19  VAL A HG12 1 
ATOM   132  H HG13 . VAL A 1 15 ? 0.266   3.196   -11.108 1.00 13.71  ? 19  VAL A HG13 1 
ATOM   133  H HG21 . VAL A 1 15 ? -0.318  3.720   -14.159 1.00 17.52  ? 19  VAL A HG21 1 
ATOM   134  H HG22 . VAL A 1 15 ? 0.006   2.252   -13.646 1.00 17.52  ? 19  VAL A HG22 1 
ATOM   135  H HG23 . VAL A 1 15 ? -1.385  2.559   -14.348 1.00 17.52  ? 19  VAL A HG23 1 
ATOM   136  N N    . SER A 1 16 ? -1.733  1.986   -9.353  1.00 8.46   ? 20  SER A N    1 
ATOM   137  C CA   . SER A 1 16 ? -2.182  2.270   -8.001  1.00 9.40   ? 20  SER A CA   1 
ATOM   138  C C    . SER A 1 16 ? -2.098  3.759   -7.710  1.00 8.46   ? 20  SER A C    1 
ATOM   139  O O    . SER A 1 16 ? -1.110  4.424   -8.015  1.00 9.41   ? 20  SER A O    1 
ATOM   140  C CB   . SER A 1 16 ? -1.343  1.489   -6.991  1.00 10.92  ? 20  SER A CB   1 
ATOM   141  O OG   . SER A 1 16 ? -1.752  1.790   -5.664  1.00 12.97  ? 20  SER A OG   1 
ATOM   142  N N    . VAL A 1 17 ? -3.148  4.281   -7.092  1.00 8.23   ? 21  VAL A N    1 
ATOM   143  C CA   . VAL A 1 17 ? -3.257  5.681   -6.735  1.00 9.02   ? 21  VAL A CA   1 
ATOM   144  C C    . VAL A 1 17 ? -3.495  5.880   -5.243  1.00 10.58  ? 21  VAL A C    1 
ATOM   145  O O    . VAL A 1 17 ? -3.756  6.994   -4.807  1.00 12.84  ? 21  VAL A O    1 
ATOM   146  C CB   . VAL A 1 17 ? -4.328  6.394   -7.583  1.00 10.58  ? 21  VAL A CB   1 
ATOM   147  C CG1  . VAL A 1 17 ? -3.949  6.349   -9.069  1.00 11.56  ? 21  VAL A CG1  1 
ATOM   148  C CG2  . VAL A 1 17 ? -5.702  5.772   -7.347  1.00 11.98  ? 21  VAL A CG2  1 
ATOM   149  H HG11 . VAL A 1 17 ? -4.574  6.895   -9.571  1.00 13.89  ? 21  VAL A HG11 1 
ATOM   150  H HG12 . VAL A 1 17 ? -3.048  6.695   -9.175  1.00 13.89  ? 21  VAL A HG12 1 
ATOM   151  H HG13 . VAL A 1 17 ? -3.988  5.431   -9.378  1.00 13.89  ? 21  VAL A HG13 1 
ATOM   152  H HG21 . VAL A 1 17 ? -6.357  6.238   -7.888  1.00 14.39  ? 21  VAL A HG21 1 
ATOM   153  H HG22 . VAL A 1 17 ? -5.672  4.836   -7.597  1.00 14.39  ? 21  VAL A HG22 1 
ATOM   154  H HG23 . VAL A 1 17 ? -5.929  5.855   -6.407  1.00 14.39  ? 21  VAL A HG23 1 
ATOM   155  N N    . GLY A 1 18 ? -3.390  4.820   -4.455  1.00 9.38   ? 22  GLY A N    1 
ATOM   156  C CA   . GLY A 1 18 ? -3.489  4.934   -3.015  1.00 9.97   ? 22  GLY A CA   1 
ATOM   157  C C    . GLY A 1 18 ? -3.398  3.564   -2.382  1.00 8.32   ? 22  GLY A C    1 
ATOM   158  O O    . GLY A 1 18 ? -3.619  2.543   -3.038  1.00 9.17   ? 22  GLY A O    1 
ATOM   159  N N    . SER A 1 19 ? -3.039  3.558   -1.099  1.00 8.63   ? 23  SER A N    1 
ATOM   160  C CA   . SER A 1 19 ? -2.942  2.288   -0.395  1.00 10.25  ? 23  SER A CA   1 
ATOM   161  C C    . SER A 1 19 ? -3.105  2.498   1.097   1.00 9.47   ? 23  SER A C    1 
ATOM   162  O O    . SER A 1 19 ? -2.904  3.588   1.623   1.00 11.06  ? 23  SER A O    1 
ATOM   163  C CB   . SER A 1 19 ? -1.612  1.585   -0.686  1.00 12.18  ? 23  SER A CB   1 
ATOM   164  O OG   . SER A 1 19 ? -0.526  2.248   -0.065  1.00 14.47  ? 23  SER A OG   1 
ATOM   165  N N    . GLY A 1 20 ? -3.435  1.412   1.780   1.00 9.91   ? 24  GLY A N    1 
ATOM   166  C CA   . GLY A 1 20 ? -3.509  1.439   3.224   1.00 10.85  ? 24  GLY A CA   1 
ATOM   167  C C    . GLY A 1 20 ? -3.896  0.080   3.757   1.00 10.98  ? 24  GLY A C    1 
ATOM   168  O O    . GLY A 1 20 ? -3.884  -0.917  3.043   1.00 12.67  ? 24  GLY A O    1 
ATOM   169  N N    . CYS A 1 21 ? -4.252  0.066   5.032   1.00 9.56   ? 25  CYS A N    1 
ATOM   170  C CA   . CYS A 1 21 ? -4.591  -1.157  5.741   1.00 11.30  ? 25  CYS A CA   1 
ATOM   171  C C    . CYS A 1 21 ? -6.040  -1.042  6.190   1.00 10.41  ? 25  CYS A C    1 
ATOM   172  O O    . CYS A 1 21 ? -6.364  -0.229  7.063   1.00 12.17  ? 25  CYS A O    1 
ATOM   173  C CB   . CYS A 1 21 ? -3.670  -1.338  6.940   1.00 12.16  ? 25  CYS A CB   1 
ATOM   174  S SG   . CYS A 1 21 ? -3.951  -2.902  7.838   1.00 15.35  ? 25  CYS A SG   1 
ATOM   175  N N    . ALA A 1 22 ? -6.903  -1.857  5.598   1.00 9.73   ? 26  ALA A N    1 
ATOM   176  C CA   . ALA A 1 22 ? -8.334  -1.803  5.876   1.00 9.97   ? 26  ALA A CA   1 
ATOM   177  C C    . ALA A 1 22 ? -8.646  -2.833  6.957   1.00 10.09  ? 26  ALA A C    1 
ATOM   178  O O    . ALA A 1 22 ? -8.573  -4.039  6.717   1.00 11.39  ? 26  ALA A O    1 
ATOM   179  C CB   . ALA A 1 22 ? -9.159  -2.057  4.619   1.00 10.48  ? 26  ALA A CB   1 
ATOM   180  N N    . ARG A 1 23 ? -9.039  -2.356  8.128   1.00 9.76   ? 27  ARG A N    1 
ATOM   181  C CA   . ARG A 1 23 ? -9.379  -3.246  9.228   1.00 9.91   ? 27  ARG A CA   1 
ATOM   182  C C    . ARG A 1 23 ? -10.500 -4.190  8.822   1.00 8.40   ? 27  ARG A C    1 
ATOM   183  O O    . ARG A 1 23 ? -11.508 -3.767  8.255   1.00 10.25  ? 27  ARG A O    1 
ATOM   184  C CB   . ARG A 1 23 ? -9.805  -2.411  10.435  1.00 13.43  ? 27  ARG A CB   1 
ATOM   185  C CG   . ARG A 1 23 ? -10.137 -3.253  11.660  1.00 19.36  ? 27  ARG A CG   1 
ATOM   186  C CD   . ARG A 1 23 ? -10.694 -2.403  12.804  1.00 24.00  ? 27  ARG A CD   1 
ATOM   187  N NE   . ARG A 1 23 ? -11.279 -3.186  13.897  1.00 28.98  ? 27  ARG A NE   1 
ATOM   188  C CZ   . ARG A 1 23 ? -10.573 -3.948  14.730  1.00 31.95  ? 27  ARG A CZ   1 
ATOM   189  N NH1  . ARG A 1 23 ? -9.255  -4.040  14.587  1.00 31.19  ? 27  ARG A NH1  1 
ATOM   190  N NH2  . ARG A 1 23 ? -11.181 -4.623  15.699  1.00 33.37  ? 27  ARG A NH2  1 
ATOM   191  N N    . ILE A 1 24 ? -10.329 -5.468  9.139   1.00 9.75   ? 28  ILE A N    1 
ATOM   192  C CA   . ILE A 1 24 ? -11.332 -6.463  8.797   1.00 9.63   ? 28  ILE A CA   1 
ATOM   193  C C    . ILE A 1 24 ? -12.611 -6.205  9.583   1.00 10.43  ? 28  ILE A C    1 
ATOM   194  O O    . ILE A 1 24 ? -12.576 -5.857  10.771  1.00 11.49  ? 28  ILE A O    1 
ATOM   195  C CB   . ILE A 1 24 ? -10.754 -7.864  9.053   1.00 11.51  ? 28  ILE A CB   1 
ATOM   196  C CG1  . ILE A 1 24 ? -9.762  -8.174  7.931   1.00 12.32  ? 28  ILE A CG1  1 
ATOM   197  C CG2  . ILE A 1 24 ? -11.842 -8.892  9.133   1.00 13.31  ? 28  ILE A CG2  1 
ATOM   198  C CD1  . ILE A 1 24 ? -8.863  -9.353  8.184   1.00 14.27  ? 28  ILE A CD1  1 
ATOM   199  H HG12 . ILE A 1 24 ? -10.263 -8.359  7.121   1.00 14.80  ? 28  ILE A HG12 1 
ATOM   200  H HG13 . ILE A 1 24 ? -9.196  -7.398  7.800   1.00 14.80  ? 28  ILE A HG13 1 
ATOM   201  H HG21 . ILE A 1 24 ? -11.449 -9.774  9.057   1.00 15.98  ? 28  ILE A HG21 1 
ATOM   202  H HG22 . ILE A 1 24 ? -12.296 -8.804  9.985   1.00 15.98  ? 28  ILE A HG22 1 
ATOM   203  H HG23 . ILE A 1 24 ? -12.468 -8.744  8.407   1.00 15.98  ? 28  ILE A HG23 1 
ATOM   204  N N    . ASN A 1 25 ? -13.749 -6.343  8.904   1.00 9.33   ? 29  ASN A N    1 
ATOM   205  C CA   . ASN A 1 25 ? -15.062 -6.132  9.505   1.00 10.66  ? 29  ASN A CA   1 
ATOM   206  C C    . ASN A 1 25 ? -15.197 -4.704  10.019  1.00 11.57  ? 29  ASN A C    1 
ATOM   207  O O    . ASN A 1 25 ? -15.729 -4.441  11.100  1.00 12.97  ? 29  ASN A O    1 
ATOM   208  C CB   . ASN A 1 25 ? -15.362 -7.171  10.578  1.00 11.69  ? 29  ASN A CB   1 
ATOM   209  C CG   . ASN A 1 25 ? -15.528 -8.554  10.002  1.00 11.92  ? 29  ASN A CG   1 
ATOM   210  O OD1  . ASN A 1 25 ? -15.982 -8.709  8.860   1.00 12.54  ? 29  ASN A OD1  1 
ATOM   211  N ND2  . ASN A 1 25 ? -15.163 -9.576  10.780  1.00 15.12  ? 29  ASN A ND2  1 
ATOM   212  N N    . SER A 1 26 ? -14.750 -3.764  9.207   1.00 11.72  ? 30  SER A N    1 
ATOM   213  C CA   . SER A 1 26 ? -14.836 -2.354  9.527   1.00 11.75  ? 30  SER A CA   1 
ATOM   214  C C    . SER A 1 26 ? -14.805 -1.579  8.221   1.00 10.95  ? 30  SER A C    1 
ATOM   215  O O    . SER A 1 26 ? -14.601 -2.144  7.137   1.00 10.07  ? 30  SER A O    1 
ATOM   216  C CB   . SER A 1 26 ? -13.679 -1.926  10.432  1.00 16.13  ? 30  SER A CB   1 
ATOM   217  O OG   . SER A 1 26 ? -13.937 -0.637  10.956  1.00 22.45  ? 30  SER A OG   1 
ATOM   218  N N    . VAL A 1 27 ? -14.984 -0.272  8.354   1.00 11.85  ? 31  VAL A N    1 
ATOM   219  C CA   . VAL A 1 27 ? -14.754 0.689   7.285   1.00 11.64  ? 31  VAL A CA   1 
ATOM   220  C C    . VAL A 1 27 ? -13.547 1.530   7.683   1.00 11.92  ? 31  VAL A C    1 
ATOM   221  O O    . VAL A 1 27 ? -13.494 2.057   8.801   1.00 13.60  ? 31  VAL A O    1 
ATOM   222  C CB   . VAL A 1 27 ? -15.988 1.576   7.066   1.00 12.74  ? 31  VAL A CB   1 
ATOM   223  C CG1  . VAL A 1 27 ? -15.736 2.507   5.904   1.00 14.81  ? 31  VAL A CG1  1 
ATOM   224  C CG2  . VAL A 1 27 ? -17.204 0.729   6.798   1.00 15.44  ? 31  VAL A CG2  1 
ATOM   225  H HG11 . VAL A 1 27 ? -16.559 2.972   5.688   1.00 17.79  ? 31  VAL A HG11 1 
ATOM   226  H HG12 . VAL A 1 27 ? -15.050 3.146   6.154   1.00 17.79  ? 31  VAL A HG12 1 
ATOM   227  H HG13 . VAL A 1 27 ? -15.440 1.987   5.141   1.00 17.79  ? 31  VAL A HG13 1 
ATOM   228  H HG21 . VAL A 1 27 ? -17.922 1.299   6.478   1.00 18.54  ? 31  VAL A HG21 1 
ATOM   229  H HG22 . VAL A 1 27 ? -16.985 0.065   6.127   1.00 18.54  ? 31  VAL A HG22 1 
ATOM   230  H HG23 . VAL A 1 27 ? -17.473 0.291   7.621   1.00 18.54  ? 31  VAL A HG23 1 
ATOM   231  N N    . THR A 1 28 ? -12.588 1.659   6.774   1.00 10.51  ? 32  THR A N    1 
ATOM   232  C CA   . THR A 1 28 ? -11.346 2.372   7.024   1.00 9.90   ? 32  THR A CA   1 
ATOM   233  C C    . THR A 1 28 ? -11.162 3.347   5.875   1.00 9.98   ? 32  THR A C    1 
ATOM   234  O O    . THR A 1 28 ? -11.264 2.960   4.710   1.00 11.02  ? 32  THR A O    1 
ATOM   235  C CB   . THR A 1 28 ? -10.147 1.419   7.056   1.00 10.68  ? 32  THR A CB   1 
ATOM   236  O OG1  . THR A 1 28 ? -10.353 0.381   8.013   1.00 12.07  ? 32  THR A OG1  1 
ATOM   237  C CG2  . THR A 1 28 ? -8.876  2.161   7.428   1.00 11.32  ? 32  THR A CG2  1 
ATOM   238  H HG21 . THR A 1 28 ? -8.132  1.541   7.481   1.00 13.60  ? 32  THR A HG21 1 
ATOM   239  H HG22 . THR A 1 28 ? -8.677  2.836   6.759   1.00 13.60  ? 32  THR A HG22 1 
ATOM   240  H HG23 . THR A 1 28 ? -8.986  2.596   8.289   1.00 13.60  ? 32  THR A HG23 1 
ATOM   241  N N    . ASN A 1 29 ? -10.856 4.595   6.190   1.00 11.02  ? 33  ASN A N    1 
ATOM   242  C CA   . ASN A 1 29 ? -10.632 5.566   5.130   1.00 12.63  ? 33  ASN A CA   1 
ATOM   243  C C    . ASN A 1 29 ? -9.233  5.423   4.550   1.00 12.24  ? 33  ASN A C    1 
ATOM   244  O O    . ASN A 1 29 ? -8.239  5.363   5.275   1.00 14.67  ? 33  ASN A O    1 
ATOM   245  C CB   . ASN A 1 29 ? -10.907 6.982   5.607   1.00 17.11  ? 33  ASN A CB   1 
ATOM   246  C CG   . ASN A 1 29 ? -12.409 7.270   5.693   1.00 22.04  ? 33  ASN A CG   1 
ATOM   247  O OD1  . ASN A 1 29 ? -13.191 6.868   4.827   1.00 24.65  ? 33  ASN A OD1  1 
ATOM   248  N ND2  . ASN A 1 29 ? -12.811 7.967   6.749   1.00 26.26  ? 33  ASN A ND2  1 
ATOM   249  N N    . ILE A 1 30 ? -9.182  5.290   3.234   1.00 11.84  ? 34  ILE A N    1 
ATOM   250  C CA   . ILE A 1 30 ? -7.956  5.162   2.468   1.00 12.70  ? 34  ILE A CA   1 
ATOM   251  C C    . ILE A 1 30 ? -7.921  6.337   1.501   1.00 12.34  ? 34  ILE A C    1 
ATOM   252  O O    . ILE A 1 30 ? -8.884  6.570   0.767   1.00 11.51  ? 34  ILE A O    1 
ATOM   253  C CB   . ILE A 1 30 ? -7.950  3.848   1.655   1.00 14.67  ? 34  ILE A CB   1 
ATOM   254  C CG1  . ILE A 1 30 ? -8.234  2.644   2.546   1.00 17.25  ? 34  ILE A CG1  1 
ATOM   255  C CG2  . ILE A 1 30 ? -6.665  3.707   0.860   1.00 14.84  ? 34  ILE A CG2  1 
ATOM   256  C CD1  . ILE A 1 30 ? -7.127  2.276   3.435   1.00 19.61  ? 34  ILE A CD1  1 
ATOM   257  H HG12 . ILE A 1 30 ? -9.003  2.846   3.102   1.00 20.71  ? 34  ILE A HG12 1 
ATOM   258  H HG13 . ILE A 1 30 ? -8.424  1.879   1.981   1.00 20.71  ? 34  ILE A HG13 1 
ATOM   259  H HG21 . ILE A 1 30 ? -6.609  2.805   0.507   1.00 17.83  ? 34  ILE A HG21 1 
ATOM   260  H HG22 . ILE A 1 30 ? -6.673  4.347   0.131   1.00 17.83  ? 34  ILE A HG22 1 
ATOM   261  H HG23 . ILE A 1 30 ? -5.911  3.880   1.444   1.00 17.83  ? 34  ILE A HG23 1 
ATOM   262  N N    . GLY A 1 31 ? -6.810  7.050   1.468   1.00 12.19  ? 35  GLY A N    1 
ATOM   263  C CA   . GLY A 1 31 ? -6.689  8.184   0.577   1.00 10.98  ? 35  GLY A CA   1 
ATOM   264  C C    . GLY A 1 31 ? -6.210  7.802   -0.811  1.00 11.53  ? 35  GLY A C    1 
ATOM   265  O O    . GLY A 1 31 ? -5.505  6.810   -1.002  1.00 13.93  ? 35  GLY A O    1 
ATOM   266  N N    . ASP A 1 32 ? -6.602  8.605   -1.795  1.00 11.04  ? 36  ASP A N    1 
ATOM   267  C CA   . ASP A 1 32 ? -6.009  8.537   -3.120  1.00 11.50  ? 36  ASP A CA   1 
ATOM   268  C C    . ASP A 1 32 ? -5.070  9.712   -3.343  1.00 12.18  ? 36  ASP A C    1 
ATOM   269  O O    . ASP A 1 32 ? -4.932  10.603  -2.504  1.00 14.07  ? 36  ASP A O    1 
ATOM   270  C CB   . ASP A 1 32 ? -7.060  8.387   -4.227  1.00 10.19  ? 36  ASP A CB   1 
ATOM   271  C CG   . ASP A 1 32 ? -7.907  9.616   -4.452  1.00 9.82   ? 36  ASP A CG   1 
ATOM   272  O OD1  . ASP A 1 32 ? -7.498  10.739  -4.115  1.00 11.18  ? 36  ASP A OD1  1 
ATOM   273  O OD2  . ASP A 1 32 ? -9.010  9.430   -5.008  1.00 10.15  ? 36  ASP A OD2  1 
ATOM   274  N N    . ASN A 1 33 ? -4.394  9.675   -4.486  1.00 11.90  ? 37  ASN A N    1 
ATOM   275  C CA   . ASN A 1 33 ? -3.372  10.665  -4.773  1.00 13.14  ? 37  ASN A CA   1 
ATOM   276  C C    . ASN A 1 33 ? -3.950  11.980  -5.268  1.00 15.84  ? 37  ASN A C    1 
ATOM   277  O O    . ASN A 1 33 ? -3.177  12.875  -5.619  1.00 19.71  ? 37  ASN A O    1 
ATOM   278  C CB   . ASN A 1 33 ? -2.347  10.117  -5.774  1.00 13.33  ? 37  ASN A CB   1 
ATOM   279  C CG   . ASN A 1 33 ? -2.927  9.885   -7.151  1.00 15.45  ? 37  ASN A CG   1 
ATOM   280  O OD1  . ASN A 1 33 ? -4.117  10.058  -7.377  1.00 15.63  ? 37  ASN A OD1  1 
ATOM   281  N ND2  . ASN A 1 33 ? -2.083  9.469   -8.072  1.00 17.30  ? 37  ASN A ND2  1 
ATOM   282  N N    . GLN A 1 34 ? -5.279  12.115  -5.293  1.00 14.78  ? 38  GLN A N    1 
ATOM   283  C CA   . GLN A 1 34 ? -5.960  13.376  -5.546  1.00 16.73  ? 38  GLN A CA   1 
ATOM   284  C C    . GLN A 1 34 ? -6.483  13.997  -4.255  1.00 17.73  ? 38  GLN A C    1 
ATOM   285  O O    . GLN A 1 34 ? -7.292  14.923  -4.305  1.00 19.84  ? 38  GLN A O    1 
ATOM   286  C CB   . GLN A 1 34 ? -7.133  13.155  -6.509  1.00 19.68  ? 38  GLN A CB   1 
ATOM   287  C CG   . GLN A 1 34 ? -6.730  12.793  -7.925  1.00 22.18  ? 38  GLN A CG   1 
ATOM   288  C CD   . GLN A 1 34 ? -7.916  12.557  -8.850  1.00 24.13  ? 38  GLN A CD   1 
ATOM   289  O OE1  . GLN A 1 34 ? -8.900  13.305  -8.835  1.00 26.12  ? 38  GLN A OE1  1 
ATOM   290  N NE2  . GLN A 1 34 ? -7.817  11.520  -9.679  1.00 24.80  ? 38  GLN A NE2  1 
ATOM   291  N N    . GLY A 1 35 ? -6.072  13.475  -3.108  1.00 16.86  ? 39  GLY A N    1 
ATOM   292  C CA   . GLY A 1 35 ? -6.471  14.001  -1.824  1.00 18.51  ? 39  GLY A CA   1 
ATOM   293  C C    . GLY A 1 35 ? -7.845  13.591  -1.364  1.00 17.71  ? 39  GLY A C    1 
ATOM   294  O O    . GLY A 1 35 ? -8.348  14.147  -0.378  1.00 21.56  ? 39  GLY A O    1 
ATOM   295  N N    . ARG A 1 36 ? -8.472  12.636  -2.033  1.00 13.81  ? 40  ARG A N    1 
ATOM   296  C CA   . ARG A 1 36 ? -9.813  12.198  -1.667  1.00 13.57  ? 40  ARG A CA   1 
ATOM   297  C C    . ARG A 1 36 ? -9.726  11.006  -0.732  1.00 13.49  ? 40  ARG A C    1 
ATOM   298  O O    . ARG A 1 36 ? -8.732  10.275  -0.723  1.00 16.49  ? 40  ARG A O    1 
ATOM   299  C CB   . ARG A 1 36 ? -10.577 11.827  -2.939  1.00 15.33  ? 40  ARG A CB   1 
ATOM   300  C CG   . ARG A 1 36 ? -10.582 12.992  -3.931  1.00 16.93  ? 40  ARG A CG   1 
ATOM   301  C CD   . ARG A 1 36 ? -11.290 12.672  -5.234  1.00 18.64  ? 40  ARG A CD   1 
ATOM   302  N NE   . ARG A 1 36 ? -10.708 11.533  -5.919  1.00 18.25  ? 40  ARG A NE   1 
ATOM   303  C CZ   . ARG A 1 36 ? -10.960 11.208  -7.178  1.00 18.38  ? 40  ARG A CZ   1 
ATOM   304  N NH1  . ARG A 1 36 ? -11.757 11.964  -7.920  1.00 18.51  ? 40  ARG A NH1  1 
ATOM   305  N NH2  . ARG A 1 36 ? -10.424 10.129  -7.695  1.00 18.10  ? 40  ARG A NH2  1 
ATOM   306  N N    . ARG A 1 37 ? -10.764 10.826  0.080   1.00 13.51  ? 41  ARG A N    1 
ATOM   307  C CA   . ARG A 1 37 ? -10.832 9.719   1.020   1.00 15.65  ? 41  ARG A CA   1 
ATOM   308  C C    . ARG A 1 37 ? -11.912 8.740   0.578   1.00 13.64  ? 41  ARG A C    1 
ATOM   309  O O    . ARG A 1 37 ? -13.014 9.141   0.183   1.00 14.68  ? 41  ARG A O    1 
ATOM   310  C CB   . ARG A 1 37 ? -11.168 10.202  2.436   1.00 21.16  ? 41  ARG A CB   1 
ATOM   311  C CG   . ARG A 1 37 ? -10.496 11.485  2.879   1.00 26.93  ? 41  ARG A CG   1 
ATOM   312  C CD   . ARG A 1 37 ? -8.991  11.327  2.994   1.00 30.59  ? 41  ARG A CD   1 
ATOM   313  N NE   . ARG A 1 37 ? -8.570  10.267  3.917   1.00 32.95  ? 41  ARG A NE   1 
ATOM   314  C CZ   . ARG A 1 37 ? -7.302  9.903   4.097   1.00 34.15  ? 41  ARG A CZ   1 
ATOM   315  N NH1  . ARG A 1 37 ? -6.337  10.521  3.429   1.00 33.37  ? 41  ARG A NH1  1 
ATOM   316  N NH2  . ARG A 1 37 ? -7.000  8.927   4.944   1.00 34.67  ? 41  ARG A NH2  1 
ATOM   317  N N    . TRP A 1 38 ? -11.614 7.454   0.690   1.00 10.81  ? 42  TRP A N    1 
ATOM   318  C CA   . TRP A 1 38 ? -12.538 6.392   0.330   1.00 10.69  ? 42  TRP A CA   1 
ATOM   319  C C    . TRP A 1 38 ? -12.729 5.477   1.519   1.00 11.04  ? 42  TRP A C    1 
ATOM   320  O O    . TRP A 1 38 ? -11.758 4.980   2.088   1.00 12.15  ? 42  TRP A O    1 
ATOM   321  C CB   . TRP A 1 38 ? -11.980 5.590   -0.834  1.00 10.02  ? 42  TRP A CB   1 
ATOM   322  C CG   . TRP A 1 38 ? -11.795 6.455   -2.039  1.00 10.28  ? 42  TRP A CG   1 
ATOM   323  C CD1  . TRP A 1 38 ? -10.633 7.040   -2.478  1.00 10.44  ? 42  TRP A CD1  1 
ATOM   324  C CD2  . TRP A 1 38 ? -12.820 6.853   -2.950  1.00 10.01  ? 42  TRP A CD2  1 
ATOM   325  N NE1  . TRP A 1 38 ? -10.883 7.767   -3.620  1.00 10.09  ? 42  TRP A NE1  1 
ATOM   326  C CE2  . TRP A 1 38 ? -12.218 7.670   -3.925  1.00 10.83  ? 42  TRP A CE2  1 
ATOM   327  C CE3  . TRP A 1 38 ? -14.190 6.581   -3.041  1.00 11.90  ? 42  TRP A CE3  1 
ATOM   328  C CZ2  . TRP A 1 38 ? -12.943 8.226   -4.973  1.00 11.47  ? 42  TRP A CZ2  1 
ATOM   329  C CZ3  . TRP A 1 38 ? -14.902 7.131   -4.069  1.00 12.09  ? 42  TRP A CZ3  1 
ATOM   330  C CH2  . TRP A 1 38 ? -14.284 7.940   -5.020  1.00 11.98  ? 42  TRP A CH2  1 
ATOM   331  N N    . GLY A 1 39 ? -13.978 5.230   1.869   1.00 9.66   ? 43  GLY A N    1 
ATOM   332  C CA   . GLY A 1 39 ? -14.255 4.340   2.983   1.00 10.48  ? 43  GLY A CA   1 
ATOM   333  C C    . GLY A 1 39 ? -14.336 2.906   2.532   1.00 9.63   ? 43  GLY A C    1 
ATOM   334  O O    . GLY A 1 39 ? -15.273 2.502   1.846   1.00 11.31  ? 43  GLY A O    1 
ATOM   335  N N    . VAL A 1 40 ? -13.332 2.128   2.892   1.00 10.00  ? 44  VAL A N    1 
ATOM   336  C CA   . VAL A 1 40 ? -13.173 0.770   2.395   1.00 10.22  ? 44  VAL A CA   1 
ATOM   337  C C    . VAL A 1 40 ? -13.706 -0.203  3.435   1.00 10.12  ? 44  VAL A C    1 
ATOM   338  O O    . VAL A 1 40 ? -13.245 -0.218  4.583   1.00 10.05  ? 44  VAL A O    1 
ATOM   339  C CB   . VAL A 1 40 ? -11.703 0.473   2.054   1.00 10.31  ? 44  VAL A CB   1 
ATOM   340  C CG1  . VAL A 1 40 ? -11.542 -0.969  1.703   1.00 10.33  ? 44  VAL A CG1  1 
ATOM   341  C CG2  . VAL A 1 40 ? -11.269 1.387   0.905   1.00 11.62  ? 44  VAL A CG2  1 
ATOM   342  H HG11 . VAL A 1 40 ? -10.684 -1.094  1.269   1.00 12.41  ? 44  VAL A HG11 1 
ATOM   343  H HG12 . VAL A 1 40 ? -11.581 -1.497  2.517   1.00 12.41  ? 44  VAL A HG12 1 
ATOM   344  H HG13 . VAL A 1 40 ? -12.258 -1.230  1.104   1.00 12.41  ? 44  VAL A HG13 1 
ATOM   345  H HG21 . VAL A 1 40 ? -10.367 1.152   0.638   1.00 13.95  ? 44  VAL A HG21 1 
ATOM   346  H HG22 . VAL A 1 40 ? -11.876 1.267   0.158   1.00 13.95  ? 44  VAL A HG22 1 
ATOM   347  H HG23 . VAL A 1 40 ? -11.295 2.310   1.207   1.00 13.95  ? 44  VAL A HG23 1 
ATOM   348  N N    . LEU A 1 41 ? -14.669 -1.022  3.021   1.00 9.97   ? 45  LEU A N    1 
ATOM   349  C CA   . LEU A 1 41 ? -15.097 -2.177  3.787   1.00 8.97   ? 45  LEU A CA   1 
ATOM   350  C C    . LEU A 1 41 ? -14.202 -3.358  3.458   1.00 9.32   ? 45  LEU A C    1 
ATOM   351  O O    . LEU A 1 41 ? -13.899 -3.610  2.283   1.00 9.95   ? 45  LEU A O    1 
ATOM   352  C CB   . LEU A 1 41 ? -16.504 -2.578  3.353   1.00 10.23  ? 45  LEU A CB   1 
ATOM   353  C CG   . LEU A 1 41 ? -17.679 -1.687  3.692   1.00 14.59  ? 45  LEU A CG   1 
ATOM   354  C CD1  . LEU A 1 41 ? -17.790 -0.522  2.759   1.00 18.03  ? 45  LEU A CD1  1 
ATOM   355  C CD2  . LEU A 1 41 ? -18.983 -2.518  3.635   1.00 16.65  ? 45  LEU A CD2  1 
ATOM   356  N N    . ALA A 1 42 ? -13.841 -4.132  4.486   1.00 9.38   ? 46  ALA A N    1 
ATOM   357  C CA   . ALA A 1 42 ? -13.077 -5.354  4.298   1.00 9.11   ? 46  ALA A CA   1 
ATOM   358  C C    . ALA A 1 42 ? -13.709 -6.469  5.107   1.00 9.56   ? 46  ALA A C    1 
ATOM   359  O O    . ALA A 1 42 ? -14.156 -6.244  6.233   1.00 10.82  ? 46  ALA A O    1 
ATOM   360  C CB   . ALA A 1 42 ? -11.619 -5.192  4.733   1.00 10.07  ? 46  ALA A CB   1 
ATOM   361  N N    . ASN A 1 43 ? -13.706 -7.675  4.555   1.00 9.92   ? 47  ASN A N    1 
ATOM   362  C CA   . ASN A 1 43 ? -14.131 -8.850  5.306   1.00 10.13  ? 47  ASN A CA   1 
ATOM   363  C C    . ASN A 1 43 ? -12.937 -9.763  5.571   1.00 10.80  ? 47  ASN A C    1 
ATOM   364  O O    . ASN A 1 43 ? -11.811 -9.492  5.149   1.00 11.83  ? 47  ASN A O    1 
ATOM   365  C CB   . ASN A 1 43 ? -15.303 -9.567  4.634   1.00 10.42  ? 47  ASN A CB   1 
ATOM   366  C CG   . ASN A 1 43 ? -15.005 -10.016 3.233   1.00 11.15  ? 47  ASN A CG   1 
ATOM   367  O OD1  . ASN A 1 43 ? -13.954 -10.563 2.967   1.00 11.93  ? 47  ASN A OD1  1 
ATOM   368  N ND2  . ASN A 1 43 ? -15.952 -9.807  2.324   1.00 14.10  ? 47  ASN A ND2  1 
ATOM   369  N N    . SER A 1 44 ? -13.196 -10.862 6.284   1.00 13.23  ? 48  SER A N    1 
ATOM   370  C CA   . SER A 1 44 ? -12.103 -11.703 6.753   1.00 16.01  ? 48  SER A CA   1 
ATOM   371  C C    . SER A 1 44 ? -11.412 -12.468 5.634   1.00 16.73  ? 48  SER A C    1 
ATOM   372  O O    . SER A 1 44 ? -10.315 -12.994 5.860   1.00 18.25  ? 48  SER A O    1 
ATOM   373  C CB   . SER A 1 44 ? -12.637 -12.672 7.806   1.00 19.36  ? 48  SER A CB   1 
ATOM   374  O OG   . SER A 1 44 ? -13.595 -13.531 7.223   1.00 21.12  ? 48  SER A OG   1 
ATOM   375  N N    . SER A 1 45 ? -12.014 -12.538 4.452   1.00 16.13  ? 49  SER A N    1 
ATOM   376  C CA   . SER A 1 45 ? -11.387 -13.085 3.260   1.00 17.21  ? 49  SER A CA   1 
ATOM   377  C C    . SER A 1 45 ? -10.744 -12.015 2.393   1.00 15.97  ? 49  SER A C    1 
ATOM   378  O O    . SER A 1 45 ? -10.296 -12.316 1.281   1.00 16.45  ? 49  SER A O    1 
ATOM   379  C CB   . SER A 1 45 ? -12.438 -13.822 2.439   1.00 20.53  ? 49  SER A CB   1 
ATOM   380  O OG   . SER A 1 45 ? -13.077 -14.782 3.256   1.00 26.49  ? 49  SER A OG   1 
ATOM   381  N N    . CYS A 1 46 ? -10.728 -10.766 2.852   1.00 13.37  ? 50  CYS A N    1 
ATOM   382  C CA   . CYS A 1 46 ? -10.152 -9.646  2.113   1.00 12.51  ? 50  CYS A CA   1 
ATOM   383  C C    . CYS A 1 46 ? -10.908 -9.332  0.827   1.00 12.07  ? 50  CYS A C    1 
ATOM   384  O O    . CYS A 1 46 ? -10.365 -8.742  -0.105  1.00 12.38  ? 50  CYS A O    1 
ATOM   385  C CB   . CYS A 1 46 ? -8.652  -9.839  1.922   1.00 14.69  ? 50  CYS A CB   1 
ATOM   386  S SG   . CYS A 1 46 ? -7.794  -9.625  3.527   1.00 17.28  ? 50  CYS A SG   1 
ATOM   387  N N    . GLY A 1 47 ? -12.200 -9.639  0.805   1.00 11.81  ? 51  GLY A N    1 
ATOM   388  C CA   . GLY A 1 47 ? -13.086 -8.933  -0.090  1.00 11.10  ? 51  GLY A CA   1 
ATOM   389  C C    . GLY A 1 47 ? -13.151 -7.479  0.330   1.00 9.22   ? 51  GLY A C    1 
ATOM   390  O O    . GLY A 1 47 ? -13.142 -7.157  1.523   1.00 10.40  ? 51  GLY A O    1 
ATOM   391  N N    . LEU A 1 48 ? -13.229 -6.593  -0.669  1.00 8.79   ? 52  LEU A N    1 
ATOM   392  C CA   . LEU A 1 48 ? -13.164 -5.163  -0.430  1.00 8.56   ? 52  LEU A CA   1 
ATOM   393  C C    . LEU A 1 48 ? -14.233 -4.454  -1.237  1.00 9.61   ? 52  LEU A C    1 
ATOM   394  O O    . LEU A 1 48 ? -14.509 -4.838  -2.368  1.00 11.83  ? 52  LEU A O    1 
ATOM   395  C CB   . LEU A 1 48 ? -11.829 -4.564  -0.874  1.00 11.07  ? 52  LEU A CB   1 
ATOM   396  C CG   . LEU A 1 48 ? -10.578 -5.169  -0.274  1.00 11.26  ? 52  LEU A CG   1 
ATOM   397  C CD1  . LEU A 1 48 ? -9.352  -4.683  -1.047  1.00 12.01  ? 52  LEU A CD1  1 
ATOM   398  C CD2  . LEU A 1 48 ? -10.472 -4.829  1.197   1.00 12.71  ? 52  LEU A CD2  1 
ATOM   399  N N    . SER A 1 49 ? -14.824 -3.416  -0.661  1.00 9.29   ? 53  SER A N    1 
ATOM   400  C CA   . SER A 1 49 ? -15.724 -2.528  -1.395  1.00 8.92   ? 53  SER A CA   1 
ATOM   401  C C    . SER A 1 49 ? -15.607 -1.148  -0.768  1.00 8.68   ? 53  SER A C    1 
ATOM   402  O O    . SER A 1 49 ? -14.892 -0.966  0.209   1.00 9.76   ? 53  SER A O    1 
ATOM   403  C CB   . SER A 1 49 ? -17.153 -3.052  -1.345  1.00 9.86   ? 53  SER A CB   1 
ATOM   404  O OG   . SER A 1 49 ? -17.612 -3.063  -0.008  1.00 11.97  ? 53  SER A OG   1 
ATOM   405  N N    . THR A 1 50 ? -16.291 -0.166  -1.338  1.00 10.38  ? 54  THR A N    1 
ATOM   406  C CA   . THR A 1 50 ? -16.273 1.187   -0.811  1.00 10.41  ? 54  THR A CA   1 
ATOM   407  C C    . THR A 1 50 ? -17.690 1.658   -0.500  1.00 10.91  ? 54  THR A C    1 
ATOM   408  O O    . THR A 1 50 ? -18.662 1.236   -1.136  1.00 11.27  ? 54  THR A O    1 
ATOM   409  C CB   . THR A 1 50 ? -15.628 2.194   -1.784  1.00 12.19  ? 54  THR A CB   1 
ATOM   410  O OG1  . THR A 1 50 ? -16.178 2.050   -3.095  1.00 13.99  ? 54  THR A OG1  1 
ATOM   411  C CG2  . THR A 1 50 ? -14.123 1.979   -1.907  1.00 13.10  ? 54  THR A CG2  1 
ATOM   412  H HG21 . THR A 1 50 ? -13.664 2.833   -1.896  1.00 15.73  ? 54  THR A HG21 1 
ATOM   413  H HG22 . THR A 1 50 ? -13.805 1.440   -1.165  1.00 15.73  ? 54  THR A HG22 1 
ATOM   414  H HG23 . THR A 1 50 ? -13.919 1.522   -2.738  1.00 15.73  ? 54  THR A HG23 1 
ATOM   415  N N    . THR A 1 51 ? -17.797 2.572   0.462   1.00 10.86  ? 55  THR A N    1 
ATOM   416  C CA   . THR A 1 51 ? -19.096 3.126   0.825   1.00 11.76  ? 55  THR A CA   1 
ATOM   417  C C    . THR A 1 51 ? -19.617 4.116   -0.210  1.00 12.82  ? 55  THR A C    1 
ATOM   418  O O    . THR A 1 51 ? -20.820 4.400   -0.233  1.00 16.07  ? 55  THR A O    1 
ATOM   419  C CB   . THR A 1 51 ? -19.013 3.831   2.175   1.00 12.31  ? 55  THR A CB   1 
ATOM   420  O OG1  . THR A 1 51 ? -18.077 4.912   2.079   1.00 14.10  ? 55  THR A OG1  1 
ATOM   421  C CG2  . THR A 1 51 ? -18.608 2.901   3.284   1.00 13.44  ? 55  THR A CG2  1 
ATOM   422  H HG21 . THR A 1 51 ? -18.503 3.396   4.111   1.00 16.14  ? 55  THR A HG21 1 
ATOM   423  H HG22 . THR A 1 51 ? -19.286 2.219   3.408   1.00 16.14  ? 55  THR A HG22 1 
ATOM   424  H HG23 . THR A 1 51 ? -17.766 2.471   3.065   1.00 16.14  ? 55  THR A HG23 1 
ATOM   425  N N    . GLN A 1 52 ? -18.741 4.672   -1.034  1.00 11.82  ? 56  GLN A N    1 
ATOM   426  C CA   . GLN A 1 52 ? -19.119 5.561   -2.118  1.00 12.14  ? 56  GLN A CA   1 
ATOM   427  C C    . GLN A 1 52 ? -18.682 4.923   -3.423  1.00 11.52  ? 56  GLN A C    1 
ATOM   428  O O    . GLN A 1 52 ? -17.739 4.136   -3.460  1.00 14.73  ? 56  GLN A O    1 
ATOM   429  C CB   . GLN A 1 52 ? -18.460 6.932   -1.962  1.00 15.62  ? 56  GLN A CB   1 
ATOM   430  C CG   . GLN A 1 52 ? -18.833 7.625   -0.633  1.00 20.61  ? 56  GLN A CG   1 
ATOM   431  C CD   . GLN A 1 52 ? -20.309 7.976   -0.506  1.00 27.28  ? 56  GLN A CD   1 
ATOM   432  O OE1  . GLN A 1 52 ? -21.034 8.059   -1.497  1.00 29.28  ? 56  GLN A OE1  1 
ATOM   433  N NE2  . GLN A 1 52 ? -20.761 8.178   0.732   1.00 30.17  ? 56  GLN A NE2  1 
ATOM   434  N N    . ASN A 1 53 ? -19.343 5.288   -4.510  1.00 11.64  ? 57  ASN A N    1 
ATOM   435  C CA   . ASN A 1 53 ? -18.989 4.735   -5.807  1.00 12.31  ? 57  ASN A CA   1 
ATOM   436  C C    . ASN A 1 53 ? -17.607 5.221   -6.234  1.00 9.94   ? 57  ASN A C    1 
ATOM   437  O O    . ASN A 1 53 ? -17.334 6.424   -6.239  1.00 10.11  ? 57  ASN A O    1 
ATOM   438  C CB   . ASN A 1 53 ? -20.004 5.180   -6.851  1.00 13.63  ? 57  ASN A CB   1 
ATOM   439  C CG   . ASN A 1 53 ? -21.262 4.352   -6.843  1.00 18.76  ? 57  ASN A CG   1 
ATOM   440  O OD1  . ASN A 1 53 ? -21.352 3.348   -6.168  1.00 24.05  ? 57  ASN A OD1  1 
ATOM   441  N ND2  . ASN A 1 53 ? -22.252 4.795   -7.595  1.00 22.06  ? 57  ASN A ND2  1 
ATOM   442  N N    . LEU A 1 54 ? -16.743 4.288   -6.626  1.00 10.41  ? 58  LEU A N    1 
ATOM   443  C CA   . LEU A 1 54 ? -15.442 4.660   -7.130  1.00 9.90   ? 58  LEU A CA   1 
ATOM   444  C C    . LEU A 1 54 ? -15.564 5.300   -8.511  1.00 9.31   ? 58  LEU A C    1 
ATOM   445  O O    . LEU A 1 54 ? -16.537 5.070   -9.238  1.00 10.54  ? 58  LEU A O    1 
ATOM   446  C CB   . LEU A 1 54 ? -14.549 3.435   -7.248  1.00 10.26  ? 58  LEU A CB   1 
ATOM   447  C CG   . LEU A 1 54 ? -13.926 2.876   -5.976  1.00 11.93  ? 58  LEU A CG   1 
ATOM   448  C CD1  . LEU A 1 54 ? -13.286 1.529   -6.289  1.00 14.41  ? 58  LEU A CD1  1 
ATOM   449  C CD2  . LEU A 1 54 ? -12.903 3.835   -5.402  1.00 13.89  ? 58  LEU A CD2  1 
ATOM   450  N N    . PRO A 1 55 ? -14.562 6.076   -8.911  1.00 9.34   ? 59  PRO A N    1 
ATOM   451  C CA   . PRO A 1 55 ? -14.547 6.609   -10.276 1.00 9.65   ? 59  PRO A CA   1 
ATOM   452  C C    . PRO A 1 55 ? -14.671 5.477   -11.283 1.00 10.15  ? 59  PRO A C    1 
ATOM   453  O O    . PRO A 1 55 ? -14.201 4.358   -11.053 1.00 9.82   ? 59  PRO A O    1 
ATOM   454  C CB   . PRO A 1 55 ? -13.177 7.292   -10.377 1.00 9.86   ? 59  PRO A CB   1 
ATOM   455  C CG   . PRO A 1 55 ? -12.845 7.643   -8.969  1.00 10.62  ? 59  PRO A CG   1 
ATOM   456  C CD   . PRO A 1 55 ? -13.369 6.480   -8.150  1.00 9.87   ? 59  PRO A CD   1 
ATOM   457  N N    . SER A 1 56 ? -15.302 5.781   -12.411 1.00 11.60  ? 60  SER A N    1 
ATOM   458  C CA   . SER A 1 56 ? -15.457 4.801   -13.468 1.00 13.35  ? 60  SER A CA   1 
ATOM   459  C C    . SER A 1 56 ? -14.109 4.218   -13.853 1.00 12.92  ? 60  SER A C    1 
ATOM   460  O O    . SER A 1 56 ? -13.136 4.951   -14.063 1.00 13.52  ? 60  SER A O    1 
ATOM   461  C CB   . SER A 1 56 ? -16.085 5.494   -14.680 1.00 18.00  ? 60  SER A CB   1 
ATOM   462  O OG   . SER A 1 56 ? -16.399 4.572   -15.690 1.00 23.58  ? 60  SER A OG   1 
ATOM   463  N N    . GLY A 1 57 ? -14.055 2.887   -13.921 1.00 12.32  ? 61  GLY A N    1 
ATOM   464  C CA   . GLY A 1 57 ? -12.862 2.178   -14.320 1.00 11.25  ? 61  GLY A CA   1 
ATOM   465  C C    . GLY A 1 57 ? -11.890 1.894   -13.193 1.00 11.10  ? 61  GLY A C    1 
ATOM   466  O O    . GLY A 1 57 ? -10.913 1.163   -13.407 1.00 11.57  ? 61  GLY A O    1 
ATOM   467  N N    . TRP A 1 58 ? -12.127 2.431   -12.007 1.00 9.51   ? 62  TRP A N    1 
ATOM   468  C CA   . TRP A 1 58 ? -11.282 2.167   -10.856 1.00 9.79   ? 62  TRP A CA   1 
ATOM   469  C C    . TRP A 1 58 ? -11.731 0.894   -10.141 1.00 9.97   ? 62  TRP A C    1 
ATOM   470  O O    . TRP A 1 58 ? -12.861 0.435   -10.272 1.00 12.23  ? 62  TRP A O    1 
ATOM   471  C CB   . TRP A 1 58 ? -11.307 3.332   -9.875  1.00 9.08   ? 62  TRP A CB   1 
ATOM   472  C CG   . TRP A 1 58 ? -10.637 4.570   -10.350 1.00 8.91   ? 62  TRP A CG   1 
ATOM   473  C CD1  . TRP A 1 58 ? -10.514 5.020   -11.626 1.00 9.23   ? 62  TRP A CD1  1 
ATOM   474  C CD2  . TRP A 1 58 ? -9.993  5.527   -9.513  1.00 9.39   ? 62  TRP A CD2  1 
ATOM   475  N NE1  . TRP A 1 58 ? -9.808  6.217   -11.633 1.00 10.20  ? 62  TRP A NE1  1 
ATOM   476  C CE2  . TRP A 1 58 ? -9.488  6.548   -10.342 1.00 9.77   ? 62  TRP A CE2  1 
ATOM   477  C CE3  . TRP A 1 58 ? -9.812  5.628   -8.135  1.00 9.82   ? 62  TRP A CE3  1 
ATOM   478  C CZ2  . TRP A 1 58 ? -8.795  7.644   -9.844  1.00 10.00  ? 62  TRP A CZ2  1 
ATOM   479  C CZ3  . TRP A 1 58 ? -9.135  6.733   -7.635  1.00 10.68  ? 62  TRP A CZ3  1 
ATOM   480  C CH2  . TRP A 1 58 ? -8.637  7.722   -8.495  1.00 9.98   ? 62  TRP A CH2  1 
ATOM   481  N N    . SER A 1 59 ? -10.824 0.345   -9.344  1.00 8.54   ? 63  SER A N    1 
ATOM   482  C CA   . SER A 1 59 ? -11.091 -0.895  -8.630  1.00 9.49   ? 63  SER A CA   1 
ATOM   483  C C    . SER A 1 59 ? -10.230 -0.935  -7.380  1.00 8.53   ? 63  SER A C    1 
ATOM   484  O O    . SER A 1 59 ? -9.353  -0.098  -7.175  1.00 9.01   ? 63  SER A O    1 
ATOM   485  C CB   . SER A 1 59 ? -10.803 -2.112  -9.516  1.00 11.35  ? 63  SER A CB   1 
ATOM   486  O OG   . SER A 1 59 ? -9.450  -2.113  -9.924  1.00 12.79  ? 63  SER A OG   1 
ATOM   487  N N    . LEU A 1 60 ? -10.504 -1.915  -6.533  1.00 9.21   ? 64  LEU A N    1 
ATOM   488  C CA   . LEU A 1 60 ? -9.740  -2.169  -5.328  1.00 8.98   ? 64  LEU A CA   1 
ATOM   489  C C    . LEU A 1 60 ? -9.003  -3.485  -5.505  1.00 9.91   ? 64  LEU A C    1 
ATOM   490  O O    . LEU A 1 60 ? -9.504  -4.422  -6.126  1.00 12.56  ? 64  LEU A O    1 
ATOM   491  C CB   . LEU A 1 60 ? -10.658 -2.285  -4.112  1.00 10.28  ? 64  LEU A CB   1 
ATOM   492  C CG   . LEU A 1 60 ? -11.474 -1.038  -3.819  1.00 13.01  ? 64  LEU A CG   1 
ATOM   493  C CD1  . LEU A 1 60 ? -12.441 -1.348  -2.694  1.00 16.76  ? 64  LEU A CD1  1 
ATOM   494  C CD2  . LEU A 1 60 ? -10.580 0.156   -3.500  1.00 12.75  ? 64  LEU A CD2  1 
ATOM   495  N N    . ARG A 1 61 ? -7.822  -3.545  -4.922  1.00 9.22   ? 65  ARG A N    1 
ATOM   496  C CA   . ARG A 1 61 ? -6.984  -4.724  -4.965  1.00 10.30  ? 65  ARG A CA   1 
ATOM   497  C C    . ARG A 1 61 ? -6.536  -5.026  -3.548  1.00 9.79   ? 65  ARG A C    1 
ATOM   498  O O    . ARG A 1 61 ? -6.063  -4.130  -2.847  1.00 10.71  ? 65  ARG A O    1 
ATOM   499  C CB   . ARG A 1 61 ? -5.769  -4.379  -5.823  1.00 14.13  ? 65  ARG A CB   1 
ATOM   500  C CG   . ARG A 1 61 ? -4.814  -5.472  -6.121  1.00 15.17  ? 65  ARG A CG   1 
ATOM   501  C CD   . ARG A 1 61 ? -3.745  -4.935  -7.076  1.00 16.20  ? 65  ARG A CD   1 
ATOM   502  N NE   . ARG A 1 61 ? -4.220  -4.824  -8.455  1.00 16.29  ? 65  ARG A NE   1 
ATOM   503  C CZ   . ARG A 1 61 ? -3.483  -4.354  -9.459  1.00 19.36  ? 65  ARG A CZ   1 
ATOM   504  N NH1  . ARG A 1 61 ? -2.250  -3.943  -9.225  1.00 20.24  ? 65  ARG A NH1  1 
ATOM   505  N NH2  . ARG A 1 61 ? -3.961  -4.305  -10.693 1.00 21.97  ? 65  ARG A NH2  1 
ATOM   506  N N    . GLN A 1 62 ? -6.680  -6.279  -3.131  1.00 9.07   ? 66  GLN A N    1 
ATOM   507  C CA   . GLN A 1 62 ? -6.167  -6.707  -1.838  1.00 9.46   ? 66  GLN A CA   1 
ATOM   508  C C    . GLN A 1 62 ? -4.812  -7.359  -2.069  1.00 11.05  ? 66  GLN A C    1 
ATOM   509  O O    . GLN A 1 62 ? -4.648  -8.152  -2.999  1.00 12.92  ? 66  GLN A O    1 
ATOM   510  C CB   . GLN A 1 62 ? -7.119  -7.692  -1.156  1.00 13.37  ? 66  GLN A CB   1 
ATOM   511  C CG   . GLN A 1 62 ? -7.208  -9.086  -1.784  1.00 14.95  ? 66  GLN A CG   1 
ATOM   512  C CD   . GLN A 1 62 ? -6.347  -10.133 -1.105  1.00 17.03  ? 66  GLN A CD   1 
ATOM   513  O OE1  . GLN A 1 62 ? -5.651  -9.864  -0.129  1.00 18.04  ? 66  GLN A OE1  1 
ATOM   514  N NE2  . GLN A 1 62 ? -6.398  -11.348 -1.628  1.00 19.46  ? 66  GLN A NE2  1 
ATOM   515  N N    . THR A 1 63 ? -3.843  -7.044  -1.210  1.00 9.72   ? 67  THR A N    1 
ATOM   516  C CA   . THR A 1 63 ? -2.491  -7.559  -1.398  1.00 11.87  ? 67  THR A CA   1 
ATOM   517  C C    . THR A 1 63 ? -1.989  -8.327  -0.181  1.00 13.14  ? 67  THR A C    1 
ATOM   518  O O    . THR A 1 63 ? -0.783  -8.378  0.065   1.00 18.62  ? 67  THR A O    1 
ATOM   519  C CB   . THR A 1 63 ? -1.514  -6.453  -1.798  1.00 14.54  ? 67  THR A CB   1 
ATOM   520  O OG1  . THR A 1 63 ? -1.453  -5.454  -0.774  1.00 16.42  ? 67  THR A OG1  1 
ATOM   521  C CG2  . THR A 1 63 ? -1.914  -5.804  -3.122  1.00 14.58  ? 67  THR A CG2  1 
ATOM   522  H HG21 . THR A 1 63 ? -1.244  -5.155  -3.388  1.00 17.51  ? 67  THR A HG21 1 
ATOM   523  H HG22 . THR A 1 63 ? -1.991  -6.480  -3.813  1.00 17.51  ? 67  THR A HG22 1 
ATOM   524  H HG23 . THR A 1 63 ? -2.767  -5.352  -3.025  1.00 17.51  ? 67  THR A HG23 1 
ATOM   525  N N    . GLY A 1 64 ? -2.885  -8.941  0.556   1.00 11.16  ? 68  GLY A N    1 
ATOM   526  C CA   . GLY A 1 64 ? -2.525  -9.777  1.685   1.00 9.80   ? 68  GLY A CA   1 
ATOM   527  C C    . GLY A 1 64 ? -2.989  -9.162  2.992   1.00 9.07   ? 68  GLY A C    1 
ATOM   528  O O    . GLY A 1 64 ? -3.747  -8.195  3.021   1.00 11.32  ? 68  GLY A O    1 
ATOM   529  N N    . PHE A 1 65 ? -2.560  -9.762  4.088   1.00 8.89   ? 69  PHE A N    1 
ATOM   530  C CA   . PHE A 1 65 ? -2.939  -9.252  5.392   1.00 9.02   ? 69  PHE A CA   1 
ATOM   531  C C    . PHE A 1 65 ? -1.980  -8.185  5.901   1.00 8.71   ? 69  PHE A C    1 
ATOM   532  O O    . PHE A 1 65 ? -0.805  -8.146  5.537   1.00 9.60   ? 69  PHE A O    1 
ATOM   533  C CB   . PHE A 1 65 ? -3.049  -10.399 6.387   1.00 11.52  ? 69  PHE A CB   1 
ATOM   534  C CG   . PHE A 1 65 ? -4.174  -11.331 6.078   1.00 13.30  ? 69  PHE A CG   1 
ATOM   535  C CD1  . PHE A 1 65 ? -5.482  -10.962 6.333   1.00 15.39  ? 69  PHE A CD1  1 
ATOM   536  C CD2  . PHE A 1 65 ? -3.947  -12.558 5.496   1.00 16.69  ? 69  PHE A CD2  1 
ATOM   537  C CE1  . PHE A 1 65 ? -6.526  -11.813 6.052   1.00 17.18  ? 69  PHE A CE1  1 
ATOM   538  C CE2  . PHE A 1 65 ? -5.003  -13.415 5.214   1.00 17.70  ? 69  PHE A CE2  1 
ATOM   539  C CZ   . PHE A 1 65 ? -6.283  -13.031 5.485   1.00 17.63  ? 69  PHE A CZ   1 
ATOM   540  N N    . CYS A 1 66 ? -2.505  -7.310  6.750   1.00 9.13   ? 70  CYS A N    1 
ATOM   541  C CA   . CYS A 1 66 ? -1.734  -6.236  7.338   1.00 8.88   ? 70  CYS A CA   1 
ATOM   542  C C    . CYS A 1 66 ? -2.139  -6.041  8.789   1.00 10.22  ? 70  CYS A C    1 
ATOM   543  O O    . CYS A 1 66 ? -3.193  -6.506  9.230   1.00 11.34  ? 70  CYS A O    1 
ATOM   544  C CB   . CYS A 1 66 ? -1.965  -4.924  6.570   1.00 10.55  ? 70  CYS A CB   1 
ATOM   545  S SG   . CYS A 1 66 ? -3.661  -4.352  6.429   1.00 12.88  ? 70  CYS A SG   1 
ATOM   546  N N    . ASN A 1 67 ? -1.292  -5.338  9.526   1.00 10.80  ? 71  ASN A N    1 
ATOM   547  C CA   . ASN A 1 67 ? -1.577  -4.931  10.896  1.00 13.91  ? 71  ASN A CA   1 
ATOM   548  C C    . ASN A 1 67 ? -1.556  -3.413  10.937  1.00 16.80  ? 71  ASN A C    1 
ATOM   549  O O    . ASN A 1 67 ? -0.558  -2.804  10.549  1.00 16.32  ? 71  ASN A O    1 
ATOM   550  C CB   . ASN A 1 67 ? -0.504  -5.421  11.873  1.00 14.13  ? 71  ASN A CB   1 
ATOM   551  C CG   . ASN A 1 67 ? -0.548  -6.913  12.130  1.00 16.23  ? 71  ASN A CG   1 
ATOM   552  O OD1  . ASN A 1 67 ? 0.464   -7.498  12.509  1.00 18.19  ? 71  ASN A OD1  1 
ATOM   553  N ND2  . ASN A 1 67 ? -1.716  -7.526  11.952  1.00 15.66  ? 71  ASN A ND2  1 
ATOM   554  N N    . ALA A 1 68 ? -2.617  -2.809  11.449  1.00 21.65  ? 72  ALA A N    1 
ATOM   555  C CA   . ALA A 1 68 ? -2.697  -1.352  11.513  1.00 26.31  ? 72  ALA A CA   1 
ATOM   556  C C    . ALA A 1 68 ? -1.695  -0.719  12.480  1.00 27.52  ? 72  ALA A C    1 
ATOM   557  O O    . ALA A 1 68 ? -1.219  -1.368  13.417  1.00 26.95  ? 72  ALA A O    1 
ATOM   558  C CB   . ALA A 1 68 ? -4.120  -0.940  11.898  1.00 29.51  ? 72  ALA A CB   1 
ATOM   559  N N    . GLN B 1 1  ? 2.225   3.089   -17.402 1.00 30.59  ? 9   GLN C N    1 
ATOM   560  C CA   . GLN B 1 1  ? 3.128   2.862   -16.275 1.00 30.51  ? 9   GLN C CA   1 
ATOM   561  C C    . GLN B 1 1  ? 2.990   3.937   -15.196 1.00 26.22  ? 9   GLN C C    1 
ATOM   562  O O    . GLN B 1 1  ? 2.200   4.871   -15.331 1.00 27.28  ? 9   GLN C O    1 
ATOM   563  C CB   . GLN B 1 1  ? 4.573   2.781   -16.780 1.00 33.57  ? 9   GLN C CB   1 
ATOM   564  C CG   . GLN B 1 1  ? 5.256   4.109   -17.041 1.00 36.14  ? 9   GLN C CG   1 
ATOM   565  C CD   . GLN B 1 1  ? 6.772   3.980   -16.978 1.00 39.14  ? 9   GLN C CD   1 
ATOM   566  O OE1  . GLN B 1 1  ? 7.458   4.098   -17.996 1.00 41.56  ? 9   GLN C OE1  1 
ATOM   567  N NE2  . GLN B 1 1  ? 7.301   3.725   -15.783 1.00 39.80  ? 9   GLN C NE2  1 
ATOM   568  N N    . GLY B 1 2  ? 3.783   3.806   -14.135 1.00 21.93  ? 10  GLY C N    1 
ATOM   569  C CA   . GLY B 1 2  ? 3.677   4.709   -13.007 1.00 17.51  ? 10  GLY C CA   1 
ATOM   570  C C    . GLY B 1 2  ? 4.924   5.527   -12.740 1.00 16.34  ? 10  GLY C C    1 
ATOM   571  O O    . GLY B 1 2  ? 6.016   5.218   -13.249 1.00 18.86  ? 10  GLY C O    1 
ATOM   572  N N    . THR B 1 3  ? 4.775   6.585   -11.946 1.00 14.20  ? 11  THR C N    1 
ATOM   573  C CA   . THR B 1 3  ? 5.932   7.352   -11.494 1.00 14.02  ? 11  THR C CA   1 
ATOM   574  C C    . THR B 1 3  ? 6.632   6.695   -10.312 1.00 12.10  ? 11  THR C C    1 
ATOM   575  O O    . THR B 1 3  ? 7.735   7.117   -9.940  1.00 12.00  ? 11  THR C O    1 
ATOM   576  C CB   . THR B 1 3  ? 5.506   8.763   -11.096 1.00 17.05  ? 11  THR C CB   1 
ATOM   577  O OG1  . THR B 1 3  ? 4.490   8.687   -10.090 1.00 18.71  ? 11  THR C OG1  1 
ATOM   578  C CG2  . THR B 1 3  ? 4.988   9.551   -12.310 1.00 19.63  ? 11  THR C CG2  1 
ATOM   579  H HG21 . THR B 1 3  ? 4.704   10.437  -12.034 1.00 23.57  ? 11  THR C HG21 1 
ATOM   580  H HG22 . THR B 1 3  ? 5.690   9.638   -12.973 1.00 23.57  ? 11  THR C HG22 1 
ATOM   581  H HG23 . THR B 1 3  ? 4.233   9.089   -12.708 1.00 23.57  ? 11  THR C HG23 1 
ATOM   582  N N    . GLY B 1 4  ? 6.015   5.682   -9.713  1.00 9.56   ? 12  GLY C N    1 
ATOM   583  C CA   . GLY B 1 4  ? 6.597   4.990   -8.589  1.00 9.20   ? 12  GLY C CA   1 
ATOM   584  C C    . GLY B 1 4  ? 6.215   3.531   -8.566  1.00 7.64   ? 12  GLY C C    1 
ATOM   585  O O    . GLY B 1 4  ? 5.551   3.014   -9.464  1.00 8.44   ? 12  GLY C O    1 
ATOM   586  N N    . CYS B 1 5  ? 6.672   2.878   -7.505  1.00 9.41   ? 13  CYS C N    1 
ATOM   587  C CA   . CYS B 1 5  ? 6.444   1.473   -7.230  1.00 10.62  ? 13  CYS C CA   1 
ATOM   588  C C    . CYS B 1 5  ? 5.683   1.380   -5.926  1.00 8.94   ? 13  CYS C C    1 
ATOM   589  O O    . CYS B 1 5  ? 6.079   2.000   -4.938  1.00 9.38   ? 13  CYS C O    1 
ATOM   590  C CB   . CYS B 1 5  ? 7.799   0.769   -7.047  1.00 14.25  ? 13  CYS C CB   1 
ATOM   591  S SG   . CYS B 1 5  ? 9.018   1.137   -8.339  1.00 16.44  ? 13  CYS C SG   1 
ATOM   592  N N    . SER B 1 6  ? 4.604   0.608   -5.915  1.00 8.24   ? 14  SER C N    1 
ATOM   593  C CA   A SER B 1 6  ? 3.845   0.414   -4.686  0.41 9.40   ? 14  SER C CA   1 
ATOM   594  C CA   B SER B 1 6  ? 3.843   0.399   -4.683  0.59 9.18   ? 14  SER C CA   1 
ATOM   595  C C    . SER B 1 6  ? 4.637   -0.507  -3.766  1.00 9.63   ? 14  SER C C    1 
ATOM   596  O O    . SER B 1 6  ? 4.977   -1.626  -4.156  1.00 10.62  ? 14  SER C O    1 
ATOM   597  C CB   A SER B 1 6  ? 2.476   -0.180  -5.001  0.41 12.15  ? 14  SER C CB   1 
ATOM   598  C CB   B SER B 1 6  ? 2.520   -0.292  -4.985  0.59 12.23  ? 14  SER C CB   1 
ATOM   599  O OG   A SER B 1 6  ? 1.614   -0.087  -3.881  0.41 13.81  ? 14  SER C OG   1 
ATOM   600  O OG   B SER B 1 6  ? 1.663   0.518   -5.731  0.59 13.51  ? 14  SER C OG   1 
ATOM   601  N N    . VAL B 1 7  ? 4.922   -0.038  -2.560  1.00 8.02   ? 15  VAL C N    1 
ATOM   602  C CA   . VAL B 1 7  ? 5.785   -0.737  -1.621  1.00 8.65   ? 15  VAL C CA   1 
ATOM   603  C C    . VAL B 1 7  ? 4.972   -1.197  -0.430  1.00 8.63   ? 15  VAL C C    1 
ATOM   604  O O    . VAL B 1 7  ? 4.130   -0.457  0.077   1.00 9.52   ? 15  VAL C O    1 
ATOM   605  C CB   . VAL B 1 7  ? 6.933   0.180   -1.144  1.00 11.68  ? 15  VAL C CB   1 
ATOM   606  C CG1  . VAL B 1 7  ? 7.739   -0.513  -0.043  1.00 13.57  ? 15  VAL C CG1  1 
ATOM   607  C CG2  . VAL B 1 7  ? 7.788   0.585   -2.289  1.00 16.88  ? 15  VAL C CG2  1 
ATOM   608  H HG11 . VAL B 1 7  ? 8.607   -0.087  0.029   1.00 16.29  ? 15  VAL C HG11 1 
ATOM   609  H HG12 . VAL B 1 7  ? 7.260   -0.433  0.797   1.00 16.29  ? 15  VAL C HG12 1 
ATOM   610  H HG13 . VAL B 1 7  ? 7.847   -1.449  -0.274  1.00 16.29  ? 15  VAL C HG13 1 
ATOM   611  H HG21 . VAL B 1 7  ? 8.560   1.065   -1.953  1.00 20.26  ? 15  VAL C HG21 1 
ATOM   612  H HG22 . VAL B 1 7  ? 8.075   -0.210  -2.765  1.00 20.26  ? 15  VAL C HG22 1 
ATOM   613  H HG23 . VAL B 1 7  ? 7.274   1.157   -2.880  1.00 20.26  ? 15  VAL C HG23 1 
ATOM   614  N N    . GLU B 1 8  ? 5.245   -2.409  0.029   1.00 8.74   ? 16  GLU C N    1 
ATOM   615  C CA   . GLU B 1 8  ? 4.786   -2.873  1.327   1.00 9.66   ? 16  GLU C CA   1 
ATOM   616  C C    . GLU B 1 8  ? 5.995   -3.234  2.176   1.00 8.71   ? 16  GLU C C    1 
ATOM   617  O O    . GLU B 1 8  ? 6.960   -3.815  1.672   1.00 9.83   ? 16  GLU C O    1 
ATOM   618  C CB   . GLU B 1 8  ? 3.898   -4.121  1.232   1.00 13.02  ? 16  GLU C CB   1 
ATOM   619  C CG   . GLU B 1 8  ? 2.625   -3.893  0.455   1.00 18.52  ? 16  GLU C CG   1 
ATOM   620  C CD   . GLU B 1 8  ? 1.786   -5.148  0.300   1.00 25.10  ? 16  GLU C CD   1 
ATOM   621  O OE1  . GLU B 1 8  ? 2.361   -6.232  0.110   1.00 27.80  ? 16  GLU C OE1  1 
ATOM   622  O OE2  . GLU B 1 8  ? 0.553   -5.046  0.351   1.00 28.42  ? 16  GLU C OE2  1 
ATOM   623  N N    . ILE B 1 9  ? 5.956   -2.856  3.449   1.00 7.85   ? 17  ILE C N    1 
ATOM   624  C CA   . ILE B 1 9  ? 6.937   -3.286  4.441   1.00 9.27   ? 17  ILE C CA   1 
ATOM   625  C C    . ILE B 1 9  ? 6.367   -4.510  5.141   1.00 8.24   ? 17  ILE C C    1 
ATOM   626  O O    . ILE B 1 9  ? 5.279   -4.444  5.723   1.00 9.30   ? 17  ILE C O    1 
ATOM   627  C CB   . ILE B 1 9  ? 7.258   -2.169  5.445   1.00 9.63   ? 17  ILE C CB   1 
ATOM   628  C CG1  . ILE B 1 9  ? 7.690   -0.901  4.716   1.00 10.69  ? 17  ILE C CG1  1 
ATOM   629  C CG2  . ILE B 1 9  ? 8.288   -2.664  6.458   1.00 10.00  ? 17  ILE C CG2  1 
ATOM   630  C CD1  . ILE B 1 9  ? 7.817   0.300   5.621   1.00 12.56  ? 17  ILE C CD1  1 
ATOM   631  H HG12 . ILE B 1 9  ? 8.555   -1.056  4.305   1.00 12.84  ? 17  ILE C HG12 1 
ATOM   632  H HG13 . ILE B 1 9  ? 7.032   -0.692  4.035   1.00 12.84  ? 17  ILE C HG13 1 
ATOM   633  H HG21 . ILE B 1 9  ? 8.505   -1.941  7.067   1.00 12.02  ? 17  ILE C HG21 1 
ATOM   634  H HG22 . ILE B 1 9  ? 7.911   -3.410  6.952   1.00 12.02  ? 17  ILE C HG22 1 
ATOM   635  H HG23 . ILE B 1 9  ? 9.085   -2.950  5.985   1.00 12.02  ? 17  ILE C HG23 1 
ATOM   636  N N    . ILE B 1 10 ? 7.081   -5.631  5.061   1.00 8.41   ? 18  ILE C N    1 
ATOM   637  C CA   . ILE B 1 10 ? 6.582   -6.930  5.497   1.00 8.28   ? 18  ILE C CA   1 
ATOM   638  C C    . ILE B 1 10 ? 7.368   -7.382  6.725   1.00 7.82   ? 18  ILE C C    1 
ATOM   639  O O    . ILE B 1 10 ? 8.605   -7.399  6.709   1.00 9.48   ? 18  ILE C O    1 
ATOM   640  C CB   . ILE B 1 10 ? 6.708   -7.966  4.364   1.00 8.84   ? 18  ILE C CB   1 
ATOM   641  C CG1  . ILE B 1 10 ? 6.033   -7.480  3.084   1.00 10.06  ? 18  ILE C CG1  1 
ATOM   642  C CG2  . ILE B 1 10 ? 6.171   -9.321  4.815   1.00 9.85   ? 18  ILE C CG2  1 
ATOM   643  C CD1  . ILE B 1 10 ? 4.605   -7.168  3.222   1.00 10.83  ? 18  ILE C CD1  1 
ATOM   644  H HG12 . ILE B 1 10 ? 6.480   -6.673  2.786   1.00 12.08  ? 18  ILE C HG12 1 
ATOM   645  H HG13 . ILE B 1 10 ? 6.116   -8.173  2.410   1.00 12.08  ? 18  ILE C HG13 1 
ATOM   646  H HG21 . ILE B 1 10 ? 6.106   -9.908  4.045   1.00 11.84  ? 18  ILE C HG21 1 
ATOM   647  H HG22 . ILE B 1 10 ? 6.779   -9.701  5.469   1.00 11.84  ? 18  ILE C HG22 1 
ATOM   648  H HG23 . ILE B 1 10 ? 5.294   -9.199  5.211   1.00 11.84  ? 18  ILE C HG23 1 
ATOM   649  N N    . ASN B 1 11 ? 6.659   -7.717  7.801   1.00 8.62   ? 19  ASN C N    1 
ATOM   650  C CA   . ASN B 1 11 ? 7.320   -8.149  9.029   1.00 9.23   ? 19  ASN C CA   1 
ATOM   651  C C    . ASN B 1 11 ? 7.701   -9.622  8.921   1.00 9.52   ? 19  ASN C C    1 
ATOM   652  O O    . ASN B 1 11 ? 7.531   -10.259 7.880   1.00 8.79   ? 19  ASN C O    1 
ATOM   653  C CB   . ASN B 1 11 ? 6.490   -7.792  10.254  1.00 9.53   ? 19  ASN C CB   1 
ATOM   654  C CG   . ASN B 1 11 ? 5.258   -8.651  10.415  1.00 9.14   ? 19  ASN C CG   1 
ATOM   655  O OD1  . ASN B 1 11 ? 5.068   -9.648  9.714   1.00 8.62   ? 19  ASN C OD1  1 
ATOM   656  N ND2  . ASN B 1 11 ? 4.407   -8.263  11.348  1.00 10.07  ? 19  ASN C ND2  1 
ATOM   657  N N    . SER B 1 12 ? 8.228   -10.192 10.009  1.00 11.17  ? 20  SER C N    1 
ATOM   658  C CA   . SER B 1 12 ? 8.736   -11.553 9.952   1.00 11.47  ? 20  SER C CA   1 
ATOM   659  C C    . SER B 1 12 ? 7.616   -12.580 9.947   1.00 12.20  ? 20  SER C C    1 
ATOM   660  O O    . SER B 1 12 ? 7.861   -13.750 9.634   1.00 13.80  ? 20  SER C O    1 
ATOM   661  C CB   . SER B 1 12 ? 9.733   -11.834 11.079  1.00 16.17  ? 20  SER C CB   1 
ATOM   662  O OG   . SER B 1 12 ? 9.110   -11.788 12.337  1.00 19.50  ? 20  SER C OG   1 
ATOM   663  N N    . ASN B 1 13 ? 6.396   -12.161 10.246  1.00 10.66  ? 21  ASN C N    1 
ATOM   664  C CA   . ASN B 1 13 ? 5.233   -13.018 10.109  1.00 12.25  ? 21  ASN C CA   1 
ATOM   665  C C    . ASN B 1 13 ? 4.553   -12.848 8.766   1.00 11.26  ? 21  ASN C C    1 
ATOM   666  O O    . ASN B 1 13 ? 3.424   -13.310 8.591   1.00 11.21  ? 21  ASN C O    1 
ATOM   667  C CB   . ASN B 1 13 ? 4.256   -12.757 11.250  1.00 15.09  ? 21  ASN C CB   1 
ATOM   668  C CG   . ASN B 1 13 ? 4.740   -13.319 12.555  1.00 21.58  ? 21  ASN C CG   1 
ATOM   669  O OD1  . ASN B 1 13 ? 5.344   -14.386 12.595  1.00 23.44  ? 21  ASN C OD1  1 
ATOM   670  N ND2  . ASN B 1 13 ? 4.480   -12.600 13.637  1.00 25.58  ? 21  ASN C ND2  1 
ATOM   671  N N    . GLN B 1 14 ? 5.223   -12.195 7.816   1.00 10.73  ? 22  GLN C N    1 
ATOM   672  C CA   . GLN B 1 14 ? 4.737   -12.049 6.452   1.00 10.28  ? 22  GLN C CA   1 
ATOM   673  C C    . GLN B 1 14 ? 3.442   -11.249 6.388   1.00 10.30  ? 22  GLN C C    1 
ATOM   674  O O    . GLN B 1 14 ? 2.640   -11.433 5.479   1.00 11.32  ? 22  GLN C O    1 
ATOM   675  C CB   . GLN B 1 14 ? 4.602   -13.404 5.765   1.00 12.18  ? 22  GLN C CB   1 
ATOM   676  C CG   . GLN B 1 14 ? 5.913   -14.165 5.733   1.00 14.65  ? 22  GLN C CG   1 
ATOM   677  C CD   . GLN B 1 14 ? 7.055   -13.340 5.146   1.00 19.38  ? 22  GLN C CD   1 
ATOM   678  O OE1  . GLN B 1 14 ? 8.045   -13.034 5.823   1.00 21.79  ? 22  GLN C OE1  1 
ATOM   679  N NE2  . GLN B 1 14 ? 6.907   -12.953 3.911   1.00 20.28  ? 22  GLN C NE2  1 
ATOM   680  N N    . VAL B 1 15 ? 3.274   -10.328 7.338   1.00 8.62   ? 23  VAL C N    1 
ATOM   681  C CA   . VAL B 1 15 ? 2.146   -9.405  7.391   1.00 9.58   ? 23  VAL C CA   1 
ATOM   682  C C    . VAL B 1 15 ? 2.660   -8.007  7.082   1.00 8.88   ? 23  VAL C C    1 
ATOM   683  O O    . VAL B 1 15 ? 3.735   -7.622  7.539   1.00 8.18   ? 23  VAL C O    1 
ATOM   684  C CB   . VAL B 1 15 ? 1.505   -9.484  8.797   1.00 11.84  ? 23  VAL C CB   1 
ATOM   685  C CG1  . VAL B 1 15 ? 0.405   -8.468  8.992   1.00 13.19  ? 23  VAL C CG1  1 
ATOM   686  C CG2  . VAL B 1 15 ? 0.952   -10.881 9.032   1.00 13.41  ? 23  VAL C CG2  1 
ATOM   687  H HG11 . VAL B 1 15 ? -0.011  -8.614  9.856   1.00 15.84  ? 23  VAL C HG11 1 
ATOM   688  H HG12 . VAL B 1 15 ? 0.787   -7.576  8.956   1.00 15.84  ? 23  VAL C HG12 1 
ATOM   689  H HG13 . VAL B 1 15 ? -0.252  -8.574  8.287   1.00 15.84  ? 23  VAL C HG13 1 
ATOM   690  H HG21 . VAL B 1 15 ? 0.595   -10.932 9.932   1.00 16.11  ? 23  VAL C HG21 1 
ATOM   691  H HG22 . VAL B 1 15 ? 0.249   -11.055 8.386   1.00 16.11  ? 23  VAL C HG22 1 
ATOM   692  H HG23 . VAL B 1 15 ? 1.668   -11.527 8.923   1.00 16.11  ? 23  VAL C HG23 1 
ATOM   693  N N    . SER B 1 16 ? 1.899   -7.242  6.300   1.00 7.04   ? 24  SER C N    1 
ATOM   694  C CA   . SER B 1 16 ? 2.318   -5.888  5.990   1.00 7.90   ? 24  SER C CA   1 
ATOM   695  C C    . SER B 1 16 ? 2.113   -4.991  7.200   1.00 7.28   ? 24  SER C C    1 
ATOM   696  O O    . SER B 1 16 ? 1.065   -5.034  7.859   1.00 8.61   ? 24  SER C O    1 
ATOM   697  C CB   . SER B 1 16 ? 1.493   -5.311  4.859   1.00 10.55  ? 24  SER C CB   1 
ATOM   698  O OG   . SER B 1 16 ? 1.882   -3.971  4.625   1.00 13.25  ? 24  SER C OG   1 
ATOM   699  N N    . VAL B 1 17 ? 3.102   -4.139  7.459   1.00 6.57   ? 25  VAL C N    1 
ATOM   700  C CA   . VAL B 1 17 ? 3.067   -3.176  8.548   1.00 8.30   ? 25  VAL C CA   1 
ATOM   701  C C    . VAL B 1 17 ? 3.181   -1.745  8.061   1.00 8.60   ? 25  VAL C C    1 
ATOM   702  O O    . VAL B 1 17 ? 3.302   -0.835  8.884   1.00 8.82   ? 25  VAL C O    1 
ATOM   703  C CB   . VAL B 1 17 ? 4.135   -3.490  9.613   1.00 9.21   ? 25  VAL C CB   1 
ATOM   704  C CG1  . VAL B 1 17 ? 3.823   -4.818  10.285  1.00 11.09  ? 25  VAL C CG1  1 
ATOM   705  C CG2  . VAL B 1 17 ? 5.515   -3.476  8.985   1.00 9.24   ? 25  VAL C CG2  1 
ATOM   706  H HG11 . VAL B 1 17 ? 4.475   -4.979  10.986  1.00 13.32  ? 25  VAL C HG11 1 
ATOM   707  H HG12 . VAL B 1 17 ? 2.932   -4.778  10.666  1.00 13.32  ? 25  VAL C HG12 1 
ATOM   708  H HG13 . VAL B 1 17 ? 3.869   -5.526  9.624   1.00 13.32  ? 25  VAL C HG13 1 
ATOM   709  H HG21 . VAL B 1 17 ? 6.177   -3.638  9.675   1.00 11.11  ? 25  VAL C HG21 1 
ATOM   710  H HG22 . VAL B 1 17 ? 5.563   -4.172  8.311   1.00 11.11  ? 25  VAL C HG22 1 
ATOM   711  H HG23 . VAL B 1 17 ? 5.667   -2.609  8.577   1.00 11.11  ? 25  VAL C HG23 1 
ATOM   712  N N    . GLY B 1 18 ? 3.216   -1.529  6.755   1.00 8.40   ? 26  GLY C N    1 
ATOM   713  C CA   . GLY B 1 18 ? 3.224   -0.173  6.206   1.00 8.52   ? 26  GLY C CA   1 
ATOM   714  C C    . GLY B 1 18 ? 3.265   -0.276  4.698   1.00 8.15   ? 26  GLY C C    1 
ATOM   715  O O    . GLY B 1 18 ? 3.596   -1.323  4.144   1.00 9.48   ? 26  GLY C O    1 
ATOM   716  N N    . SER B 1 19 ? 2.895   0.825   4.041   1.00 8.71   ? 27  SER C N    1 
ATOM   717  C CA   . SER B 1 19 ? 2.837   0.822   2.585   1.00 9.45   ? 27  SER C CA   1 
ATOM   718  C C    . SER B 1 19 ? 2.879   2.251   2.069   1.00 8.84   ? 27  SER C C    1 
ATOM   719  O O    . SER B 1 19 ? 2.581   3.196   2.788   1.00 9.12   ? 27  SER C O    1 
ATOM   720  C CB   . SER B 1 19 ? 1.568   0.123   2.075   1.00 10.98  ? 27  SER C CB   1 
ATOM   721  O OG   . SER B 1 19 ? 0.406   0.902   2.254   1.00 13.52  ? 27  SER C OG   1 
ATOM   722  N N    . GLY B 1 20 ? 3.288   2.385   0.816   1.00 8.29   ? 28  GLY C N    1 
ATOM   723  C CA   . GLY B 1 20 ? 3.218   3.669   0.167   1.00 7.68   ? 28  GLY C CA   1 
ATOM   724  C C    . GLY B 1 20 ? 3.710   3.561   -1.253  1.00 8.24   ? 28  GLY C C    1 
ATOM   725  O O    . GLY B 1 20 ? 3.975   2.486   -1.746  1.00 12.87  ? 28  GLY C O    1 
ATOM   726  N N    . CYS B 1 21 ? 3.778   4.686   -1.921  1.00 8.89   ? 29  CYS C N    1 
ATOM   727  C CA   . CYS B 1 21 ? 4.194   4.775   -3.309  1.00 8.86   ? 29  CYS C CA   1 
ATOM   728  C C    . CYS B 1 21 ? 5.601   5.346   -3.341  1.00 9.28   ? 29  CYS C C    1 
ATOM   729  O O    . CYS B 1 21 ? 5.806   6.523   -3.033  1.00 11.34  ? 29  CYS C O    1 
ATOM   730  C CB   . CYS B 1 21 ? 3.239   5.664   -4.092  1.00 12.91  ? 29  CYS C CB   1 
ATOM   731  S SG   . CYS B 1 21 ? 3.663   5.726   -5.863  1.00 15.14  ? 29  CYS C SG   1 
ATOM   732  N N    . ALA B 1 22 ? 6.564   4.501   -3.689  1.00 8.51   ? 30  ALA C N    1 
ATOM   733  C CA   . ALA B 1 22 ? 7.969   4.886   -3.709  1.00 9.27   ? 30  ALA C CA   1 
ATOM   734  C C    . ALA B 1 22 ? 8.324   5.423   -5.090  1.00 10.08  ? 30  ALA C C    1 
ATOM   735  O O    . ALA B 1 22 ? 8.381   4.674   -6.071  1.00 9.83   ? 30  ALA C O    1 
ATOM   736  C CB   . ALA B 1 22 ? 8.851   3.701   -3.335  1.00 9.30   ? 30  ALA C CB   1 
ATOM   737  N N    . ARG B 1 23 ? 8.555   6.721   -5.157  1.00 9.57   ? 31  ARG C N    1 
ATOM   738  C CA   . ARG B 1 23 ? 8.888   7.334   -6.429  1.00 10.67  ? 31  ARG C CA   1 
ATOM   739  C C    . ARG B 1 23 ? 10.170  6.742   -7.000  1.00 8.82   ? 31  ARG C C    1 
ATOM   740  O O    . ARG B 1 23 ? 11.161  6.534   -6.296  1.00 9.82   ? 31  ARG C O    1 
ATOM   741  C CB   . ARG B 1 23 ? 9.067   8.829   -6.234  1.00 13.96  ? 31  ARG C CB   1 
ATOM   742  C CG   . ARG B 1 23 ? 9.203   9.598   -7.546  1.00 20.99  ? 31  ARG C CG   1 
ATOM   743  C CD   . ARG B 1 23 ? 9.297   11.108  -7.320  1.00 28.18  ? 31  ARG C CD   1 
ATOM   744  N NE   . ARG B 1 23 ? 8.228   11.618  -6.459  1.00 34.08  ? 31  ARG C NE   1 
ATOM   745  C CZ   . ARG B 1 23 ? 7.057   12.077  -6.897  1.00 37.59  ? 31  ARG C CZ   1 
ATOM   746  N NH1  . ARG B 1 23 ? 6.788   12.084  -8.198  1.00 39.22  ? 31  ARG C NH1  1 
ATOM   747  N NH2  . ARG B 1 23 ? 6.157   12.530  -6.033  1.00 38.56  ? 31  ARG C NH2  1 
ATOM   748  N N    . ILE B 1 24 ? 10.140  6.458   -8.295  1.00 9.71   ? 32  ILE C N    1 
ATOM   749  C CA   . ILE B 1 24 ? 11.300  5.882   -8.965  1.00 10.33  ? 32  ILE C CA   1 
ATOM   750  C C    . ILE B 1 24 ? 12.450  6.881   -8.961  1.00 10.16  ? 32  ILE C C    1 
ATOM   751  O O    . ILE B 1 24 ? 12.270  8.089   -9.165  1.00 11.74  ? 32  ILE C O    1 
ATOM   752  C CB   . ILE B 1 24 ? 10.911  5.435   -10.386 1.00 11.91  ? 32  ILE C CB   1 
ATOM   753  C CG1  . ILE B 1 24 ? 10.039  4.176   -10.304 1.00 12.89  ? 32  ILE C CG1  1 
ATOM   754  C CG2  . ILE B 1 24 ? 12.148  5.199   -11.258 1.00 13.31  ? 32  ILE C CG2  1 
ATOM   755  C CD1  . ILE B 1 24 ? 9.329   3.834   -11.585 1.00 15.14  ? 32  ILE C CD1  1 
ATOM   756  H HG12 . ILE B 1 24 ? 10.603  3.423   -10.070 1.00 15.48  ? 32  ILE C HG12 1 
ATOM   757  H HG13 . ILE B 1 24 ? 9.365   4.311   -9.620  1.00 15.48  ? 32  ILE C HG13 1 
ATOM   758  H HG21 . ILE B 1 24 ? 11.880  4.732   -12.064 1.00 15.99  ? 32  ILE C HG21 1 
ATOM   759  H HG22 . ILE B 1 24 ? 12.541  6.055   -11.487 1.00 15.99  ? 32  ILE C HG22 1 
ATOM   760  H HG23 . ILE B 1 24 ? 12.786  4.663   -10.761 1.00 15.99  ? 32  ILE C HG23 1 
ATOM   761  N N    . ASN B 1 25 ? 13.648  6.376   -8.713  1.00 9.67   ? 33  ASN C N    1 
ATOM   762  C CA   . ASN B 1 25 ? 14.855  7.197   -8.656  1.00 9.55   ? 33  ASN C CA   1 
ATOM   763  C C    . ASN B 1 25 ? 14.758  8.268   -7.583  1.00 10.25  ? 33  ASN C C    1 
ATOM   764  O O    . ASN B 1 25 ? 15.220  9.389   -7.759  1.00 11.48  ? 33  ASN C O    1 
ATOM   765  C CB   . ASN B 1 25 ? 15.217  7.762   -10.023 1.00 11.19  ? 33  ASN C CB   1 
ATOM   766  C CG   . ASN B 1 25 ? 15.621  6.674   -10.978 1.00 12.56  ? 33  ASN C CG   1 
ATOM   767  O OD1  . ASN B 1 25 ? 16.204  5.654   -10.567 1.00 13.14  ? 33  ASN C OD1  1 
ATOM   768  N ND2  . ASN B 1 25 ? 15.303  6.859   -12.251 1.00 14.75  ? 33  ASN C ND2  1 
ATOM   769  N N    . SER B 1 26 ? 14.228  7.883   -6.425  1.00 10.04  ? 34  SER C N    1 
ATOM   770  C CA   . SER B 1 26 ? 14.106  8.787   -5.302  1.00 10.68  ? 34  SER C CA   1 
ATOM   771  C C    . SER B 1 26 ? 14.105  7.972   -4.018  1.00 9.98   ? 34  SER C C    1 
ATOM   772  O O    . SER B 1 26 ? 14.102  6.740   -4.042  1.00 10.44  ? 34  SER C O    1 
ATOM   773  C CB   . SER B 1 26 ? 12.816  9.593   -5.394  1.00 15.50  ? 34  SER C CB   1 
ATOM   774  O OG   . SER B 1 26 ? 12.893  10.744  -4.567  1.00 20.08  ? 34  SER C OG   1 
ATOM   775  N N    . VAL B 1 27 ? 14.154  8.682   -2.892  1.00 10.05  ? 35  VAL C N    1 
ATOM   776  C CA   . VAL B 1 27 ? 13.942  8.120   -1.562  1.00 9.96   ? 35  VAL C CA   1 
ATOM   777  C C    . VAL B 1 27 ? 12.598  8.635   -1.071  1.00 9.57   ? 35  VAL C C    1 
ATOM   778  O O    . VAL B 1 27 ? 12.360  9.847   -1.055  1.00 11.52  ? 35  VAL C O    1 
ATOM   779  C CB   . VAL B 1 27 ? 15.079  8.512   -0.605  1.00 10.77  ? 35  VAL C CB   1 
ATOM   780  C CG1  . VAL B 1 27 ? 14.777  8.059   0.806   1.00 10.82  ? 35  VAL C CG1  1 
ATOM   781  C CG2  . VAL B 1 27 ? 16.382  7.920   -1.109  1.00 13.59  ? 35  VAL C CG2  1 
ATOM   782  H HG11 . VAL B 1 27 ? 15.565  8.194   1.356   1.00 12.99  ? 35  VAL C HG11 1 
ATOM   783  H HG12 . VAL B 1 27 ? 14.038  8.581   1.154   1.00 12.99  ? 35  VAL C HG12 1 
ATOM   784  H HG13 . VAL B 1 27 ? 14.540  7.118   0.792   1.00 12.99  ? 35  VAL C HG13 1 
ATOM   785  H HG21 . VAL B 1 27 ? 17.117  8.300   -0.603  1.00 16.32  ? 35  VAL C HG21 1 
ATOM   786  H HG22 . VAL B 1 27 ? 16.359  6.958   -0.989  1.00 16.32  ? 35  VAL C HG22 1 
ATOM   787  H HG23 . VAL B 1 27 ? 16.483  8.135   -2.049  1.00 16.32  ? 35  VAL C HG23 1 
ATOM   788  N N    . THR B 1 28 ? 11.722  7.719   -0.687  1.00 8.11   ? 36  THR C N    1 
ATOM   789  C CA   . THR B 1 28 ? 10.397  8.057   -0.198  1.00 8.19   ? 36  THR C CA   1 
ATOM   790  C C    . THR B 1 28 ? 10.282  7.674   1.273   1.00 7.65   ? 36  THR C C    1 
ATOM   791  O O    . THR B 1 28 ? 10.723  6.600   1.687   1.00 9.59   ? 36  THR C O    1 
ATOM   792  C CB   . THR B 1 28 ? 9.327   7.372   -1.042  1.00 9.28   ? 36  THR C CB   1 
ATOM   793  O OG1  . THR B 1 28 ? 9.464   7.757   -2.419  1.00 10.37  ? 36  THR C OG1  1 
ATOM   794  C CG2  . THR B 1 28 ? 7.946   7.796   -0.604  1.00 10.99  ? 36  THR C CG2  1 
ATOM   795  H HG21 . THR B 1 28 ? 7.281   7.439   -1.213  1.00 13.20  ? 36  THR C HG21 1 
ATOM   796  H HG22 . THR B 1 28 ? 7.766   7.464   0.289   1.00 13.20  ? 36  THR C HG22 1 
ATOM   797  H HG23 . THR B 1 28 ? 7.883   8.764   -0.600  1.00 13.20  ? 36  THR C HG23 1 
ATOM   798  N N    . ASN B 1 29 ? 9.664   8.543   2.049   1.00 7.45   ? 37  ASN C N    1 
ATOM   799  C CA   . ASN B 1 29 ? 9.500   8.364   3.486   1.00 7.98   ? 37  ASN C CA   1 
ATOM   800  C C    . ASN B 1 29 ? 8.218   7.573   3.746   1.00 7.75   ? 37  ASN C C    1 
ATOM   801  O O    . ASN B 1 29 ? 7.110   8.082   3.556   1.00 9.36   ? 37  ASN C O    1 
ATOM   802  C CB   . ASN B 1 29 ? 9.423   9.756   4.100   1.00 8.62   ? 37  ASN C CB   1 
ATOM   803  C CG   . ASN B 1 29 ? 9.440   9.750   5.612   1.00 8.24   ? 37  ASN C CG   1 
ATOM   804  O OD1  . ASN B 1 29 ? 9.027   8.790   6.249   1.00 8.74   ? 37  ASN C OD1  1 
ATOM   805  N ND2  . ASN B 1 29 ? 9.924   10.828  6.190   1.00 8.49   ? 37  ASN C ND2  1 
ATOM   806  N N    . ILE B 1 30 ? 8.371   6.326   4.192   1.00 7.69   ? 38  ILE C N    1 
ATOM   807  C CA   . ILE B 1 30 ? 7.264   5.410   4.435   1.00 7.13   ? 38  ILE C CA   1 
ATOM   808  C C    . ILE B 1 30 ? 7.356   4.896   5.862   1.00 6.89   ? 38  ILE C C    1 
ATOM   809  O O    . ILE B 1 30 ? 8.423   4.470   6.308   1.00 8.14   ? 38  ILE C O    1 
ATOM   810  C CB   . ILE B 1 30 ? 7.275   4.250   3.409   1.00 9.12   ? 38  ILE C CB   1 
ATOM   811  C CG1  . ILE B 1 30 ? 7.187   4.830   1.983   1.00 12.09  ? 38  ILE C CG1  1 
ATOM   812  C CG2  . ILE B 1 30 ? 6.134   3.280   3.686   1.00 10.32  ? 38  ILE C CG2  1 
ATOM   813  C CD1  . ILE B 1 30 ? 7.187   3.841   0.862   1.00 14.65  ? 38  ILE C CD1  1 
ATOM   814  H HG12 . ILE B 1 30 ? 6.363   5.337   1.913   1.00 14.52  ? 38  ILE C HG12 1 
ATOM   815  H HG13 . ILE B 1 30 ? 7.949   5.414   1.847   1.00 14.52  ? 38  ILE C HG13 1 
ATOM   816  H HG21 . ILE B 1 30 ? 6.104   2.617   2.978   1.00 12.40  ? 38  ILE C HG21 1 
ATOM   817  H HG22 . ILE B 1 30 ? 6.288   2.845   4.539   1.00 12.40  ? 38  ILE C HG22 1 
ATOM   818  H HG23 . ILE B 1 30 ? 5.299   3.773   3.713   1.00 12.40  ? 38  ILE C HG23 1 
ATOM   819  N N    . GLY B 1 31 ? 6.245   4.905   6.562   1.00 7.36   ? 39  GLY C N    1 
ATOM   820  C CA   . GLY B 1 31 ? 6.192   4.530   7.955   1.00 7.36   ? 39  GLY C CA   1 
ATOM   821  C C    . GLY B 1 31 ? 5.759   3.086   8.148   1.00 8.72   ? 39  GLY C C    1 
ATOM   822  O O    . GLY B 1 31 ? 5.097   2.489   7.295   1.00 9.66   ? 39  GLY C O    1 
ATOM   823  N N    . ASP B 1 32 ? 6.136   2.519   9.294   1.00 8.23   ? 40  ASP C N    1 
ATOM   824  C CA   . ASP B 1 32 ? 5.608   1.247   9.750   1.00 8.52   ? 40  ASP C CA   1 
ATOM   825  C C    . ASP B 1 32 ? 4.678   1.493   10.932  1.00 8.73   ? 40  ASP C C    1 
ATOM   826  O O    . ASP B 1 32 ? 4.504   2.617   11.425  1.00 9.45   ? 40  ASP C O    1 
ATOM   827  C CB   . ASP B 1 32 ? 6.725   0.244   10.042  1.00 8.67   ? 40  ASP C CB   1 
ATOM   828  C CG   . ASP B 1 32 ? 7.540   0.574   11.293  1.00 9.14   ? 40  ASP C CG   1 
ATOM   829  O OD1  . ASP B 1 32 ? 7.056   1.270   12.228  1.00 8.68   ? 40  ASP C OD1  1 
ATOM   830  O OD2  . ASP B 1 32 ? 8.698   0.080   11.349  1.00 9.46   ? 40  ASP C OD2  1 
ATOM   831  N N    . ASN B 1 33 ? 4.061   0.415   11.396  1.00 9.88   ? 41  ASN C N    1 
ATOM   832  C CA   . ASN B 1 33 ? 3.007   0.545   12.397  1.00 10.40  ? 41  ASN C CA   1 
ATOM   833  C C    . ASN B 1 33 ? 3.533   0.763   13.805  1.00 10.62  ? 41  ASN C C    1 
ATOM   834  O O    . ASN B 1 33 ? 2.726   0.937   14.729  1.00 15.20  ? 41  ASN C O    1 
ATOM   835  C CB   . ASN B 1 33 ? 2.035   -0.631  12.308  1.00 11.85  ? 41  ASN C CB   1 
ATOM   836  C CG   . ASN B 1 33 ? 2.655   -1.945  12.705  1.00 13.52  ? 41  ASN C CG   1 
ATOM   837  O OD1  . ASN B 1 33 ? 3.834   -2.023  13.013  1.00 15.59  ? 41  ASN C OD1  1 
ATOM   838  N ND2  . ASN B 1 33 ? 1.862   -2.991  12.680  1.00 16.22  ? 41  ASN C ND2  1 
ATOM   839  N N    . GLN B 1 34 ? 4.848   0.810   13.979  1.00 9.52   ? 42  GLN C N    1 
ATOM   840  C CA   . GLN B 1 34 ? 5.465   1.239   15.221  1.00 10.98  ? 42  GLN C CA   1 
ATOM   841  C C    . GLN B 1 34 ? 5.839   2.710   15.186  1.00 10.13  ? 42  GLN C C    1 
ATOM   842  O O    . GLN B 1 34 ? 6.430   3.213   16.138  1.00 12.39  ? 42  GLN C O    1 
ATOM   843  C CB   . GLN B 1 34 ? 6.721   0.401   15.499  1.00 14.30  ? 42  GLN C CB   1 
ATOM   844  C CG   . GLN B 1 34 ? 6.439   -1.045  15.783  1.00 15.91  ? 42  GLN C CG   1 
ATOM   845  C CD   . GLN B 1 34 ? 7.715   -1.876  15.829  1.00 16.78  ? 42  GLN C CD   1 
ATOM   846  O OE1  . GLN B 1 34 ? 8.715   -1.507  16.463  1.00 18.55  ? 42  GLN C OE1  1 
ATOM   847  N NE2  . GLN B 1 34 ? 7.684   -3.005  15.171  1.00 16.68  ? 42  GLN C NE2  1 
ATOM   848  N N    . GLY B 1 35 ? 5.505   3.413   14.108  1.00 9.57   ? 43  GLY C N    1 
ATOM   849  C CA   . GLY B 1 35 ? 5.864   4.805   13.974  1.00 10.32  ? 43  GLY C CA   1 
ATOM   850  C C    . GLY B 1 35 ? 7.245   5.045   13.406  1.00 11.25  ? 43  GLY C C    1 
ATOM   851  O O    . GLY B 1 35 ? 7.639   6.204   13.250  1.00 13.19  ? 43  GLY C O    1 
ATOM   852  N N    . ARG B 1 36 ? 8.001   4.001   13.107  1.00 9.34   ? 44  ARG C N    1 
ATOM   853  C CA   . ARG B 1 36 ? 9.310   4.219   12.517  1.00 8.86   ? 44  ARG C CA   1 
ATOM   854  C C    . ARG B 1 36 ? 9.165   4.681   11.080  1.00 8.74   ? 44  ARG C C    1 
ATOM   855  O O    . ARG B 1 36 ? 8.293   4.224   10.342  1.00 9.45   ? 44  ARG C O    1 
ATOM   856  C CB   . ARG B 1 36 ? 10.132  2.945   12.586  1.00 10.84  ? 44  ARG C CB   1 
ATOM   857  C CG   . ARG B 1 36 ? 10.446  2.582   13.995  1.00 13.99  ? 44  ARG C CG   1 
ATOM   858  C CD   . ARG B 1 36 ? 11.282  1.307   14.071  1.00 16.93  ? 44  ARG C CD   1 
ATOM   859  N NE   . ARG B 1 36 ? 10.541  0.168   13.541  1.00 16.53  ? 44  ARG C NE   1 
ATOM   860  C CZ   . ARG B 1 36 ? 10.902  -1.087  13.731  1.00 18.45  ? 44  ARG C CZ   1 
ATOM   861  N NH1  . ARG B 1 36 ? 12.009  -1.350  14.419  1.00 18.13  ? 44  ARG C NH1  1 
ATOM   862  N NH2  . ARG B 1 36 ? 10.166  -2.062  13.228  1.00 18.37  ? 44  ARG C NH2  1 
ATOM   863  N N    . ARG B 1 37 ? 10.023  5.601   10.685  1.00 9.02   ? 45  ARG C N    1 
ATOM   864  C CA   . ARG B 1 37 ? 10.030  6.113   9.329   1.00 8.61   ? 45  ARG C CA   1 
ATOM   865  C C    . ARG B 1 37 ? 11.213  5.509   8.589   1.00 9.80   ? 45  ARG C C    1 
ATOM   866  O O    . ARG B 1 37 ? 12.342  5.523   9.090   1.00 11.70  ? 45  ARG C O    1 
ATOM   867  C CB   . ARG B 1 37 ? 10.121  7.632   9.347   1.00 9.62   ? 45  ARG C CB   1 
ATOM   868  C CG   . ARG B 1 37 ? 9.042   8.317   10.155  1.00 10.08  ? 45  ARG C CG   1 
ATOM   869  C CD   . ARG B 1 37 ? 7.644   7.887   9.794   1.00 10.02  ? 45  ARG C CD   1 
ATOM   870  N NE   . ARG B 1 37 ? 7.361   8.170   8.387   1.00 8.68   ? 45  ARG C NE   1 
ATOM   871  C CZ   . ARG B 1 37 ? 6.165   8.087   7.806   1.00 9.45   ? 45  ARG C CZ   1 
ATOM   872  N NH1  . ARG B 1 37 ? 5.074   7.777   8.499   1.00 9.39   ? 45  ARG C NH1  1 
ATOM   873  N NH2  . ARG B 1 37 ? 6.055   8.356   6.519   1.00 8.65   ? 45  ARG C NH2  1 
ATOM   874  N N    . TRP B 1 38 ? 10.935  4.979   7.407   1.00 8.59   ? 46  TRP C N    1 
ATOM   875  C CA   . TRP B 1 38 ? 11.911  4.324   6.550   1.00 8.35   ? 46  TRP C CA   1 
ATOM   876  C C    . TRP B 1 38 ? 12.123  5.168   5.297   1.00 9.16   ? 46  TRP C C    1 
ATOM   877  O O    . TRP B 1 38 ? 11.166  5.719   4.750   1.00 10.08  ? 46  TRP C O    1 
ATOM   878  C CB   . TRP B 1 38 ? 11.415  2.913   6.192   1.00 9.54   ? 46  TRP C CB   1 
ATOM   879  C CG   . TRP B 1 38 ? 11.308  2.058   7.426   1.00 8.40   ? 46  TRP C CG   1 
ATOM   880  C CD1  . TRP B 1 38 ? 10.175  1.811   8.165   1.00 8.65   ? 46  TRP C CD1  1 
ATOM   881  C CD2  . TRP B 1 38 ? 12.374  1.366   8.089   1.00 8.75   ? 46  TRP C CD2  1 
ATOM   882  N NE1  . TRP B 1 38 ? 10.485  1.009   9.241   1.00 9.08   ? 46  TRP C NE1  1 
ATOM   883  C CE2  . TRP B 1 38 ? 11.825  0.726   9.214   1.00 8.89   ? 46  TRP C CE2  1 
ATOM   884  C CE3  . TRP B 1 38 ? 13.744  1.226   7.839   1.00 10.66  ? 46  TRP C CE3  1 
ATOM   885  C CZ2  . TRP B 1 38 ? 12.598  -0.039  10.079  1.00 10.72  ? 46  TRP C CZ2  1 
ATOM   886  C CZ3  . TRP B 1 38 ? 14.493  0.468   8.685   1.00 11.97  ? 46  TRP C CZ3  1 
ATOM   887  C CH2  . TRP B 1 38 ? 13.931  -0.150  9.792   1.00 11.44  ? 46  TRP C CH2  1 
ATOM   888  N N    . GLY B 1 39 ? 13.376  5.269   4.852   1.00 8.17   ? 47  GLY C N    1 
ATOM   889  C CA   . GLY B 1 39 ? 13.691  5.877   3.575   1.00 7.73   ? 47  GLY C CA   1 
ATOM   890  C C    . GLY B 1 39 ? 13.819  4.796   2.534   1.00 8.19   ? 47  GLY C C    1 
ATOM   891  O O    . GLY B 1 39 ? 14.779  4.024   2.558   1.00 9.51   ? 47  GLY C O    1 
ATOM   892  N N    . VAL B 1 40 ? 12.853  4.708   1.628   1.00 8.49   ? 48  VAL C N    1 
ATOM   893  C CA   . VAL B 1 40 ? 12.782  3.638   0.648   1.00 8.44   ? 48  VAL C CA   1 
ATOM   894  C C    . VAL B 1 40 ? 13.312  4.156   -0.678  1.00 8.91   ? 48  VAL C C    1 
ATOM   895  O O    . VAL B 1 40 ? 12.751  5.095   -1.255  1.00 8.57   ? 48  VAL C O    1 
ATOM   896  C CB   . VAL B 1 40 ? 11.342  3.111   0.503   1.00 8.41   ? 48  VAL C CB   1 
ATOM   897  C CG1  . VAL B 1 40 ? 11.280  2.046   -0.587  1.00 9.93   ? 48  VAL C CG1  1 
ATOM   898  C CG2  . VAL B 1 40 ? 10.830  2.530   1.834   1.00 9.66   ? 48  VAL C CG2  1 
ATOM   899  H HG11 . VAL B 1 40 ? 10.398  1.643   -0.585  1.00 11.92  ? 48  VAL C HG11 1 
ATOM   900  H HG12 . VAL B 1 40 ? 11.451  2.463   -1.447  1.00 11.92  ? 48  VAL C HG12 1 
ATOM   901  H HG13 . VAL B 1 40 ? 11.953  1.371   -0.408  1.00 11.92  ? 48  VAL C HG13 1 
ATOM   902  H HG21 . VAL B 1 40 ? 9.897   2.284   1.733   1.00 11.61  ? 48  VAL C HG21 1 
ATOM   903  H HG22 . VAL B 1 40 ? 11.356  1.748   2.062   1.00 11.61  ? 48  VAL C HG22 1 
ATOM   904  H HG23 . VAL B 1 40 ? 10.920  3.203   2.528   1.00 11.61  ? 48  VAL C HG23 1 
ATOM   905  N N    . LEU B 1 41 ? 14.358  3.504   -1.182  1.00 8.47   ? 49  LEU C N    1 
ATOM   906  C CA   . LEU B 1 41 ? 14.863  3.759   -2.520  1.00 8.89   ? 49  LEU C CA   1 
ATOM   907  C C    . LEU B 1 41 ? 14.134  2.852   -3.495  1.00 9.34   ? 49  LEU C C    1 
ATOM   908  O O    . LEU B 1 41 ? 13.900  1.677   -3.202  1.00 9.52   ? 49  LEU C O    1 
ATOM   909  C CB   . LEU B 1 41 ? 16.351  3.429   -2.650  1.00 11.04  ? 49  LEU C CB   1 
ATOM   910  C CG   . LEU B 1 41 ? 17.414  4.272   -1.989  1.00 13.48  ? 49  LEU C CG   1 
ATOM   911  C CD1  . LEU B 1 41 ? 17.466  4.031   -0.515  1.00 12.90  ? 49  LEU C CD1  1 
ATOM   912  C CD2  . LEU B 1 41 ? 18.767  3.922   -2.599  1.00 13.85  ? 49  LEU C CD2  1 
ATOM   913  N N    . ALA B 1 42 ? 13.806  3.391   -4.670  1.00 9.04   ? 50  ALA C N    1 
ATOM   914  C CA   . ALA B 1 42 ? 13.215  2.623   -5.752  1.00 8.87   ? 50  ALA C CA   1 
ATOM   915  C C    . ALA B 1 42 ? 13.931  2.960   -7.046  1.00 9.25   ? 50  ALA C C    1 
ATOM   916  O O    . ALA B 1 42 ? 14.272  4.124   -7.295  1.00 10.66  ? 50  ALA C O    1 
ATOM   917  C CB   . ALA B 1 42 ? 11.734  2.921   -5.939  1.00 10.06  ? 50  ALA C CB   1 
ATOM   918  N N    . ASN B 1 43 ? 14.158  1.945   -7.867  1.00 10.22  ? 51  ASN C N    1 
ATOM   919  C CA   . ASN B 1 43 ? 14.679  2.173   -9.202  1.00 10.44  ? 51  ASN C CA   1 
ATOM   920  C C    . ASN B 1 43 ? 13.631  1.839   -10.259 1.00 10.59  ? 51  ASN C C    1 
ATOM   921  O O    . ASN B 1 43 ? 12.502  1.464   -9.948  1.00 11.28  ? 51  ASN C O    1 
ATOM   922  C CB   . ASN B 1 43 ? 15.984  1.416   -9.429  1.00 10.97  ? 51  ASN C CB   1 
ATOM   923  C CG   . ASN B 1 43 ? 15.828  -0.081  -9.300  1.00 10.46  ? 51  ASN C CG   1 
ATOM   924  O OD1  . ASN B 1 43 ? 14.849  -0.676  -9.756  1.00 11.46  ? 51  ASN C OD1  1 
ATOM   925  N ND2  . ASN B 1 43 ? 16.816  -0.706  -8.685  1.00 13.39  ? 51  ASN C ND2  1 
ATOM   926  N N    . SER B 1 44 ? 14.014  2.027   -11.525 1.00 12.25  ? 52  SER C N    1 
ATOM   927  C CA   . SER B 1 44 ? 13.052  1.900   -12.600 1.00 14.04  ? 52  SER C CA   1 
ATOM   928  C C    . SER B 1 44 ? 12.574  0.473   -12.792 1.00 13.17  ? 52  SER C C    1 
ATOM   929  O O    . SER B 1 44 ? 11.577  0.266   -13.498 1.00 16.57  ? 52  SER C O    1 
ATOM   930  C CB   . SER B 1 44 ? 13.652  2.442   -13.899 1.00 16.72  ? 52  SER C CB   1 
ATOM   931  O OG   . SER B 1 44 ? 14.752  1.668   -14.300 1.00 19.80  ? 52  SER C OG   1 
ATOM   932  N N    . SER B 1 45 ? 13.275  -0.509  -12.234 1.00 13.35  ? 53  SER C N    1 
ATOM   933  C CA   . SER B 1 45 ? 12.802  -1.888  -12.244 1.00 13.05  ? 53  SER C CA   1 
ATOM   934  C C    . SER B 1 45 ? 11.961  -2.202  -11.019 1.00 13.19  ? 53  SER C C    1 
ATOM   935  O O    . SER B 1 45 ? 11.519  -3.346  -10.851 1.00 13.77  ? 53  SER C O    1 
ATOM   936  C CB   . SER B 1 45 ? 13.974  -2.864  -12.312 1.00 16.35  ? 53  SER C CB   1 
ATOM   937  O OG   . SER B 1 45 ? 14.759  -2.582  -13.439 1.00 20.07  ? 53  SER C OG   1 
ATOM   938  N N    . CYS B 1 46 ? 11.724  -1.200  -10.172 1.00 11.68  ? 54  CYS C N    1 
ATOM   939  C CA   . CYS B 1 46 ? 11.045  -1.377  -8.895  1.00 11.29  ? 54  CYS C CA   1 
ATOM   940  C C    . CYS B 1 46 ? 11.777  -2.333  -7.974  1.00 10.74  ? 54  CYS C C    1 
ATOM   941  O O    . CYS B 1 46 ? 11.172  -2.950  -7.101  1.00 11.61  ? 54  CYS C O    1 
ATOM   942  C CB   . CYS B 1 46 ? 9.570   -1.716  -9.057  1.00 12.52  ? 54  CYS C CB   1 
ATOM   943  S SG   . CYS B 1 46 ? 8.641   -0.276  -9.687  1.00 15.24  ? 54  CYS C SG   1 
ATOM   944  N N    . GLY B 1 47 ? 13.087  -2.447  -8.156  1.00 10.23  ? 55  GLY C N    1 
ATOM   945  C CA   . GLY B 1 47 ? 13.916  -2.884  -7.056  1.00 10.09  ? 55  GLY C CA   1 
ATOM   946  C C    . GLY B 1 47 ? 13.861  -1.858  -5.939  1.00 9.46   ? 55  GLY C C    1 
ATOM   947  O O    . GLY B 1 47 ? 13.722  -0.654  -6.183  1.00 10.32  ? 55  GLY C O    1 
ATOM   948  N N    . LEU B 1 48 ? 13.904  -2.352  -4.699  1.00 10.47  ? 56  LEU C N    1 
ATOM   949  C CA   . LEU B 1 48 ? 13.676  -1.533  -3.526  1.00 9.26   ? 56  LEU C CA   1 
ATOM   950  C C    . LEU B 1 48 ? 14.723  -1.828  -2.466  1.00 9.43   ? 56  LEU C C    1 
ATOM   951  O O    . LEU B 1 48 ? 15.144  -2.970  -2.294  1.00 11.31  ? 56  LEU C O    1 
ATOM   952  C CB   . LEU B 1 48 ? 12.317  -1.848  -2.890  1.00 10.55  ? 56  LEU C CB   1 
ATOM   953  C CG   . LEU B 1 48 ? 11.084  -1.774  -3.771  1.00 10.71  ? 56  LEU C CG   1 
ATOM   954  C CD1  . LEU B 1 48 ? 9.921   -2.367  -2.947  1.00 11.22  ? 56  LEU C CD1  1 
ATOM   955  C CD2  . LEU B 1 48 ? 10.819  -0.340  -4.163  1.00 12.36  ? 56  LEU C CD2  1 
ATOM   956  N N    . SER B 1 49 ? 15.116  -0.790  -1.734  1.00 8.10   ? 57  SER C N    1 
ATOM   957  C CA   . SER B 1 49 ? 15.989  -0.933  -0.579  1.00 8.20   ? 57  SER C CA   1 
ATOM   958  C C    . SER B 1 49 ? 15.659  0.184   0.399   1.00 8.72   ? 57  SER C C    1 
ATOM   959  O O    . SER B 1 49 ? 14.849  1.055   0.107   1.00 9.73   ? 57  SER C O    1 
ATOM   960  C CB   . SER B 1 49 ? 17.453  -0.945  -0.983  1.00 10.02  ? 57  SER C CB   1 
ATOM   961  O OG   . SER B 1 49 ? 17.788  0.302   -1.507  1.00 11.98  ? 57  SER C OG   1 
ATOM   962  N N    . THR B 1 50 ? 16.254  0.137   1.579   1.00 9.25   ? 58  THR C N    1 
ATOM   963  C CA   . THR B 1 50 ? 16.055  1.163   2.583   1.00 9.45   ? 58  THR C CA   1 
ATOM   964  C C    . THR B 1 50 ? 17.392  1.741   3.000   1.00 8.77   ? 58  THR C C    1 
ATOM   965  O O    . THR B 1 50 ? 18.427  1.075   2.915   1.00 9.23   ? 58  THR C O    1 
ATOM   966  C CB   . THR B 1 50 ? 15.334  0.625   3.820   1.00 11.44  ? 58  THR C CB   1 
ATOM   967  O OG1  . THR B 1 50 ? 15.901  -0.616  4.235   1.00 12.37  ? 58  THR C OG1  1 
ATOM   968  C CG2  . THR B 1 50 ? 13.868  0.390   3.530   1.00 12.69  ? 58  THR C CG2  1 
ATOM   969  H HG21 . THR B 1 50 ? 13.418  0.081   4.331   1.00 15.24  ? 58  THR C HG21 1 
ATOM   970  H HG22 . THR B 1 50 ? 13.453  1.215   3.234   1.00 15.24  ? 58  THR C HG22 1 
ATOM   971  H HG23 . THR B 1 50 ? 13.771  -0.278  2.835   1.00 15.24  ? 58  THR C HG23 1 
ATOM   972  N N    . THR B 1 51 ? 17.359  3.000   3.453   1.00 8.33   ? 59  THR C N    1 
ATOM   973  C CA   . THR B 1 51 ? 18.582  3.683   3.852   1.00 9.77   ? 59  THR C CA   1 
ATOM   974  C C    . THR B 1 51 ? 19.167  3.131   5.141   1.00 10.15  ? 59  THR C C    1 
ATOM   975  O O    . THR B 1 51 ? 20.342  3.385   5.411   1.00 12.04  ? 59  THR C O    1 
ATOM   976  C CB   . THR B 1 51 ? 18.354  5.180   3.999   1.00 10.15  ? 59  THR C CB   1 
ATOM   977  O OG1  . THR B 1 51 ? 17.352  5.427   4.980   1.00 9.81   ? 59  THR C OG1  1 
ATOM   978  C CG2  . THR B 1 51 ? 17.904  5.783   2.686   1.00 10.56  ? 59  THR C CG2  1 
ATOM   979  H HG21 . THR B 1 51 ? 17.775  6.739   2.788   1.00 12.68  ? 59  THR C HG21 1 
ATOM   980  H HG22 . THR B 1 51 ? 18.574  5.627   2.002   1.00 12.68  ? 59  THR C HG22 1 
ATOM   981  H HG23 . THR B 1 51 ? 17.068  5.380   2.406   1.00 12.68  ? 59  THR C HG23 1 
ATOM   982  N N    . GLN B 1 52 ? 18.378  2.414   5.940   1.00 10.17  ? 60  GLN C N    1 
ATOM   983  C CA   . GLN B 1 52 ? 18.843  1.715   7.132   1.00 10.79  ? 60  GLN C CA   1 
ATOM   984  C C    . GLN B 1 52 ? 18.388  0.271   7.030   1.00 11.49  ? 60  GLN C C    1 
ATOM   985  O O    . GLN B 1 52 ? 17.389  -0.012  6.381   1.00 11.96  ? 60  GLN C O    1 
ATOM   986  C CB   . GLN B 1 52 ? 18.260  2.371   8.395   1.00 14.83  ? 60  GLN C CB   1 
ATOM   987  C CG   . GLN B 1 52 ? 18.782  3.783   8.587   1.00 16.83  ? 60  GLN C CG   1 
ATOM   988  C CD   . GLN B 1 52 ? 18.406  4.418   9.907   1.00 22.28  ? 60  GLN C CD   1 
ATOM   989  O OE1  . GLN B 1 52 ? 19.253  5.004   10.589  1.00 25.03  ? 60  GLN C OE1  1 
ATOM   990  N NE2  . GLN B 1 52 ? 17.154  4.332   10.262  1.00 23.06  ? 60  GLN C NE2  1 
ATOM   991  N N    . ASN B 1 53 ? 19.108  -0.637  7.685   1.00 12.10  ? 61  ASN C N    1 
ATOM   992  C CA   . ASN B 1 53 ? 18.738  -2.051  7.647   1.00 13.31  ? 61  ASN C CA   1 
ATOM   993  C C    . ASN B 1 53 ? 17.351  -2.253  8.251   1.00 12.26  ? 61  ASN C C    1 
ATOM   994  O O    . ASN B 1 53 ? 17.037  -1.719  9.314   1.00 12.65  ? 61  ASN C O    1 
ATOM   995  C CB   . ASN B 1 53 ? 19.719  -2.891  8.478   1.00 18.76  ? 61  ASN C CB   1 
ATOM   996  C CG   . ASN B 1 53 ? 21.107  -2.899  7.931   1.00 25.45  ? 61  ASN C CG   1 
ATOM   997  O OD1  . ASN B 1 53 ? 21.307  -2.841  6.734   1.00 27.67  ? 61  ASN C OD1  1 
ATOM   998  N ND2  . ASN B 1 53 ? 22.086  -2.997  8.821   1.00 28.93  ? 61  ASN C ND2  1 
ATOM   999  N N    . LEU B 1 54 ? 16.525  -3.038  7.581   1.00 11.58  ? 62  LEU C N    1 
ATOM   1000 C CA   . LEU B 1 54 ? 15.268  -3.435  8.170   1.00 10.81  ? 62  LEU C CA   1 
ATOM   1001 C C    . LEU B 1 54 ? 15.513  -4.391  9.331   1.00 10.00  ? 62  LEU C C    1 
ATOM   1002 O O    . LEU B 1 54 ? 16.566  -5.029  9.426   1.00 11.49  ? 62  LEU C O    1 
ATOM   1003 C CB   . LEU B 1 54 ? 14.390  -4.141  7.151   1.00 13.76  ? 62  LEU C CB   1 
ATOM   1004 C CG   . LEU B 1 54 ? 13.733  -3.209  6.137   1.00 14.49  ? 62  LEU C CG   1 
ATOM   1005 C CD1  . LEU B 1 54 ? 13.122  -4.092  5.041   1.00 17.27  ? 62  LEU C CD1  1 
ATOM   1006 C CD2  . LEU B 1 54 ? 12.666  -2.301  6.710   1.00 16.78  ? 62  LEU C CD2  1 
ATOM   1007 N N    . PRO B 1 55 ? 14.528  -4.541  10.204  1.00 9.00   ? 63  PRO C N    1 
ATOM   1008 C CA   . PRO B 1 55 ? 14.631  -5.549  11.258  1.00 8.43   ? 63  PRO C CA   1 
ATOM   1009 C C    . PRO B 1 55 ? 14.847  -6.931  10.670  1.00 8.34   ? 63  PRO C C    1 
ATOM   1010 O O    . PRO B 1 55 ? 14.445  -7.231  9.539   1.00 9.58   ? 63  PRO C O    1 
ATOM   1011 C CB   . PRO B 1 55 ? 13.275  -5.448  11.976  1.00 7.89   ? 63  PRO C CB   1 
ATOM   1012 C CG   . PRO B 1 55 ? 12.838  -4.031  11.714  1.00 9.36   ? 63  PRO C CG   1 
ATOM   1013 C CD   . PRO B 1 55 ? 13.285  -3.761  10.303  1.00 10.57  ? 63  PRO C CD   1 
ATOM   1014 N N    . SER B 1 56 ? 15.477  -7.777  11.467  1.00 9.96   ? 64  SER C N    1 
ATOM   1015 C CA   . SER B 1 56 ? 15.748  -9.136  11.050  1.00 10.95  ? 64  SER C CA   1 
ATOM   1016 C C    . SER B 1 56 ? 14.457  -9.846  10.680  1.00 11.86  ? 64  SER C C    1 
ATOM   1017 O O    . SER B 1 56 ? 13.493  -9.841  11.444  1.00 13.27  ? 64  SER C O    1 
ATOM   1018 C CB   . SER B 1 56 ? 16.429  -9.878  12.192  1.00 13.34  ? 64  SER C CB   1 
ATOM   1019 O OG   . SER B 1 56 ? 16.945  -11.108 11.753  1.00 15.84  ? 64  SER C OG   1 
ATOM   1020 N N    . GLY B 1 57 ? 14.435  -10.445 9.498   1.00 11.02  ? 65  GLY C N    1 
ATOM   1021 C CA   . GLY B 1 57 ? 13.281  -11.170 9.033   1.00 10.74  ? 65  GLY C CA   1 
ATOM   1022 C C    . GLY B 1 57 ? 12.263  -10.325 8.278   1.00 10.66  ? 65  GLY C C    1 
ATOM   1023 O O    . GLY B 1 57 ? 11.318  -10.880 7.689   1.00 11.64  ? 65  GLY C O    1 
ATOM   1024 N N    . TRP B 1 58 ? 12.412  -9.005  8.270   1.00 8.59   ? 66  TRP C N    1 
ATOM   1025 C CA   . TRP B 1 58 ? 11.533  -8.114  7.531   1.00 8.97   ? 66  TRP C CA   1 
ATOM   1026 C C    . TRP B 1 58 ? 12.015  -7.991  6.090   1.00 10.18  ? 66  TRP C C    1 
ATOM   1027 O O    . TRP B 1 58 ? 13.159  -8.295  5.762   1.00 12.01  ? 66  TRP C O    1 
ATOM   1028 C CB   . TRP B 1 58 ? 11.516  -6.740  8.189   1.00 9.62   ? 66  TRP C CB   1 
ATOM   1029 C CG   . TRP B 1 58 ? 10.751  -6.666  9.469   1.00 7.98   ? 66  TRP C CG   1 
ATOM   1030 C CD1  . TRP B 1 58 ? 10.650  -7.635  10.425  1.00 9.59   ? 66  TRP C CD1  1 
ATOM   1031 C CD2  . TRP B 1 58 ? 10.000  -5.542  9.950   1.00 8.76   ? 66  TRP C CD2  1 
ATOM   1032 N NE1  . TRP B 1 58 ? 9.870   -7.188  11.469  1.00 10.43  ? 66  TRP C NE1  1 
ATOM   1033 C CE2  . TRP B 1 58 ? 9.450   -5.912  11.195  1.00 9.78   ? 66  TRP C CE2  1 
ATOM   1034 C CE3  . TRP B 1 58 ? 9.719   -4.267  9.431   1.00 10.38  ? 66  TRP C CE3  1 
ATOM   1035 C CZ2  . TRP B 1 58 ? 8.647   -5.050  11.935  1.00 10.95  ? 66  TRP C CZ2  1 
ATOM   1036 C CZ3  . TRP B 1 58 ? 8.924   -3.412  10.186  1.00 11.02  ? 66  TRP C CZ3  1 
ATOM   1037 C CH2  . TRP B 1 58 ? 8.407   -3.807  11.421  1.00 12.60  ? 66  TRP C CH2  1 
ATOM   1038 N N    . SER B 1 59 ? 11.125  -7.529  5.227   1.00 9.77   ? 67  SER C N    1 
ATOM   1039 C CA   . SER B 1 59 ? 11.428  -7.409  3.809   1.00 10.20  ? 67  SER C CA   1 
ATOM   1040 C C    . SER B 1 59 ? 10.566  -6.312  3.217   1.00 9.29   ? 67  SER C C    1 
ATOM   1041 O O    . SER B 1 59 ? 9.602   -5.840  3.831   1.00 9.94   ? 67  SER C O    1 
ATOM   1042 C CB   . SER B 1 59 ? 11.178  -8.723  3.053   1.00 12.20  ? 67  SER C CB   1 
ATOM   1043 O OG   . SER B 1 59 ? 9.840   -9.154  3.200   1.00 13.26  ? 67  SER C OG   1 
ATOM   1044 N N    . LEU B 1 60 ? 10.945  -5.911  2.018   1.00 10.61  ? 68  LEU C N    1 
ATOM   1045 C CA   . LEU B 1 60 ? 10.140  -5.018  1.209   1.00 10.07  ? 68  LEU C CA   1 
ATOM   1046 C C    . LEU B 1 60 ? 9.583   -5.797  0.026   1.00 10.62  ? 68  LEU C C    1 
ATOM   1047 O O    . LEU B 1 60 ? 10.243  -6.675  -0.524  1.00 13.27  ? 68  LEU C O    1 
ATOM   1048 C CB   . LEU B 1 60 ? 10.981  -3.871  0.647   1.00 12.95  ? 68  LEU C CB   1 
ATOM   1049 C CG   . LEU B 1 60 ? 11.687  -2.958  1.643   1.00 13.20  ? 68  LEU C CG   1 
ATOM   1050 C CD1  . LEU B 1 60 ? 12.541  -1.946  0.902   1.00 15.34  ? 68  LEU C CD1  1 
ATOM   1051 C CD2  . LEU B 1 60 ? 10.679  -2.295  2.552   1.00 12.76  ? 68  LEU C CD2  1 
ATOM   1052 N N    . ARG B 1 61 ? 8.371   -5.450  -0.377  1.00 10.60  ? 69  ARG C N    1 
ATOM   1053 C CA   . ARG B 1 61 ? 7.697   -6.045  -1.515  1.00 12.36  ? 69  ARG C CA   1 
ATOM   1054 C C    . ARG B 1 61 ? 7.207   -4.917  -2.407  1.00 9.47   ? 69  ARG C C    1 
ATOM   1055 O O    . ARG B 1 61 ? 6.676   -3.936  -1.908  1.00 10.52  ? 69  ARG C O    1 
ATOM   1056 C CB   . ARG B 1 61 ? 6.512   -6.829  -0.956  1.00 17.52  ? 69  ARG C CB   1 
ATOM   1057 C CG   . ARG B 1 61 ? 5.721   -7.621  -1.917  1.00 22.02  ? 69  ARG C CG   1 
ATOM   1058 C CD   . ARG B 1 61 ? 4.670   -8.397  -1.130  1.00 22.71  ? 69  ARG C CD   1 
ATOM   1059 N NE   . ARG B 1 61 ? 5.246   -9.421  -0.262  1.00 23.47  ? 69  ARG C NE   1 
ATOM   1060 C CZ   . ARG B 1 61 ? 4.555   -10.095 0.654   1.00 23.49  ? 69  ARG C CZ   1 
ATOM   1061 N NH1  . ARG B 1 61 ? 3.272   -9.839  0.833   1.00 24.33  ? 69  ARG C NH1  1 
ATOM   1062 N NH2  . ARG B 1 61 ? 5.147   -11.017 1.393   1.00 24.72  ? 69  ARG C NH2  1 
ATOM   1063 N N    . GLN B 1 62 ? 7.362   -5.057  -3.717  1.00 9.55   ? 70  GLN C N    1 
ATOM   1064 C CA   . GLN B 1 62 ? 6.738   -4.150  -4.679  1.00 8.92   ? 70  GLN C CA   1 
ATOM   1065 C C    . GLN B 1 62 ? 5.546   -4.871  -5.301  1.00 9.80   ? 70  GLN C C    1 
ATOM   1066 O O    . GLN B 1 62 ? 5.649   -6.040  -5.675  1.00 10.75  ? 70  GLN C O    1 
ATOM   1067 C CB   . GLN B 1 62 ? 7.717   -3.611  -5.730  1.00 11.37  ? 70  GLN C CB   1 
ATOM   1068 C CG   . GLN B 1 62 ? 7.995   -4.480  -6.938  1.00 10.89  ? 70  GLN C CG   1 
ATOM   1069 C CD   . GLN B 1 62 ? 7.024   -4.233  -8.080  1.00 11.32  ? 70  GLN C CD   1 
ATOM   1070 O OE1  . GLN B 1 62 ? 6.245   -3.291  -8.070  1.00 11.94  ? 70  GLN C OE1  1 
ATOM   1071 N NE2  . GLN B 1 62 ? 7.088   -5.070  -9.069  1.00 12.70  ? 70  GLN C NE2  1 
ATOM   1072 N N    . THR B 1 63 ? 4.402   -4.196  -5.342  1.00 9.52   ? 71  THR C N    1 
ATOM   1073 C CA   . THR B 1 63 ? 3.161   -4.813  -5.803  1.00 8.98   ? 71  THR C CA   1 
ATOM   1074 C C    . THR B 1 63 ? 2.665   -4.254  -7.130  1.00 8.53   ? 71  THR C C    1 
ATOM   1075 O O    . THR B 1 63 ? 1.568   -4.616  -7.561  1.00 9.22   ? 71  THR C O    1 
ATOM   1076 C CB   . THR B 1 63 ? 2.063   -4.654  -4.742  1.00 11.76  ? 71  THR C CB   1 
ATOM   1077 O OG1  . THR B 1 63 ? 1.755   -3.270  -4.602  1.00 13.46  ? 71  THR C OG1  1 
ATOM   1078 C CG2  . THR B 1 63 ? 2.524   -5.197  -3.400  1.00 14.41  ? 71  THR C CG2  1 
ATOM   1079 H HG21 . THR B 1 63 ? 1.780   -5.219  -2.778  1.00 17.31  ? 71  THR C HG21 1 
ATOM   1080 H HG22 . THR B 1 63 ? 2.871   -6.097  -3.508  1.00 17.31  ? 71  THR C HG22 1 
ATOM   1081 H HG23 . THR B 1 63 ? 3.223   -4.632  -3.036  1.00 17.31  ? 71  THR C HG23 1 
ATOM   1082 N N    . GLY B 1 64 ? 3.444   -3.395  -7.779  1.00 9.01   ? 72  GLY C N    1 
ATOM   1083 C CA   . GLY B 1 64 ? 3.042   -2.829  -9.051  1.00 8.50   ? 72  GLY C CA   1 
ATOM   1084 C C    . GLY B 1 64 ? 3.383   -1.365  -9.188  1.00 8.75   ? 72  GLY C C    1 
ATOM   1085 O O    . GLY B 1 64 ? 3.881   -0.739  -8.253  1.00 8.96   ? 72  GLY C O    1 
ATOM   1086 N N    . PHE B 1 65 ? 3.090   -0.807  -10.354 1.00 9.16   ? 73  PHE C N    1 
ATOM   1087 C CA   . PHE B 1 65 ? 3.289   0.617   -10.569 1.00 9.26   ? 73  PHE C CA   1 
ATOM   1088 C C    . PHE B 1 65 ? 2.264   1.428   -9.784  1.00 8.96   ? 73  PHE C C    1 
ATOM   1089 O O    . PHE B 1 65 ? 1.099   1.031   -9.639  1.00 9.09   ? 73  PHE C O    1 
ATOM   1090 C CB   . PHE B 1 65 ? 3.114   0.970   -12.045 1.00 10.11  ? 73  PHE C CB   1 
ATOM   1091 C CG   . PHE B 1 65 ? 4.290   0.640   -12.905 1.00 11.30  ? 73  PHE C CG   1 
ATOM   1092 C CD1  . PHE B 1 65 ? 5.529   1.208   -12.649 1.00 13.27  ? 73  PHE C CD1  1 
ATOM   1093 C CD2  . PHE B 1 65 ? 4.146   -0.190  -13.994 1.00 13.77  ? 73  PHE C CD2  1 
ATOM   1094 C CE1  . PHE B 1 65 ? 6.611   0.942   -13.467 1.00 16.12  ? 73  PHE C CE1  1 
ATOM   1095 C CE2  . PHE B 1 65 ? 5.221   -0.450  -14.814 1.00 14.52  ? 73  PHE C CE2  1 
ATOM   1096 C CZ   . PHE B 1 65 ? 6.455   0.111   -14.542 1.00 15.81  ? 73  PHE C CZ   1 
ATOM   1097 N N    . CYS B 1 66 ? 2.696   2.593   -9.309  1.00 9.35   ? 74  CYS C N    1 
ATOM   1098 C CA   . CYS B 1 66 ? 1.811   3.539   -8.637  1.00 9.07   ? 74  CYS C CA   1 
ATOM   1099 C C    . CYS B 1 66 ? 2.153   4.945   -9.107  1.00 9.06   ? 74  CYS C C    1 
ATOM   1100 O O    . CYS B 1 66 ? 3.220   5.175   -9.682  1.00 10.46  ? 74  CYS C O    1 
ATOM   1101 C CB   . CYS B 1 66 ? 1.919   3.429   -7.122  1.00 10.31  ? 74  CYS C CB   1 
ATOM   1102 S SG   . CYS B 1 66 ? 3.576   3.764   -6.483  1.00 12.21  ? 74  CYS C SG   1 
ATOM   1103 N N    . ASN B 1 67 ? 1.230   5.879   -8.878  1.00 9.47   ? 75  ASN C N    1 
ATOM   1104 C CA   . ASN B 1 67 ? 1.484   7.295   -9.079  1.00 12.56  ? 75  ASN C CA   1 
ATOM   1105 C C    . ASN B 1 67 ? 1.343   8.021   -7.751  1.00 14.64  ? 75  ASN C C    1 
ATOM   1106 O O    . ASN B 1 67 ? 0.298   7.929   -7.097  1.00 15.25  ? 75  ASN C O    1 
ATOM   1107 C CB   . ASN B 1 67 ? 0.483   7.910   -10.049 1.00 12.91  ? 75  ASN C CB   1 
ATOM   1108 C CG   . ASN B 1 67 ? 0.693   7.479   -11.484 1.00 14.51  ? 75  ASN C CG   1 
ATOM   1109 O OD1  . ASN B 1 67 ? 1.792   7.130   -11.901 1.00 16.56  ? 75  ASN C OD1  1 
ATOM   1110 N ND2  . ASN B 1 67 ? -0.379  7.514   -12.254 1.00 16.81  ? 75  ASN C ND2  1 
ATOM   1111 N N    . ALA B 1 68 ? 2.362   8.795   -7.391  1.00 20.34  ? 76  ALA C N    1 
ATOM   1112 C CA   . ALA B 1 68 ? 2.416   9.421   -6.075  1.00 23.75  ? 76  ALA C CA   1 
ATOM   1113 C C    . ALA B 1 68 ? 1.514   10.643  -5.941  1.00 25.38  ? 76  ALA C C    1 
ATOM   1114 O O    . ALA B 1 68 ? 0.880   11.069  -6.911  1.00 27.85  ? 76  ALA C O    1 
ATOM   1115 C CB   . ALA B 1 68 ? 3.871   9.789   -5.744  1.00 26.34  ? 76  ALA C CB   1 
HETATM 1116 O O1   . P6G C 2 .  ? 17.587  -2.804  -6.232  1.00 40.35  ? 101 P6G C O1   1 
HETATM 1117 C C2   . P6G C 2 .  ? 17.716  -2.353  -4.989  1.00 22.84  ? 101 P6G C C2   1 
HETATM 1118 C C3   . P6G C 2 .  ? 17.248  -1.010  -4.895  1.00 19.95  ? 101 P6G C C3   1 
HETATM 1119 O O4   . P6G C 2 .  ? 18.060  -0.169  -5.676  1.00 20.91  ? 101 P6G C O4   1 
HETATM 1120 C C5   . P6G C 2 .  ? 17.745  1.178   -5.444  1.00 16.95  ? 101 P6G C C5   1 
HETATM 1121 C C6   . P6G C 2 .  ? 18.675  2.055   -6.098  1.00 23.19  ? 101 P6G C C6   1 
HETATM 1122 O O7   . P6G C 2 .  ? 18.825  1.658   -7.428  1.00 19.88  ? 101 P6G C O7   1 
HETATM 1123 C C8   . P6G C 2 .  ? 20.123  1.986   -7.811  1.00 33.72  ? 101 P6G C C8   1 
HETATM 1124 C C9   . P6G C 2 .  ? 20.054  2.550   -9.044  1.00 35.78  ? 101 P6G C C9   1 
HETATM 1125 O O10  . P6G C 2 .  ? 19.482  1.697   -9.971  1.00 28.06  ? 101 P6G C O10  1 
HETATM 1126 C C11  . P6G C 2 .  ? 19.817  0.360   -9.890  1.00 15.79  ? 101 P6G C C11  1 
HETATM 1127 C C12  . P6G C 2 .  ? 19.539  -0.168  -11.189 1.00 23.58  ? 101 P6G C C12  1 
HETATM 1128 O O13  . P6G C 2 .  ? 19.585  -1.568  -11.113 1.00 35.19  ? 101 P6G C O13  1 
HETATM 1129 C C14  . P6G C 2 .  ? 20.739  -2.046  -10.460 1.00 20.55  ? 101 P6G C C14  1 
HETATM 1130 C C15  . P6G C 2 .  ? 20.867  -3.477  -10.680 1.00 47.29  ? 101 P6G C C15  1 
HETATM 1131 O O16  . P6G C 2 .  ? 22.242  -3.875  -10.582 1.00 78.80  ? 101 P6G C O16  1 
HETATM 1132 C C17  . P6G C 2 .  ? 23.019  -3.379  -11.656 1.00 43.85  ? 101 P6G C C17  1 
HETATM 1133 C C18  . P6G C 2 .  ? 24.457  -3.503  -11.369 1.00 46.60  ? 101 P6G C C18  1 
HETATM 1134 O O19  . P6G C 2 .  ? 25.165  -3.357  -12.590 1.00 102.33 ? 101 P6G C O19  1 
HETATM 1135 O O    . HOH D 3 .  ? 0.285   -1.531  -7.243  1.00 34.46  ? 101 HOH A O    1 
HETATM 1136 O O    . HOH D 3 .  ? -9.475  -5.934  -8.161  1.00 41.81  ? 102 HOH A O    1 
HETATM 1137 O O    . HOH D 3 .  ? -4.348  -9.008  -5.396  1.00 22.83  ? 103 HOH A O    1 
HETATM 1138 O O    . HOH D 3 .  ? -0.995  -3.971  -6.905  1.00 35.19  ? 104 HOH A O    1 
HETATM 1139 O O    . HOH D 3 .  ? -15.325 7.971   3.774   1.00 38.29  ? 105 HOH A O    1 
HETATM 1140 O O    . HOH D 3 .  ? -5.704  9.956   -9.543  1.00 27.53  ? 106 HOH A O    1 
HETATM 1141 O O    . HOH D 3 .  ? -1.590  -3.220  -12.379 1.00 24.34  ? 107 HOH A O    1 
HETATM 1142 O O    . HOH D 3 .  ? -11.756 -1.510  6.743   1.00 11.65  ? 108 HOH A O    1 
HETATM 1143 O O    . HOH D 3 .  ? -3.032  6.369   -0.077  1.00 20.62  ? 109 HOH A O    1 
HETATM 1144 O O    . HOH D 3 .  ? -22.849 3.066   0.946   1.00 27.00  ? 110 HOH A O    1 
HETATM 1145 O O    . HOH D 3 .  ? -15.766 -11.032 7.497   1.00 15.85  ? 111 HOH A O    1 
HETATM 1146 O O    . HOH D 3 .  ? -17.525 6.038   4.481   1.00 26.88  ? 112 HOH A O    1 
HETATM 1147 O O    . HOH D 3 .  ? -0.115  -1.350  8.287   1.00 24.92  ? 113 HOH A O    1 
HETATM 1148 O O    . HOH D 3 .  ? -10.726 1.073   10.629  1.00 26.32  ? 114 HOH A O    1 
HETATM 1149 O O    . HOH D 3 .  ? -9.151  -0.764  -12.287 1.00 16.69  ? 115 HOH A O    1 
HETATM 1150 O O    . HOH D 3 .  ? -16.329 -0.343  -4.445  1.00 35.30  ? 116 HOH A O    1 
HETATM 1151 O O    . HOH D 3 .  ? -15.652 8.417   0.487   1.00 37.83  ? 117 HOH A O    1 
HETATM 1152 O O    . HOH D 3 .  ? -10.435 -0.293  -15.704 1.00 24.33  ? 118 HOH A O    1 
HETATM 1153 O O    . HOH D 3 .  ? -15.929 -4.451  -4.734  1.00 38.95  ? 119 HOH A O    1 
HETATM 1154 O O    . HOH D 3 .  ? -20.548 1.928   -3.103  1.00 31.76  ? 120 HOH A O    1 
HETATM 1155 O O    . HOH D 3 .  ? -5.466  4.888   5.299   1.00 34.63  ? 121 HOH A O    1 
HETATM 1156 O O    . HOH D 3 .  ? -10.608 -8.531  -2.905  1.00 27.23  ? 122 HOH A O    1 
HETATM 1157 O O    . HOH D 3 .  ? 1.502   -8.584  -1.574  1.00 29.46  ? 123 HOH A O    1 
HETATM 1158 O O    . HOH D 3 .  ? -15.666 2.027   -10.426 1.00 32.23  ? 124 HOH A O    1 
HETATM 1159 O O    . HOH D 3 .  ? 0.123   -7.570  2.616   1.00 26.92  ? 125 HOH A O    1 
HETATM 1160 O O    . HOH D 3 .  ? -15.334 -0.787  13.414  1.00 34.93  ? 126 HOH A O    1 
HETATM 1161 O O    . HOH D 3 .  ? -16.276 1.311   -13.108 1.00 30.53  ? 127 HOH A O    1 
HETATM 1162 O O    . HOH D 3 .  ? -17.376 1.524   -6.377  1.00 23.83  ? 128 HOH A O    1 
HETATM 1163 O O    . HOH D 3 .  ? -18.460 8.747   -5.037  1.00 11.97  ? 129 HOH A O    1 
HETATM 1164 O O    . HOH D 3 .  ? -13.967 -4.486  13.336  1.00 31.89  ? 130 HOH A O    1 
HETATM 1165 O O    . HOH D 3 .  ? -16.140 5.898   0.126   1.00 14.53  ? 131 HOH A O    1 
HETATM 1166 O O    . HOH D 3 .  ? -10.682 5.370   8.933   1.00 23.05  ? 132 HOH A O    1 
HETATM 1167 O O    . HOH D 3 .  ? 2.444   -5.720  13.585  1.00 17.88  ? 133 HOH A O    1 
HETATM 1168 O O    . HOH D 3 .  ? -4.158  2.668   6.269   1.00 19.83  ? 134 HOH A O    1 
HETATM 1169 O O    . HOH D 3 .  ? -14.037 10.063  -2.352  1.00 20.49  ? 135 HOH A O    1 
HETATM 1170 O O    . HOH D 3 .  ? -12.990 -3.352  -6.930  1.00 21.72  ? 136 HOH A O    1 
HETATM 1171 O O    . HOH D 3 .  ? -4.400  6.209   2.892   1.00 25.86  ? 137 HOH A O    1 
HETATM 1172 O O    . HOH D 3 .  ? -12.833 12.894  0.301   1.00 32.50  ? 138 HOH A O    1 
HETATM 1173 O O    . HOH D 3 .  ? -7.628  -8.197  -5.179  1.00 26.68  ? 139 HOH A O    1 
HETATM 1174 O O    . HOH D 3 .  ? -6.395  -3.073  10.871  1.00 26.87  ? 140 HOH A O    1 
HETATM 1175 O O    . HOH D 3 .  ? -13.531 -8.998  13.231  1.00 39.74  ? 141 HOH A O    1 
HETATM 1176 O O    . HOH D 3 .  ? -0.203  3.836   -4.092  1.00 25.91  ? 142 HOH A O    1 
HETATM 1177 O O    . HOH D 3 .  ? -2.151  8.253   -2.582  1.00 25.62  ? 143 HOH A O    1 
HETATM 1178 O O    . HOH D 3 .  ? -5.504  8.440   -11.797 1.00 15.74  ? 144 HOH A O    1 
HETATM 1179 O O    . HOH D 3 .  ? -13.215 -7.734  -3.482  1.00 29.60  ? 145 HOH A O    1 
HETATM 1180 O O    . HOH D 3 .  ? -0.671  1.388   -17.804 1.00 37.70  ? 146 HOH A O    1 
HETATM 1181 O O    . HOH D 3 .  ? 2.215   -9.999  12.725  1.00 18.57  ? 147 HOH A O    1 
HETATM 1182 O O    . HOH D 3 .  ? -2.234  6.387   -14.924 1.00 18.56  ? 148 HOH A O    1 
HETATM 1183 O O    . HOH D 3 .  ? -1.411  -1.526  1.210   1.00 22.96  ? 149 HOH A O    1 
HETATM 1184 O O    . HOH D 3 .  ? -8.923  -13.083 8.701   1.00 34.20  ? 150 HOH A O    1 
HETATM 1185 O O    . HOH D 3 .  ? -10.342 8.468   9.139   1.00 36.66  ? 151 HOH A O    1 
HETATM 1186 O O    . HOH D 3 .  ? 0.341   -0.714  -15.199 1.00 38.03  ? 152 HOH A O    1 
HETATM 1187 O O    . HOH D 3 .  ? -19.270 0.788   -4.834  1.00 33.75  ? 153 HOH A O    1 
HETATM 1188 O O    . HOH D 3 .  ? -17.219 -13.014 8.776   1.00 30.73  ? 154 HOH A O    1 
HETATM 1189 O O    . HOH E 3 .  ? 15.244  4.215   8.914   1.00 29.06  ? 201 HOH C O    1 
HETATM 1190 O O    . HOH E 3 .  ? 1.458   0.211   -1.553  1.00 27.04  ? 202 HOH C O    1 
HETATM 1191 O O    . HOH E 3 .  ? 17.177  -4.161  -8.241  1.00 38.76  ? 203 HOH C O    1 
HETATM 1192 O O    . HOH E 3 .  ? 0.507   6.690   -15.245 1.00 35.20  ? 204 HOH C O    1 
HETATM 1193 O O    . HOH E 3 .  ? 5.413   8.415   -7.796  1.00 41.52  ? 205 HOH C O    1 
HETATM 1194 O O    . HOH E 3 .  ? 5.533   -3.814  13.815  1.00 22.19  ? 206 HOH C O    1 
HETATM 1195 O O    . HOH E 3 .  ? 16.282  7.833   4.873   1.00 13.69  ? 207 HOH C O    1 
HETATM 1196 O O    . HOH E 3 .  ? 16.739  -4.726  -1.139  1.00 26.16  ? 208 HOH C O    1 
HETATM 1197 O O    . HOH E 3 .  ? 11.244  6.143   -3.556  1.00 10.11  ? 209 HOH C O    1 
HETATM 1198 O O    . HOH E 3 .  ? 15.574  -7.671  6.683   1.00 40.40  ? 210 HOH C O    1 
HETATM 1199 O O    . HOH E 3 .  ? 17.794  -0.347  11.469  1.00 25.96  ? 211 HOH C O    1 
HETATM 1200 O O    . HOH E 3 .  ? 12.418  -11.717 13.019  1.00 29.11  ? 212 HOH C O    1 
HETATM 1201 O O    . HOH E 3 .  ? 2.943   10.877  -9.850  1.00 34.36  ? 213 HOH C O    1 
HETATM 1202 O O    . HOH E 3 .  ? 6.061   2.672   18.761  1.00 27.22  ? 214 HOH C O    1 
HETATM 1203 O O    . HOH E 3 .  ? 16.509  3.365   -11.985 1.00 15.02  ? 215 HOH C O    1 
HETATM 1204 O O    . HOH E 3 .  ? 3.357   4.790   10.283  1.00 24.58  ? 216 HOH C O    1 
HETATM 1205 O O    . HOH E 3 .  ? 2.829   -12.256 2.903   1.00 28.38  ? 217 HOH C O    1 
HETATM 1206 O O    . HOH E 3 .  ? 9.648   -10.643 5.568   1.00 16.82  ? 218 HOH C O    1 
HETATM 1207 O O    . HOH E 3 .  ? 17.524  -7.066  7.915   1.00 31.64  ? 219 HOH C O    1 
HETATM 1208 O O    . HOH E 3 .  ? 9.663   0.605   17.888  1.00 25.47  ? 220 HOH C O    1 
HETATM 1209 O O    . HOH E 3 .  ? 10.315  -9.383  -0.819  1.00 26.47  ? 221 HOH C O    1 
HETATM 1210 O O    . HOH E 3 .  ? 20.337  -0.254  4.343   1.00 25.57  ? 222 HOH C O    1 
HETATM 1211 O O    . HOH E 3 .  ? 15.508  3.836   6.223   1.00 10.78  ? 223 HOH C O    1 
HETATM 1212 O O    . HOH E 3 .  ? 4.836   -8.570  -5.008  1.00 25.11  ? 224 HOH C O    1 
HETATM 1213 O O    . HOH E 3 .  ? 12.995  11.995  0.525   1.00 25.85  ? 225 HOH C O    1 
HETATM 1214 O O    . HOH E 3 .  ? 10.972  -13.600 7.761   1.00 22.18  ? 226 HOH C O    1 
HETATM 1215 O O    . HOH E 3 .  ? 16.400  -0.049  -12.932 1.00 23.16  ? 227 HOH C O    1 
HETATM 1216 O O    . HOH E 3 .  ? -0.300  6.380   -4.907  1.00 21.41  ? 228 HOH C O    1 
HETATM 1217 O O    . HOH E 3 .  ? 2.836   3.146   5.878   1.00 12.18  ? 229 HOH C O    1 
HETATM 1218 O O    . HOH E 3 .  ? 9.860   1.952   -14.844 1.00 24.72  ? 230 HOH C O    1 
HETATM 1219 O O    . HOH E 3 .  ? 8.737   -15.664 7.825   1.00 24.58  ? 231 HOH C O    1 
HETATM 1220 O O    . HOH E 3 .  ? 16.256  6.031   12.306  1.00 32.01  ? 232 HOH C O    1 
HETATM 1221 O O    . HOH E 3 .  ? 1.745   1.521   9.096   1.00 20.60  ? 233 HOH C O    1 
HETATM 1222 O O    . HOH E 3 .  ? 4.581   7.603   2.371   1.00 34.98  ? 234 HOH C O    1 
HETATM 1223 O O    . HOH E 3 .  ? 17.136  -13.161 13.713  1.00 16.56  ? 235 HOH C O    1 
HETATM 1224 O O    . HOH E 3 .  ? 8.955   4.496   16.525  1.00 34.03  ? 236 HOH C O    1 
HETATM 1225 O O    . HOH E 3 .  ? -0.578  0.926   4.942   1.00 32.62  ? 237 HOH C O    1 
HETATM 1226 O O    . HOH E 3 .  ? 1.123   -9.923  3.516   1.00 30.08  ? 238 HOH C O    1 
HETATM 1227 O O    . HOH E 3 .  ? 0.003   -1.994  5.621   1.00 32.31  ? 239 HOH C O    1 
HETATM 1228 O O    . HOH E 3 .  ? 17.443  -4.350  5.155   1.00 32.67  ? 240 HOH C O    1 
HETATM 1229 O O    . HOH E 3 .  ? 18.470  -5.646  11.536  1.00 31.71  ? 241 HOH C O    1 
HETATM 1230 O O    . HOH E 3 .  ? -0.376  -1.434  -10.122 1.00 23.47  ? 242 HOH C O    1 
HETATM 1231 O O    . HOH E 3 .  ? 13.620  -6.791  1.210   1.00 22.82  ? 243 HOH C O    1 
HETATM 1232 O O    . HOH E 3 .  ? 11.237  -5.379  -5.443  1.00 23.57  ? 244 HOH C O    1 
HETATM 1233 O O    . HOH E 3 .  ? 5.193   -6.296  13.395  1.00 18.32  ? 245 HOH C O    1 
HETATM 1234 O O    . HOH E 3 .  ? 21.437  0.334   9.216   1.00 27.83  ? 246 HOH C O    1 
HETATM 1235 O O    . HOH E 3 .  ? 11.872  6.493   12.819  1.00 15.59  ? 247 HOH C O    1 
HETATM 1236 O O    . HOH E 3 .  ? 8.875   -7.416  -4.696  1.00 23.86  ? 248 HOH C O    1 
HETATM 1237 O O    . HOH E 3 .  ? 8.810   11.156  0.917   1.00 16.31  ? 249 HOH C O    1 
HETATM 1238 O O    . HOH E 3 .  ? 2.872   6.174   2.832   1.00 58.39  ? 250 HOH C O    1 
HETATM 1239 O O    . HOH E 3 .  ? 1.622   -2.791  -12.053 1.00 9.85   ? 251 HOH C O    1 
HETATM 1240 O O    . HOH E 3 .  ? 3.920   7.018   -0.010  1.00 23.74  ? 252 HOH C O    1 
HETATM 1241 O O    . HOH E 3 .  ? 14.347  -5.346  -4.667  1.00 30.38  ? 253 HOH C O    1 
HETATM 1242 O O    . HOH E 3 .  ? 13.397  9.143   -12.927 1.00 32.55  ? 254 HOH C O    1 
HETATM 1243 O O    . HOH E 3 .  ? -2.671  9.147   -11.065 1.00 20.66  ? 255 HOH C O    1 
HETATM 1244 O O    . HOH E 3 .  ? 13.785  3.206   10.883  1.00 26.50  ? 256 HOH C O    1 
HETATM 1245 O O    . HOH E 3 .  ? 2.690   -1.680  16.744  1.00 43.05  ? 257 HOH C O    1 
HETATM 1246 O O    . HOH E 3 .  ? 15.525  7.332   -15.908 1.00 47.85  ? 258 HOH C O    1 
HETATM 1247 O O    . HOH E 3 .  ? 0.800   -12.647 12.571  1.00 28.59  ? 259 HOH C O    1 
HETATM 1248 O O    . HOH E 3 .  ? 4.523   -11.796 -3.219  1.00 22.60  ? 260 HOH C O    1 
HETATM 1249 O O    . HOH E 3 .  ? 15.333  -4.857  1.231   1.00 36.29  ? 261 HOH C O    1 
HETATM 1250 O O    . HOH E 3 .  ? 8.335   -6.180  -12.760 1.00 27.73  ? 262 HOH C O    1 
HETATM 1251 O O    . HOH E 3 .  ? 0.151   7.616   -2.992  1.00 39.05  ? 263 HOH C O    1 
HETATM 1252 O O    . HOH E 3 .  ? 4.071   0.175   18.732  1.00 46.66  ? 264 HOH C O    1 
HETATM 1253 O O    . HOH E 3 .  ? 10.709  12.836  1.868   1.00 19.23  ? 265 HOH C O    1 
HETATM 1254 O O    . HOH E 3 .  ? 15.537  12.214  0.991   1.00 26.01  ? 266 HOH C O    1 
# 
